data_1WEU
#
_entry.id   1WEU
#
loop_
_entity.id
_entity.type
_entity.pdbx_description
1 polymer 'inhibitor of growth family, member 4'
2 non-polymer 'ZINC ION'
#
_entity_poly.entity_id   1
_entity_poly.type   'polypeptide(L)'
_entity_poly.pdbx_seq_one_letter_code
;GSSGSSGSPEYGMPSVTFGSVHPSDVLDMPVDPNEPTYCLCHQVSYGEMIGCDNPDCSIEWFHFACVGLTTKPRGKWFCP
RCSQESGPSSG
;
_entity_poly.pdbx_strand_id   A
#
# COMPACT_ATOMS: atom_id res chain seq x y z
N GLY A 1 -82.03 36.61 -0.70
CA GLY A 1 -80.72 36.02 -0.48
C GLY A 1 -79.97 36.70 0.65
N SER A 2 -78.67 36.41 0.75
CA SER A 2 -77.84 36.99 1.80
C SER A 2 -76.38 36.59 1.61
N SER A 3 -75.50 37.17 2.43
CA SER A 3 -74.07 36.88 2.35
C SER A 3 -73.32 37.59 3.47
N GLY A 4 -72.02 37.32 3.54
CA GLY A 4 -71.20 37.94 4.57
C GLY A 4 -69.71 37.76 4.32
N SER A 5 -68.90 38.08 5.32
CA SER A 5 -67.45 37.95 5.21
C SER A 5 -66.77 38.22 6.54
N SER A 6 -65.48 37.92 6.61
CA SER A 6 -64.71 38.12 7.83
C SER A 6 -63.22 37.87 7.59
N GLY A 7 -62.42 38.08 8.62
CA GLY A 7 -60.99 37.86 8.51
C GLY A 7 -60.29 37.84 9.85
N SER A 8 -58.97 37.63 9.83
CA SER A 8 -58.19 37.59 11.05
C SER A 8 -56.70 37.53 10.75
N PRO A 9 -55.91 38.33 11.48
CA PRO A 9 -54.46 38.39 11.30
C PRO A 9 -53.76 37.11 11.77
N GLU A 10 -52.44 37.14 11.76
CA GLU A 10 -51.66 35.97 12.19
C GLU A 10 -50.16 36.30 12.21
N TYR A 11 -49.43 35.68 13.12
CA TYR A 11 -48.00 35.89 13.25
C TYR A 11 -47.38 34.94 14.26
N GLY A 12 -46.06 34.97 14.38
CA GLY A 12 -45.37 34.11 15.31
C GLY A 12 -43.87 34.21 15.19
N MET A 13 -43.16 33.71 16.20
CA MET A 13 -41.70 33.75 16.21
C MET A 13 -41.14 32.80 17.25
N PRO A 14 -40.58 31.68 16.79
CA PRO A 14 -40.00 30.65 17.67
C PRO A 14 -38.70 31.13 18.33
N SER A 15 -38.05 30.22 19.05
CA SER A 15 -36.80 30.56 19.74
C SER A 15 -36.15 29.30 20.30
N VAL A 16 -34.89 29.07 19.91
CA VAL A 16 -34.15 27.91 20.37
C VAL A 16 -32.65 28.17 20.35
N THR A 17 -31.94 27.67 21.36
CA THR A 17 -30.50 27.85 21.45
C THR A 17 -29.86 26.75 22.30
N PHE A 18 -28.68 26.32 21.89
CA PHE A 18 -27.96 25.27 22.61
C PHE A 18 -26.55 25.09 22.06
N GLY A 19 -25.77 24.22 22.70
CA GLY A 19 -24.42 23.97 22.25
C GLY A 19 -23.59 23.21 23.27
N SER A 20 -22.71 22.34 22.79
CA SER A 20 -21.87 21.55 23.68
C SER A 20 -20.68 20.98 22.92
N VAL A 21 -19.60 20.69 23.66
CA VAL A 21 -18.39 20.13 23.06
C VAL A 21 -18.05 18.78 23.67
N HIS A 22 -17.44 17.91 22.86
CA HIS A 22 -17.05 16.59 23.33
C HIS A 22 -15.54 16.37 23.16
N PRO A 23 -14.92 15.75 24.16
CA PRO A 23 -13.48 15.46 24.15
C PRO A 23 -13.11 14.40 23.13
N SER A 24 -11.81 14.14 22.99
CA SER A 24 -11.32 13.15 22.04
C SER A 24 -10.66 11.98 22.78
N ASP A 25 -10.63 10.82 22.12
CA ASP A 25 -10.03 9.63 22.71
C ASP A 25 -9.68 8.61 21.63
N VAL A 26 -8.38 8.36 21.45
CA VAL A 26 -7.93 7.41 20.44
C VAL A 26 -7.85 6.00 21.02
N LEU A 27 -8.96 5.27 20.91
CA LEU A 27 -9.03 3.90 21.42
C LEU A 27 -7.83 3.08 20.94
N ASP A 28 -7.42 2.12 21.75
CA ASP A 28 -6.30 1.25 21.41
C ASP A 28 -6.66 0.29 20.28
N MET A 29 -6.41 0.70 19.05
CA MET A 29 -6.71 -0.14 17.89
C MET A 29 -5.77 0.18 16.73
N PRO A 30 -5.45 -0.85 15.94
CA PRO A 30 -4.56 -0.71 14.78
C PRO A 30 -5.19 0.08 13.65
N VAL A 31 -4.48 0.18 12.53
CA VAL A 31 -4.98 0.92 11.37
C VAL A 31 -6.25 0.28 10.82
N ASP A 32 -6.84 0.94 9.83
CA ASP A 32 -8.07 0.44 9.22
C ASP A 32 -7.96 0.46 7.70
N PRO A 33 -8.72 -0.42 7.04
CA PRO A 33 -8.73 -0.52 5.57
C PRO A 33 -9.41 0.67 4.92
N ASN A 34 -9.79 1.66 5.73
CA ASN A 34 -10.45 2.86 5.23
C ASN A 34 -9.42 3.82 4.62
N GLU A 35 -8.52 3.28 3.82
CA GLU A 35 -7.48 4.09 3.18
C GLU A 35 -7.83 4.35 1.72
N PRO A 36 -7.31 5.46 1.17
CA PRO A 36 -7.56 5.85 -0.22
C PRO A 36 -6.85 4.92 -1.20
N THR A 37 -7.36 4.88 -2.44
CA THR A 37 -6.78 4.04 -3.48
C THR A 37 -6.25 4.88 -4.63
N TYR A 38 -5.07 4.52 -5.13
CA TYR A 38 -4.45 5.23 -6.24
C TYR A 38 -4.31 4.33 -7.46
N CYS A 39 -3.52 3.27 -7.32
CA CYS A 39 -3.30 2.34 -8.42
C CYS A 39 -4.57 2.15 -9.23
N LEU A 40 -4.41 1.82 -10.51
CA LEU A 40 -5.55 1.61 -11.41
C LEU A 40 -6.52 0.60 -10.81
N CYS A 41 -5.98 -0.46 -10.22
CA CYS A 41 -6.81 -1.50 -9.62
C CYS A 41 -7.71 -0.90 -8.53
N HIS A 42 -7.46 0.34 -8.17
CA HIS A 42 -8.24 1.02 -7.14
C HIS A 42 -8.12 0.32 -5.80
N GLN A 43 -6.90 -0.08 -5.46
CA GLN A 43 -6.64 -0.77 -4.21
C GLN A 43 -5.78 0.09 -3.28
N VAL A 44 -5.89 -0.15 -1.98
CA VAL A 44 -5.11 0.59 -1.00
C VAL A 44 -3.64 0.68 -1.39
N SER A 45 -3.14 1.90 -1.51
CA SER A 45 -1.74 2.12 -1.89
C SER A 45 -0.81 1.74 -0.76
N TYR A 46 -0.22 0.54 -0.86
CA TYR A 46 0.70 0.06 0.16
C TYR A 46 2.14 0.44 -0.18
N GLY A 47 3.08 -0.09 0.60
CA GLY A 47 4.48 0.22 0.37
C GLY A 47 4.90 -0.03 -1.06
N GLU A 48 4.60 -1.22 -1.57
CA GLU A 48 4.96 -1.57 -2.94
C GLU A 48 4.45 -0.50 -3.92
N MET A 49 5.35 0.37 -4.34
CA MET A 49 5.01 1.44 -5.28
C MET A 49 6.24 1.94 -6.01
N ILE A 50 6.02 2.57 -7.16
CA ILE A 50 7.13 3.11 -7.96
C ILE A 50 6.87 4.57 -8.33
N GLY A 51 5.61 4.89 -8.58
CA GLY A 51 5.26 6.25 -8.95
C GLY A 51 5.71 6.62 -10.35
N CYS A 52 4.77 7.10 -11.16
CA CYS A 52 5.07 7.47 -12.53
C CYS A 52 5.98 8.70 -12.58
N ASP A 53 7.08 8.59 -13.30
CA ASP A 53 8.04 9.70 -13.42
C ASP A 53 7.36 10.94 -13.98
N ASN A 54 6.33 10.73 -14.79
CA ASN A 54 5.60 11.85 -15.38
C ASN A 54 4.88 12.67 -14.31
N PRO A 55 5.23 13.95 -14.20
CA PRO A 55 4.64 14.86 -13.22
C PRO A 55 3.18 15.19 -13.54
N ASP A 56 2.82 15.05 -14.82
CA ASP A 56 1.45 15.33 -15.26
C ASP A 56 0.51 14.22 -14.82
N CYS A 57 0.99 12.98 -14.86
CA CYS A 57 0.18 11.83 -14.47
C CYS A 57 -0.52 12.09 -13.14
N SER A 58 -1.85 12.00 -13.16
CA SER A 58 -2.64 12.23 -11.97
C SER A 58 -2.42 11.12 -10.95
N ILE A 59 -2.47 9.87 -11.42
CA ILE A 59 -2.28 8.71 -10.55
C ILE A 59 -0.83 8.63 -10.09
N GLU A 60 0.09 8.56 -11.04
CA GLU A 60 1.51 8.47 -10.72
C GLU A 60 1.74 7.63 -9.48
N TRP A 61 0.99 6.54 -9.36
CA TRP A 61 1.11 5.65 -8.22
C TRP A 61 0.45 4.30 -8.50
N PHE A 62 1.26 3.24 -8.49
CA PHE A 62 0.75 1.90 -8.75
C PHE A 62 1.56 0.85 -7.99
N HIS A 63 1.16 -0.40 -8.11
CA HIS A 63 1.85 -1.50 -7.43
C HIS A 63 2.79 -2.23 -8.39
N PHE A 64 3.41 -3.30 -7.90
CA PHE A 64 4.34 -4.08 -8.71
C PHE A 64 3.62 -5.26 -9.35
N ALA A 65 2.69 -5.85 -8.62
CA ALA A 65 1.93 -7.00 -9.11
C ALA A 65 0.82 -6.55 -10.07
N CYS A 66 0.90 -5.30 -10.51
CA CYS A 66 -0.10 -4.76 -11.41
C CYS A 66 0.54 -4.28 -12.71
N VAL A 67 1.84 -4.00 -12.65
CA VAL A 67 2.57 -3.53 -13.83
C VAL A 67 3.91 -4.27 -13.97
N GLY A 68 4.01 -5.41 -13.28
CA GLY A 68 5.23 -6.20 -13.36
C GLY A 68 6.46 -5.39 -13.00
N LEU A 69 6.70 -5.20 -11.71
CA LEU A 69 7.85 -4.44 -11.25
C LEU A 69 8.56 -5.16 -10.10
N THR A 70 9.33 -6.18 -10.43
CA THR A 70 10.06 -6.96 -9.44
C THR A 70 10.41 -6.10 -8.22
N THR A 71 11.04 -4.96 -8.47
CA THR A 71 11.43 -4.05 -7.40
C THR A 71 11.23 -2.59 -7.82
N LYS A 72 11.50 -1.67 -6.90
CA LYS A 72 11.34 -0.25 -7.16
C LYS A 72 12.56 0.30 -7.93
N PRO A 73 12.33 0.70 -9.19
CA PRO A 73 13.39 1.24 -10.04
C PRO A 73 13.85 2.62 -9.58
N ARG A 74 13.01 3.29 -8.79
CA ARG A 74 13.34 4.62 -8.28
C ARG A 74 14.18 5.39 -9.29
N GLY A 75 13.83 5.27 -10.56
CA GLY A 75 14.57 5.97 -11.60
C GLY A 75 13.66 6.62 -12.63
N LYS A 76 13.58 6.01 -13.81
CA LYS A 76 12.73 6.55 -14.87
C LYS A 76 11.72 5.50 -15.33
N TRP A 77 10.73 5.23 -14.48
CA TRP A 77 9.69 4.25 -14.80
C TRP A 77 8.37 4.95 -15.11
N PHE A 78 7.90 4.78 -16.34
CA PHE A 78 6.64 5.40 -16.77
C PHE A 78 5.52 4.36 -16.82
N CYS A 79 4.37 4.72 -16.26
CA CYS A 79 3.22 3.82 -16.24
C CYS A 79 2.88 3.33 -17.65
N PRO A 80 2.25 2.15 -17.72
CA PRO A 80 1.86 1.54 -18.99
C PRO A 80 0.73 2.30 -19.68
N ARG A 81 0.36 3.44 -19.11
CA ARG A 81 -0.70 4.26 -19.66
C ARG A 81 -0.15 5.54 -20.29
N CYS A 82 1.04 5.92 -19.87
CA CYS A 82 1.69 7.12 -20.40
C CYS A 82 2.63 6.76 -21.55
N SER A 83 3.44 5.72 -21.35
CA SER A 83 4.39 5.29 -22.36
C SER A 83 3.72 5.22 -23.74
N GLN A 84 2.69 4.40 -23.85
CA GLN A 84 1.96 4.24 -25.11
C GLN A 84 2.91 4.40 -26.30
N GLU A 85 4.09 3.81 -26.20
CA GLU A 85 5.08 3.89 -27.27
C GLU A 85 4.63 3.07 -28.48
N SER A 86 5.21 3.38 -29.64
CA SER A 86 4.87 2.69 -30.87
C SER A 86 6.11 2.10 -31.52
N GLY A 87 6.05 0.82 -31.86
CA GLY A 87 7.17 0.15 -32.49
C GLY A 87 6.79 -1.20 -33.07
N PRO A 88 7.81 -2.00 -33.42
CA PRO A 88 7.61 -3.32 -34.01
C PRO A 88 7.04 -4.32 -33.00
N SER A 89 7.68 -4.39 -31.83
CA SER A 89 7.24 -5.31 -30.78
C SER A 89 6.44 -4.58 -29.72
N SER A 90 5.18 -4.96 -29.55
CA SER A 90 4.32 -4.34 -28.56
C SER A 90 4.54 -4.93 -27.17
N GLY A 91 4.46 -4.10 -26.14
CA GLY A 91 4.66 -4.56 -24.79
C GLY A 91 5.49 -3.61 -23.95
N GLY A 1 14.74 51.54 58.43
CA GLY A 1 14.57 50.12 58.69
C GLY A 1 14.96 49.27 57.50
N SER A 2 14.70 47.97 57.61
CA SER A 2 15.04 47.05 56.53
C SER A 2 14.51 45.64 56.84
N SER A 3 14.69 44.74 55.89
CA SER A 3 14.21 43.36 56.05
C SER A 3 14.69 42.49 54.90
N GLY A 4 14.36 41.20 54.96
CA GLY A 4 14.76 40.27 53.92
C GLY A 4 14.23 38.87 54.14
N SER A 5 14.52 37.98 53.21
CA SER A 5 14.06 36.60 53.32
C SER A 5 14.65 35.74 52.19
N SER A 6 14.36 34.45 52.23
CA SER A 6 14.86 33.52 51.22
C SER A 6 14.28 32.12 51.43
N GLY A 7 14.61 31.22 50.50
CA GLY A 7 14.11 29.85 50.61
C GLY A 7 14.46 29.02 49.39
N SER A 8 14.29 27.71 49.51
CA SER A 8 14.60 26.79 48.41
C SER A 8 14.09 25.39 48.72
N PRO A 9 13.20 24.89 47.85
CA PRO A 9 12.61 23.55 48.00
C PRO A 9 13.62 22.45 47.74
N GLU A 10 13.15 21.20 47.74
CA GLU A 10 14.01 20.05 47.50
C GLU A 10 13.18 18.81 47.21
N TYR A 11 13.78 17.87 46.48
CA TYR A 11 13.10 16.63 46.12
C TYR A 11 14.10 15.60 45.59
N GLY A 12 13.59 14.41 45.27
CA GLY A 12 14.45 13.36 44.75
C GLY A 12 13.72 12.43 43.81
N MET A 13 14.32 11.27 43.53
CA MET A 13 13.71 10.29 42.63
C MET A 13 14.54 9.02 42.59
N PRO A 14 13.86 7.87 42.69
CA PRO A 14 14.51 6.55 42.66
C PRO A 14 15.08 6.22 41.29
N SER A 15 15.61 5.00 41.15
CA SER A 15 16.18 4.56 39.88
C SER A 15 16.17 3.04 39.79
N VAL A 16 15.60 2.52 38.71
CA VAL A 16 15.52 1.08 38.49
C VAL A 16 16.06 0.70 37.12
N THR A 17 16.82 -0.39 37.07
CA THR A 17 17.40 -0.87 35.82
C THR A 17 17.17 -2.36 35.64
N PHE A 18 16.61 -2.74 34.49
CA PHE A 18 16.34 -4.13 34.19
C PHE A 18 16.03 -4.33 32.71
N GLY A 19 15.82 -5.58 32.31
CA GLY A 19 15.52 -5.87 30.92
C GLY A 19 15.61 -7.35 30.61
N SER A 20 14.48 -7.98 30.32
CA SER A 20 14.45 -9.40 30.00
C SER A 20 13.31 -9.71 29.03
N VAL A 21 13.50 -10.76 28.24
CA VAL A 21 12.50 -11.17 27.26
C VAL A 21 11.10 -11.18 27.88
N HIS A 22 10.26 -10.28 27.40
CA HIS A 22 8.89 -10.19 27.91
C HIS A 22 7.88 -10.60 26.83
N PRO A 23 6.73 -11.13 27.28
CA PRO A 23 5.66 -11.58 26.36
C PRO A 23 4.98 -10.42 25.67
N SER A 24 4.25 -10.72 24.59
CA SER A 24 3.54 -9.70 23.83
C SER A 24 2.33 -10.29 23.11
N ASP A 25 1.16 -9.70 23.34
CA ASP A 25 -0.06 -10.17 22.71
C ASP A 25 -1.10 -9.05 22.65
N VAL A 26 -1.34 -8.54 21.44
CA VAL A 26 -2.31 -7.47 21.23
C VAL A 26 -3.03 -7.63 19.90
N LEU A 27 -4.36 -7.59 19.96
CA LEU A 27 -5.18 -7.73 18.77
C LEU A 27 -4.99 -6.54 17.83
N ASP A 28 -4.88 -6.83 16.54
CA ASP A 28 -4.70 -5.78 15.54
C ASP A 28 -5.71 -5.93 14.40
N MET A 29 -6.73 -5.09 14.41
CA MET A 29 -7.77 -5.14 13.38
C MET A 29 -7.15 -5.13 11.99
N PRO A 30 -7.77 -5.86 11.05
CA PRO A 30 -7.30 -5.96 9.67
C PRO A 30 -7.47 -4.64 8.91
N VAL A 31 -7.00 -4.62 7.66
CA VAL A 31 -7.10 -3.43 6.83
C VAL A 31 -8.46 -3.38 6.12
N ASP A 32 -8.93 -2.16 5.85
CA ASP A 32 -10.21 -1.98 5.17
C ASP A 32 -10.03 -1.13 3.92
N PRO A 33 -10.96 -1.30 2.96
CA PRO A 33 -10.94 -0.55 1.69
C PRO A 33 -11.25 0.92 1.89
N ASN A 34 -11.46 1.33 3.14
CA ASN A 34 -11.78 2.71 3.45
C ASN A 34 -10.68 3.65 2.96
N GLU A 35 -9.43 3.30 3.28
CA GLU A 35 -8.29 4.10 2.87
C GLU A 35 -8.37 4.46 1.39
N PRO A 36 -7.70 5.56 1.02
CA PRO A 36 -7.69 6.04 -0.37
C PRO A 36 -6.89 5.13 -1.30
N THR A 37 -7.32 5.04 -2.55
CA THR A 37 -6.65 4.20 -3.52
C THR A 37 -6.13 5.02 -4.70
N TYR A 38 -4.97 4.66 -5.21
CA TYR A 38 -4.36 5.36 -6.34
C TYR A 38 -4.22 4.44 -7.55
N CYS A 39 -3.47 3.36 -7.36
CA CYS A 39 -3.25 2.39 -8.44
C CYS A 39 -4.52 2.17 -9.24
N LEU A 40 -4.36 1.70 -10.47
CA LEU A 40 -5.49 1.45 -11.35
C LEU A 40 -6.47 0.48 -10.70
N CYS A 41 -5.94 -0.59 -10.10
CA CYS A 41 -6.76 -1.59 -9.44
C CYS A 41 -7.60 -0.96 -8.34
N HIS A 42 -7.29 0.28 -8.00
CA HIS A 42 -8.02 1.00 -6.96
C HIS A 42 -7.85 0.30 -5.60
N GLN A 43 -6.60 0.09 -5.20
CA GLN A 43 -6.31 -0.57 -3.94
C GLN A 43 -5.57 0.37 -3.00
N VAL A 44 -5.60 0.06 -1.71
CA VAL A 44 -4.93 0.88 -0.70
C VAL A 44 -3.41 0.77 -0.83
N SER A 45 -2.74 1.91 -0.79
CA SER A 45 -1.29 1.95 -0.90
C SER A 45 -0.63 1.41 0.36
N TYR A 46 0.23 0.41 0.19
CA TYR A 46 0.92 -0.20 1.32
C TYR A 46 2.41 0.16 1.30
N GLY A 47 3.11 -0.34 0.30
CA GLY A 47 4.54 -0.06 0.18
C GLY A 47 5.05 -0.26 -1.23
N GLU A 48 4.65 -1.36 -1.85
CA GLU A 48 5.08 -1.67 -3.22
C GLU A 48 4.56 -0.62 -4.20
N MET A 49 5.39 0.38 -4.48
CA MET A 49 5.01 1.44 -5.41
C MET A 49 6.24 2.04 -6.08
N ILE A 50 6.07 2.53 -7.31
CA ILE A 50 7.16 3.11 -8.06
C ILE A 50 6.85 4.57 -8.42
N GLY A 51 5.57 4.88 -8.56
CA GLY A 51 5.16 6.22 -8.90
C GLY A 51 5.62 6.63 -10.30
N CYS A 52 4.68 7.08 -11.12
CA CYS A 52 5.00 7.49 -12.47
C CYS A 52 5.90 8.72 -12.48
N ASP A 53 7.00 8.64 -13.22
CA ASP A 53 7.95 9.74 -13.31
C ASP A 53 7.28 10.99 -13.87
N ASN A 54 6.21 10.79 -14.62
CA ASN A 54 5.48 11.91 -15.22
C ASN A 54 4.71 12.68 -14.16
N PRO A 55 5.03 13.98 -14.03
CA PRO A 55 4.39 14.86 -13.05
C PRO A 55 2.94 15.17 -13.42
N ASP A 56 2.63 15.09 -14.71
CA ASP A 56 1.28 15.36 -15.19
C ASP A 56 0.35 14.20 -14.83
N CYS A 57 0.87 12.98 -14.89
CA CYS A 57 0.07 11.81 -14.58
C CYS A 57 -0.76 12.02 -13.32
N SER A 58 -2.08 11.91 -13.45
CA SER A 58 -2.98 12.10 -12.33
C SER A 58 -2.72 11.06 -11.25
N ILE A 59 -2.67 9.79 -11.65
CA ILE A 59 -2.44 8.70 -10.71
C ILE A 59 -1.00 8.72 -10.20
N GLU A 60 -0.05 8.50 -11.10
CA GLU A 60 1.36 8.49 -10.73
C GLU A 60 1.60 7.66 -9.48
N TRP A 61 0.88 6.54 -9.37
CA TRP A 61 1.02 5.65 -8.23
C TRP A 61 0.40 4.28 -8.52
N PHE A 62 1.23 3.25 -8.47
CA PHE A 62 0.76 1.89 -8.74
C PHE A 62 1.57 0.87 -7.93
N HIS A 63 1.30 -0.41 -8.17
CA HIS A 63 2.00 -1.48 -7.46
C HIS A 63 2.91 -2.24 -8.42
N PHE A 64 3.56 -3.29 -7.91
CA PHE A 64 4.45 -4.10 -8.71
C PHE A 64 3.72 -5.33 -9.28
N ALA A 65 2.83 -5.90 -8.47
CA ALA A 65 2.07 -7.07 -8.89
C ALA A 65 0.88 -6.66 -9.75
N CYS A 66 0.92 -5.45 -10.28
CA CYS A 66 -0.15 -4.93 -11.12
C CYS A 66 0.36 -4.60 -12.52
N VAL A 67 1.65 -4.23 -12.60
CA VAL A 67 2.25 -3.87 -13.87
C VAL A 67 3.46 -4.77 -14.16
N GLY A 68 4.19 -5.13 -13.10
CA GLY A 68 5.35 -5.98 -13.26
C GLY A 68 6.63 -5.28 -12.86
N LEU A 69 6.78 -5.02 -11.55
CA LEU A 69 7.96 -4.36 -11.03
C LEU A 69 8.48 -5.06 -9.78
N THR A 70 8.90 -6.31 -9.94
CA THR A 70 9.41 -7.11 -8.83
C THR A 70 10.07 -6.21 -7.79
N THR A 71 10.80 -5.20 -8.26
CA THR A 71 11.48 -4.27 -7.37
C THR A 71 11.29 -2.83 -7.81
N LYS A 72 11.34 -1.90 -6.87
CA LYS A 72 11.18 -0.49 -7.16
C LYS A 72 12.35 0.05 -7.97
N PRO A 73 12.06 0.56 -9.17
CA PRO A 73 13.09 1.11 -10.07
C PRO A 73 13.67 2.42 -9.54
N ARG A 74 12.89 3.12 -8.73
CA ARG A 74 13.33 4.39 -8.16
C ARG A 74 14.21 5.16 -9.14
N GLY A 75 13.82 5.13 -10.43
CA GLY A 75 14.59 5.82 -11.45
C GLY A 75 13.70 6.52 -12.45
N LYS A 76 13.48 5.88 -13.59
CA LYS A 76 12.65 6.44 -14.64
C LYS A 76 11.62 5.43 -15.13
N TRP A 77 10.58 5.22 -14.33
CA TRP A 77 9.52 4.28 -14.68
C TRP A 77 8.24 5.01 -15.07
N PHE A 78 7.81 4.83 -16.32
CA PHE A 78 6.59 5.47 -16.80
C PHE A 78 5.46 4.47 -16.93
N CYS A 79 4.34 4.78 -16.27
CA CYS A 79 3.17 3.90 -16.30
C CYS A 79 2.87 3.44 -17.73
N PRO A 80 2.22 2.27 -17.84
CA PRO A 80 1.85 1.70 -19.14
C PRO A 80 0.77 2.49 -19.85
N ARG A 81 0.40 3.62 -19.27
CA ARG A 81 -0.63 4.48 -19.84
C ARG A 81 -0.02 5.74 -20.45
N CYS A 82 1.18 6.09 -19.99
CA CYS A 82 1.87 7.27 -20.48
C CYS A 82 2.88 6.91 -21.57
N SER A 83 3.70 5.89 -21.29
CA SER A 83 4.70 5.44 -22.24
C SER A 83 4.19 5.57 -23.68
N GLN A 84 2.94 5.18 -23.89
CA GLN A 84 2.33 5.25 -25.22
C GLN A 84 1.64 6.60 -25.43
N GLU A 85 2.44 7.65 -25.55
CA GLU A 85 1.90 9.00 -25.74
C GLU A 85 1.94 9.38 -27.23
N SER A 86 0.78 9.44 -27.86
CA SER A 86 0.69 9.80 -29.26
C SER A 86 1.60 10.97 -29.59
N GLY A 87 2.03 11.06 -30.85
CA GLY A 87 2.90 12.14 -31.26
C GLY A 87 4.18 11.63 -31.90
N PRO A 88 5.15 12.54 -32.10
CA PRO A 88 6.44 12.21 -32.71
C PRO A 88 7.30 11.34 -31.79
N SER A 89 7.26 10.03 -32.01
CA SER A 89 8.04 9.11 -31.20
C SER A 89 9.25 8.59 -31.97
N SER A 90 10.30 8.23 -31.25
CA SER A 90 11.53 7.73 -31.87
C SER A 90 11.51 6.20 -31.91
N GLY A 91 11.25 5.65 -33.10
CA GLY A 91 11.22 4.22 -33.27
C GLY A 91 10.08 3.76 -34.15
N GLY A 1 14.04 -95.91 14.46
CA GLY A 1 14.27 -94.61 13.85
C GLY A 1 14.36 -93.50 14.88
N SER A 2 14.34 -92.27 14.40
CA SER A 2 14.43 -91.10 15.28
C SER A 2 14.16 -89.81 14.52
N SER A 3 13.81 -88.76 15.25
CA SER A 3 13.53 -87.47 14.64
C SER A 3 13.45 -86.37 15.70
N GLY A 4 13.74 -85.14 15.28
CA GLY A 4 13.70 -84.02 16.21
C GLY A 4 13.13 -82.77 15.58
N SER A 5 13.26 -81.64 16.27
CA SER A 5 12.75 -80.37 15.77
C SER A 5 13.32 -79.20 16.58
N SER A 6 12.96 -77.98 16.18
CA SER A 6 13.43 -76.78 16.86
C SER A 6 12.69 -75.55 16.36
N GLY A 7 13.03 -74.39 16.92
CA GLY A 7 12.39 -73.16 16.53
C GLY A 7 12.82 -71.99 17.37
N SER A 8 12.47 -70.77 16.94
CA SER A 8 12.83 -69.56 17.66
C SER A 8 11.96 -68.39 17.24
N PRO A 9 11.19 -67.83 18.20
CA PRO A 9 10.30 -66.70 17.94
C PRO A 9 11.07 -65.41 17.67
N GLU A 10 10.34 -64.30 17.64
CA GLU A 10 10.95 -63.00 17.39
C GLU A 10 10.21 -61.89 18.12
N TYR A 11 10.65 -60.65 17.93
CA TYR A 11 10.02 -59.51 18.58
C TYR A 11 9.84 -58.36 17.59
N GLY A 12 8.99 -57.40 17.96
CA GLY A 12 8.74 -56.26 17.10
C GLY A 12 9.48 -55.02 17.55
N MET A 13 9.16 -54.55 18.75
CA MET A 13 9.80 -53.36 19.30
C MET A 13 9.47 -52.13 18.44
N PRO A 14 8.17 -51.88 18.25
CA PRO A 14 7.70 -50.73 17.47
C PRO A 14 7.96 -49.40 18.17
N SER A 15 7.30 -48.35 17.69
CA SER A 15 7.46 -47.02 18.27
C SER A 15 6.11 -46.33 18.43
N VAL A 16 6.08 -45.29 19.25
CA VAL A 16 4.85 -44.54 19.49
C VAL A 16 5.12 -43.03 19.49
N THR A 17 4.11 -42.26 19.08
CA THR A 17 4.24 -40.81 19.04
C THR A 17 2.95 -40.13 19.49
N PHE A 18 3.00 -38.81 19.61
CA PHE A 18 1.84 -38.04 20.05
C PHE A 18 2.08 -36.54 19.87
N GLY A 19 1.01 -35.76 19.99
CA GLY A 19 1.13 -34.33 19.84
C GLY A 19 -0.19 -33.61 20.07
N SER A 20 -0.15 -32.28 20.12
CA SER A 20 -1.34 -31.47 20.35
C SER A 20 -1.04 -29.99 20.17
N VAL A 21 -1.87 -29.32 19.38
CA VAL A 21 -1.70 -27.89 19.13
C VAL A 21 -2.86 -27.09 19.70
N HIS A 22 -2.70 -25.76 19.72
CA HIS A 22 -3.74 -24.88 20.24
C HIS A 22 -4.07 -23.78 19.24
N PRO A 23 -5.34 -23.35 19.23
CA PRO A 23 -5.81 -22.30 18.33
C PRO A 23 -5.25 -20.92 18.69
N SER A 24 -5.50 -19.94 17.83
CA SER A 24 -5.01 -18.58 18.06
C SER A 24 -6.14 -17.68 18.55
N ASP A 25 -6.05 -17.24 19.79
CA ASP A 25 -7.05 -16.36 20.38
C ASP A 25 -6.72 -14.89 20.12
N VAL A 26 -7.15 -14.38 18.97
CA VAL A 26 -6.89 -12.99 18.61
C VAL A 26 -7.72 -12.58 17.39
N LEU A 27 -8.32 -11.40 17.46
CA LEU A 27 -9.13 -10.89 16.37
C LEU A 27 -8.28 -10.59 15.14
N ASP A 28 -8.77 -10.95 13.97
CA ASP A 28 -8.05 -10.71 12.72
C ASP A 28 -8.60 -9.49 12.00
N MET A 29 -7.91 -8.36 12.14
CA MET A 29 -8.34 -7.12 11.50
C MET A 29 -7.40 -6.75 10.36
N PRO A 30 -7.65 -7.34 9.18
CA PRO A 30 -6.84 -7.09 7.98
C PRO A 30 -7.03 -5.68 7.44
N VAL A 31 -6.37 -5.38 6.32
CA VAL A 31 -6.48 -4.08 5.69
C VAL A 31 -7.93 -3.76 5.31
N ASP A 32 -8.22 -2.48 5.09
CA ASP A 32 -9.55 -2.05 4.71
C ASP A 32 -9.50 -1.01 3.60
N PRO A 33 -10.59 -0.92 2.83
CA PRO A 33 -10.70 0.03 1.71
C PRO A 33 -10.80 1.47 2.20
N ASN A 34 -10.73 1.66 3.51
CA ASN A 34 -10.81 2.99 4.10
C ASN A 34 -9.77 3.92 3.49
N GLU A 35 -8.50 3.51 3.55
CA GLU A 35 -7.41 4.31 3.00
C GLU A 35 -7.67 4.65 1.54
N PRO A 36 -7.04 5.75 1.07
CA PRO A 36 -7.20 6.21 -0.31
C PRO A 36 -6.52 5.28 -1.31
N THR A 37 -7.14 5.12 -2.48
CA THR A 37 -6.60 4.25 -3.52
C THR A 37 -6.08 5.08 -4.70
N TYR A 38 -4.89 4.71 -5.19
CA TYR A 38 -4.28 5.41 -6.30
C TYR A 38 -4.16 4.49 -7.52
N CYS A 39 -3.42 3.41 -7.36
CA CYS A 39 -3.22 2.44 -8.43
C CYS A 39 -4.49 2.28 -9.26
N LEU A 40 -4.33 1.86 -10.51
CA LEU A 40 -5.47 1.66 -11.40
C LEU A 40 -6.49 0.71 -10.78
N CYS A 41 -6.00 -0.41 -10.25
CA CYS A 41 -6.85 -1.40 -9.64
C CYS A 41 -7.74 -0.77 -8.57
N HIS A 42 -7.36 0.43 -8.13
CA HIS A 42 -8.12 1.15 -7.11
C HIS A 42 -8.00 0.45 -5.76
N GLN A 43 -6.77 0.13 -5.36
CA GLN A 43 -6.53 -0.54 -4.09
C GLN A 43 -5.82 0.40 -3.11
N VAL A 44 -5.84 0.03 -1.84
CA VAL A 44 -5.19 0.83 -0.80
C VAL A 44 -3.68 0.66 -0.83
N SER A 45 -2.97 1.75 -1.07
CA SER A 45 -1.51 1.72 -1.13
C SER A 45 -0.93 1.14 0.15
N TYR A 46 -0.03 0.17 0.00
CA TYR A 46 0.60 -0.48 1.14
C TYR A 46 2.08 -0.13 1.22
N GLY A 47 2.81 -0.45 0.15
CA GLY A 47 4.24 -0.15 0.12
C GLY A 47 4.83 -0.33 -1.26
N GLU A 48 4.52 -1.46 -1.89
CA GLU A 48 5.02 -1.74 -3.23
C GLU A 48 4.53 -0.71 -4.24
N MET A 49 5.31 0.35 -4.43
CA MET A 49 4.94 1.41 -5.36
C MET A 49 6.18 1.99 -6.03
N ILE A 50 5.99 2.57 -7.21
CA ILE A 50 7.10 3.17 -7.95
C ILE A 50 6.82 4.64 -8.26
N GLY A 51 5.54 4.98 -8.44
CA GLY A 51 5.18 6.34 -8.73
C GLY A 51 5.67 6.80 -10.09
N CYS A 52 4.74 6.90 -11.05
CA CYS A 52 5.09 7.32 -12.40
C CYS A 52 6.09 8.48 -12.37
N ASP A 53 7.13 8.37 -13.19
CA ASP A 53 8.15 9.41 -13.26
C ASP A 53 7.57 10.71 -13.80
N ASN A 54 6.50 10.59 -14.58
CA ASN A 54 5.84 11.76 -15.17
C ASN A 54 5.10 12.55 -14.11
N PRO A 55 5.47 13.83 -13.93
CA PRO A 55 4.84 14.71 -12.95
C PRO A 55 3.42 15.10 -13.34
N ASP A 56 3.11 14.94 -14.63
CA ASP A 56 1.78 15.26 -15.13
C ASP A 56 0.78 14.17 -14.76
N CYS A 57 1.21 12.92 -14.84
CA CYS A 57 0.35 11.80 -14.52
C CYS A 57 -0.46 12.06 -13.24
N SER A 58 -1.78 12.02 -13.36
CA SER A 58 -2.66 12.26 -12.23
C SER A 58 -2.45 11.21 -11.14
N ILE A 59 -2.49 9.94 -11.55
CA ILE A 59 -2.31 8.84 -10.62
C ILE A 59 -0.87 8.76 -10.12
N GLU A 60 0.06 8.63 -11.05
CA GLU A 60 1.49 8.55 -10.71
C GLU A 60 1.69 7.69 -9.47
N TRP A 61 0.96 6.58 -9.40
CA TRP A 61 1.07 5.67 -8.26
C TRP A 61 0.44 4.32 -8.59
N PHE A 62 1.24 3.27 -8.52
CA PHE A 62 0.76 1.92 -8.82
C PHE A 62 1.55 0.88 -8.02
N HIS A 63 1.28 -0.39 -8.28
CA HIS A 63 1.95 -1.48 -7.59
C HIS A 63 2.79 -2.30 -8.57
N PHE A 64 3.62 -3.19 -8.02
CA PHE A 64 4.47 -4.04 -8.85
C PHE A 64 3.70 -5.23 -9.41
N ALA A 65 2.83 -5.81 -8.58
CA ALA A 65 2.03 -6.94 -8.98
C ALA A 65 0.86 -6.51 -9.85
N CYS A 66 0.90 -5.27 -10.32
CA CYS A 66 -0.15 -4.73 -11.17
C CYS A 66 0.39 -4.37 -12.55
N VAL A 67 1.71 -4.26 -12.66
CA VAL A 67 2.36 -3.92 -13.92
C VAL A 67 3.56 -4.83 -14.18
N GLY A 68 4.22 -5.25 -13.12
CA GLY A 68 5.38 -6.11 -13.26
C GLY A 68 6.67 -5.41 -12.93
N LEU A 69 6.89 -5.13 -11.65
CA LEU A 69 8.09 -4.46 -11.20
C LEU A 69 8.68 -5.14 -9.96
N THR A 70 9.32 -6.29 -10.18
CA THR A 70 9.92 -7.05 -9.09
C THR A 70 10.33 -6.13 -7.95
N THR A 71 10.94 -5.00 -8.29
CA THR A 71 11.38 -4.03 -7.29
C THR A 71 11.19 -2.60 -7.78
N LYS A 72 11.22 -1.65 -6.86
CA LYS A 72 11.05 -0.24 -7.19
C LYS A 72 12.23 0.26 -8.01
N PRO A 73 11.94 0.72 -9.24
CA PRO A 73 12.97 1.24 -10.15
C PRO A 73 13.54 2.57 -9.68
N ARG A 74 12.76 3.30 -8.90
CA ARG A 74 13.20 4.59 -8.37
C ARG A 74 14.12 5.30 -9.36
N GLY A 75 13.77 5.21 -10.64
CA GLY A 75 14.57 5.85 -11.67
C GLY A 75 13.72 6.54 -12.73
N LYS A 76 13.53 5.87 -13.86
CA LYS A 76 12.74 6.43 -14.94
C LYS A 76 11.67 5.43 -15.40
N TRP A 77 10.76 5.09 -14.49
CA TRP A 77 9.69 4.14 -14.81
C TRP A 77 8.40 4.88 -15.14
N PHE A 78 7.90 4.67 -16.35
CA PHE A 78 6.67 5.32 -16.79
C PHE A 78 5.52 4.31 -16.88
N CYS A 79 4.39 4.66 -16.28
CA CYS A 79 3.22 3.79 -16.29
C CYS A 79 2.88 3.34 -17.71
N PRO A 80 2.23 2.17 -17.83
CA PRO A 80 1.83 1.61 -19.12
C PRO A 80 0.73 2.41 -19.79
N ARG A 81 0.34 3.53 -19.16
CA ARG A 81 -0.70 4.39 -19.70
C ARG A 81 -0.11 5.64 -20.33
N CYS A 82 1.10 5.98 -19.91
CA CYS A 82 1.78 7.16 -20.43
C CYS A 82 2.70 6.80 -21.60
N SER A 83 3.50 5.76 -21.41
CA SER A 83 4.42 5.32 -22.45
C SER A 83 3.70 5.16 -23.78
N GLN A 84 2.49 4.62 -23.75
CA GLN A 84 1.70 4.41 -24.95
C GLN A 84 1.82 5.62 -25.88
N GLU A 85 1.75 6.82 -25.31
CA GLU A 85 1.85 8.03 -26.10
C GLU A 85 2.95 7.92 -27.15
N SER A 86 4.10 7.38 -26.74
CA SER A 86 5.23 7.23 -27.64
C SER A 86 4.93 6.17 -28.70
N GLY A 87 5.63 6.25 -29.84
CA GLY A 87 5.43 5.31 -30.91
C GLY A 87 6.13 3.99 -30.66
N PRO A 88 5.36 2.89 -30.67
CA PRO A 88 5.89 1.55 -30.43
C PRO A 88 6.76 1.06 -31.59
N SER A 89 7.41 -0.08 -31.40
CA SER A 89 8.28 -0.66 -32.43
C SER A 89 7.44 -1.28 -33.54
N SER A 90 8.13 -1.75 -34.59
CA SER A 90 7.46 -2.38 -35.71
C SER A 90 8.22 -3.61 -36.18
N GLY A 91 7.48 -4.60 -36.69
CA GLY A 91 8.11 -5.83 -37.16
C GLY A 91 7.49 -7.07 -36.53
N GLY A 1 -26.32 -92.22 40.91
CA GLY A 1 -25.33 -91.22 41.30
C GLY A 1 -25.28 -90.05 40.34
N SER A 2 -24.58 -89.00 40.74
CA SER A 2 -24.46 -87.80 39.92
C SER A 2 -23.51 -86.79 40.55
N SER A 3 -23.24 -85.70 39.83
CA SER A 3 -22.34 -84.67 40.32
C SER A 3 -22.41 -83.43 39.44
N GLY A 4 -21.75 -82.36 39.88
CA GLY A 4 -21.76 -81.12 39.12
C GLY A 4 -21.01 -80.00 39.82
N SER A 5 -20.85 -78.88 39.13
CA SER A 5 -20.15 -77.73 39.71
C SER A 5 -20.21 -76.53 38.76
N SER A 6 -19.82 -75.37 39.27
CA SER A 6 -19.83 -74.15 38.48
C SER A 6 -19.21 -72.99 39.25
N GLY A 7 -19.13 -71.83 38.60
CA GLY A 7 -18.55 -70.66 39.24
C GLY A 7 -18.07 -69.63 38.25
N SER A 8 -17.97 -68.38 38.69
CA SER A 8 -17.53 -67.30 37.82
C SER A 8 -17.30 -66.01 38.62
N PRO A 9 -16.06 -65.53 38.63
CA PRO A 9 -15.67 -64.32 39.36
C PRO A 9 -16.26 -63.06 38.72
N GLU A 10 -15.91 -61.90 39.27
CA GLU A 10 -16.40 -60.63 38.74
C GLU A 10 -15.46 -59.49 39.13
N TYR A 11 -15.51 -58.40 38.38
CA TYR A 11 -14.67 -57.24 38.64
C TYR A 11 -15.37 -55.96 38.21
N GLY A 12 -14.74 -54.82 38.50
CA GLY A 12 -15.31 -53.54 38.13
C GLY A 12 -14.26 -52.54 37.69
N MET A 13 -14.71 -51.41 37.15
CA MET A 13 -13.80 -50.37 36.68
C MET A 13 -14.34 -48.98 37.00
N PRO A 14 -13.46 -48.07 37.40
CA PRO A 14 -13.83 -46.69 37.74
C PRO A 14 -14.23 -45.89 36.50
N SER A 15 -14.46 -44.59 36.70
CA SER A 15 -14.86 -43.71 35.60
C SER A 15 -14.16 -42.36 35.70
N VAL A 16 -13.89 -41.76 34.55
CA VAL A 16 -13.22 -40.46 34.51
C VAL A 16 -13.57 -39.70 33.24
N THR A 17 -13.94 -38.43 33.40
CA THR A 17 -14.30 -37.60 32.26
C THR A 17 -13.26 -36.51 32.02
N PHE A 18 -13.24 -35.97 30.80
CA PHE A 18 -12.29 -34.93 30.44
C PHE A 18 -12.88 -33.55 30.70
N GLY A 19 -12.07 -32.51 30.51
CA GLY A 19 -12.53 -31.15 30.73
C GLY A 19 -11.39 -30.16 30.84
N SER A 20 -11.46 -29.10 30.04
CA SER A 20 -10.42 -28.08 30.04
C SER A 20 -10.99 -26.72 29.68
N VAL A 21 -10.20 -25.67 29.89
CA VAL A 21 -10.63 -24.31 29.58
C VAL A 21 -10.87 -24.12 28.09
N HIS A 22 -11.76 -23.19 27.75
CA HIS A 22 -12.07 -22.92 26.35
C HIS A 22 -11.05 -21.97 25.74
N PRO A 23 -10.62 -22.28 24.50
CA PRO A 23 -9.64 -21.46 23.78
C PRO A 23 -10.21 -20.11 23.36
N SER A 24 -9.41 -19.07 23.53
CA SER A 24 -9.84 -17.72 23.17
C SER A 24 -9.64 -17.47 21.67
N ASP A 25 -10.24 -16.39 21.18
CA ASP A 25 -10.12 -16.04 19.76
C ASP A 25 -10.04 -14.53 19.59
N VAL A 26 -8.88 -14.06 19.13
CA VAL A 26 -8.67 -12.63 18.91
C VAL A 26 -9.05 -12.23 17.49
N LEU A 27 -10.28 -11.77 17.32
CA LEU A 27 -10.76 -11.35 16.01
C LEU A 27 -9.92 -10.21 15.45
N ASP A 28 -9.50 -10.35 14.20
CA ASP A 28 -8.69 -9.32 13.55
C ASP A 28 -9.32 -8.87 12.23
N MET A 29 -9.75 -7.63 12.18
CA MET A 29 -10.38 -7.07 10.98
C MET A 29 -9.35 -6.90 9.87
N PRO A 30 -9.64 -7.50 8.70
CA PRO A 30 -8.76 -7.43 7.54
C PRO A 30 -8.72 -6.03 6.92
N VAL A 31 -7.67 -5.74 6.16
CA VAL A 31 -7.52 -4.45 5.52
C VAL A 31 -8.81 -4.02 4.84
N ASP A 32 -9.22 -2.78 5.07
CA ASP A 32 -10.44 -2.24 4.48
C ASP A 32 -10.11 -1.18 3.43
N PRO A 33 -11.03 -0.98 2.48
CA PRO A 33 -10.86 0.00 1.41
C PRO A 33 -10.95 1.44 1.93
N ASN A 34 -11.10 1.59 3.24
CA ASN A 34 -11.20 2.90 3.86
C ASN A 34 -10.10 3.82 3.35
N GLU A 35 -8.87 3.33 3.39
CA GLU A 35 -7.72 4.11 2.92
C GLU A 35 -7.88 4.51 1.45
N PRO A 36 -7.26 5.63 1.07
CA PRO A 36 -7.32 6.14 -0.30
C PRO A 36 -6.55 5.24 -1.29
N THR A 37 -7.22 4.85 -2.37
CA THR A 37 -6.61 4.00 -3.38
C THR A 37 -6.13 4.84 -4.57
N TYR A 38 -4.96 4.46 -5.10
CA TYR A 38 -4.39 5.17 -6.24
C TYR A 38 -4.24 4.24 -7.44
N CYS A 39 -3.47 3.18 -7.26
CA CYS A 39 -3.24 2.21 -8.33
C CYS A 39 -4.49 2.03 -9.17
N LEU A 40 -4.31 1.64 -10.43
CA LEU A 40 -5.43 1.43 -11.34
C LEU A 40 -6.44 0.45 -10.75
N CYS A 41 -5.92 -0.63 -10.16
CA CYS A 41 -6.78 -1.64 -9.55
C CYS A 41 -7.72 -1.02 -8.52
N HIS A 42 -7.34 0.15 -8.02
CA HIS A 42 -8.15 0.86 -7.04
C HIS A 42 -8.03 0.20 -5.66
N GLN A 43 -6.79 -0.07 -5.25
CA GLN A 43 -6.54 -0.70 -3.96
C GLN A 43 -5.83 0.26 -3.02
N VAL A 44 -5.88 -0.05 -1.72
CA VAL A 44 -5.24 0.79 -0.72
C VAL A 44 -3.72 0.64 -0.75
N SER A 45 -3.03 1.73 -1.05
CA SER A 45 -1.56 1.71 -1.11
C SER A 45 -0.97 1.20 0.20
N TYR A 46 0.02 0.33 0.09
CA TYR A 46 0.67 -0.24 1.26
C TYR A 46 2.15 0.13 1.27
N GLY A 47 2.87 -0.22 0.21
CA GLY A 47 4.28 0.09 0.12
C GLY A 47 4.84 -0.12 -1.27
N GLU A 48 4.55 -1.29 -1.85
CA GLU A 48 5.03 -1.62 -3.19
C GLU A 48 4.53 -0.59 -4.21
N MET A 49 5.39 0.37 -4.53
CA MET A 49 5.04 1.40 -5.49
C MET A 49 6.28 1.93 -6.20
N ILE A 50 6.08 2.54 -7.37
CA ILE A 50 7.19 3.09 -8.14
C ILE A 50 6.93 4.54 -8.52
N GLY A 51 5.65 4.90 -8.62
CA GLY A 51 5.30 6.27 -8.97
C GLY A 51 5.66 6.62 -10.41
N CYS A 52 4.72 7.22 -11.12
CA CYS A 52 4.94 7.60 -12.51
C CYS A 52 5.78 8.87 -12.60
N ASP A 53 6.84 8.83 -13.39
CA ASP A 53 7.73 9.98 -13.56
C ASP A 53 6.95 11.18 -14.09
N ASN A 54 5.89 10.91 -14.84
CA ASN A 54 5.06 11.97 -15.41
C ASN A 54 4.33 12.73 -14.31
N PRO A 55 4.59 14.04 -14.21
CA PRO A 55 3.96 14.91 -13.21
C PRO A 55 2.48 15.13 -13.49
N ASP A 56 2.10 15.09 -14.77
CA ASP A 56 0.72 15.28 -15.16
C ASP A 56 -0.15 14.11 -14.72
N CYS A 57 0.42 12.91 -14.77
CA CYS A 57 -0.30 11.71 -14.38
C CYS A 57 -1.06 11.93 -13.07
N SER A 58 -2.37 11.72 -13.10
CA SER A 58 -3.20 11.90 -11.93
C SER A 58 -2.93 10.82 -10.89
N ILE A 59 -2.88 9.58 -11.35
CA ILE A 59 -2.62 8.44 -10.46
C ILE A 59 -1.17 8.43 -10.00
N GLU A 60 -0.25 8.48 -10.96
CA GLU A 60 1.17 8.48 -10.65
C GLU A 60 1.46 7.60 -9.43
N TRP A 61 0.74 6.49 -9.33
CA TRP A 61 0.93 5.57 -8.21
C TRP A 61 0.34 4.20 -8.53
N PHE A 62 1.17 3.17 -8.46
CA PHE A 62 0.73 1.81 -8.74
C PHE A 62 1.52 0.80 -7.91
N HIS A 63 1.27 -0.48 -8.15
CA HIS A 63 1.95 -1.55 -7.43
C HIS A 63 2.85 -2.36 -8.36
N PHE A 64 3.52 -3.35 -7.81
CA PHE A 64 4.42 -4.20 -8.59
C PHE A 64 3.69 -5.41 -9.14
N ALA A 65 2.76 -5.95 -8.36
CA ALA A 65 1.99 -7.11 -8.76
C ALA A 65 0.82 -6.69 -9.66
N CYS A 66 0.90 -5.48 -10.21
CA CYS A 66 -0.15 -4.97 -11.08
C CYS A 66 0.41 -4.61 -12.45
N VAL A 67 1.72 -4.37 -12.51
CA VAL A 67 2.38 -4.02 -13.76
C VAL A 67 3.65 -4.82 -13.96
N GLY A 68 3.91 -5.75 -13.04
CA GLY A 68 5.11 -6.57 -13.13
C GLY A 68 6.37 -5.78 -12.86
N LEU A 69 6.66 -5.54 -11.60
CA LEU A 69 7.85 -4.78 -11.21
C LEU A 69 8.57 -5.45 -10.06
N THR A 70 9.36 -6.48 -10.36
CA THR A 70 10.10 -7.21 -9.34
C THR A 70 10.50 -6.30 -8.19
N THR A 71 11.14 -5.18 -8.52
CA THR A 71 11.58 -4.23 -7.51
C THR A 71 11.48 -2.80 -8.03
N LYS A 72 11.55 -1.83 -7.13
CA LYS A 72 11.47 -0.43 -7.49
C LYS A 72 12.58 -0.06 -8.47
N PRO A 73 12.20 0.20 -9.73
CA PRO A 73 13.15 0.57 -10.78
C PRO A 73 13.74 1.96 -10.57
N ARG A 74 12.98 2.83 -9.90
CA ARG A 74 13.43 4.20 -9.63
C ARG A 74 14.36 4.68 -10.73
N GLY A 75 14.04 4.33 -11.98
CA GLY A 75 14.86 4.74 -13.10
C GLY A 75 14.04 5.29 -14.24
N LYS A 76 13.24 6.32 -13.96
CA LYS A 76 12.40 6.93 -14.97
C LYS A 76 11.36 5.95 -15.49
N TRP A 77 10.65 5.31 -14.58
CA TRP A 77 9.61 4.34 -14.94
C TRP A 77 8.30 5.04 -15.25
N PHE A 78 7.90 4.99 -16.52
CA PHE A 78 6.65 5.62 -16.95
C PHE A 78 5.53 4.59 -17.03
N CYS A 79 4.41 4.90 -16.39
CA CYS A 79 3.26 4.01 -16.40
C CYS A 79 2.92 3.55 -17.82
N PRO A 80 2.28 2.38 -17.91
CA PRO A 80 1.88 1.80 -19.20
C PRO A 80 0.77 2.59 -19.89
N ARG A 81 0.42 3.72 -19.29
CA ARG A 81 -0.64 4.57 -19.84
C ARG A 81 -0.05 5.82 -20.48
N CYS A 82 1.14 6.21 -20.04
CA CYS A 82 1.80 7.39 -20.57
C CYS A 82 2.78 7.00 -21.68
N SER A 83 3.57 5.96 -21.45
CA SER A 83 4.53 5.50 -22.43
C SER A 83 3.95 5.55 -23.84
N GLN A 84 2.69 5.15 -23.96
CA GLN A 84 2.00 5.14 -25.25
C GLN A 84 1.61 6.55 -25.66
N GLU A 85 2.61 7.41 -25.85
CA GLU A 85 2.38 8.80 -26.24
C GLU A 85 2.48 8.95 -27.76
N SER A 86 1.37 9.34 -28.38
CA SER A 86 1.33 9.53 -29.83
C SER A 86 1.80 10.93 -30.20
N GLY A 87 2.51 11.03 -31.33
CA GLY A 87 3.00 12.31 -31.78
C GLY A 87 4.19 12.19 -32.70
N PRO A 88 4.98 13.27 -32.81
CA PRO A 88 6.17 13.30 -33.68
C PRO A 88 7.29 12.41 -33.14
N SER A 89 7.48 11.25 -33.77
CA SER A 89 8.51 10.32 -33.35
C SER A 89 9.71 10.38 -34.29
N SER A 90 10.91 10.25 -33.72
CA SER A 90 12.14 10.31 -34.50
C SER A 90 12.44 8.95 -35.13
N GLY A 91 13.36 8.94 -36.09
CA GLY A 91 13.72 7.70 -36.76
C GLY A 91 15.03 7.13 -36.26
N GLY A 1 -56.92 -70.31 56.51
CA GLY A 1 -56.41 -69.04 56.03
C GLY A 1 -54.95 -68.84 56.35
N SER A 2 -54.41 -67.69 55.96
CA SER A 2 -53.00 -67.38 56.20
C SER A 2 -52.67 -65.96 55.76
N SER A 3 -51.43 -65.54 56.00
CA SER A 3 -50.99 -64.20 55.63
C SER A 3 -49.48 -64.06 55.77
N GLY A 4 -48.96 -62.89 55.42
CA GLY A 4 -47.53 -62.66 55.51
C GLY A 4 -47.16 -61.23 55.16
N SER A 5 -45.86 -60.94 55.19
CA SER A 5 -45.37 -59.60 54.88
C SER A 5 -43.87 -59.62 54.64
N SER A 6 -43.32 -58.46 54.27
CA SER A 6 -41.89 -58.34 54.01
C SER A 6 -41.50 -56.89 53.76
N GLY A 7 -40.20 -56.64 53.59
CA GLY A 7 -39.73 -55.29 53.34
C GLY A 7 -38.92 -55.20 52.06
N SER A 8 -37.61 -55.41 52.18
CA SER A 8 -36.72 -55.33 51.02
C SER A 8 -36.58 -53.89 50.54
N PRO A 9 -36.20 -53.00 51.46
CA PRO A 9 -36.02 -51.57 51.15
C PRO A 9 -34.80 -51.32 50.26
N GLU A 10 -34.53 -50.05 49.98
CA GLU A 10 -33.40 -49.68 49.14
C GLU A 10 -32.76 -48.37 49.62
N TYR A 11 -31.65 -48.00 49.00
CA TYR A 11 -30.95 -46.79 49.38
C TYR A 11 -30.35 -46.10 48.14
N GLY A 12 -29.90 -44.87 48.32
CA GLY A 12 -29.31 -44.13 47.22
C GLY A 12 -27.90 -43.65 47.52
N MET A 13 -27.39 -42.76 46.68
CA MET A 13 -26.05 -42.23 46.86
C MET A 13 -25.90 -40.87 46.20
N PRO A 14 -24.96 -40.05 46.70
CA PRO A 14 -24.71 -38.71 46.17
C PRO A 14 -24.08 -38.74 44.78
N SER A 15 -23.73 -37.58 44.27
CA SER A 15 -23.11 -37.47 42.95
C SER A 15 -22.03 -36.39 42.93
N VAL A 16 -21.25 -36.37 41.86
CA VAL A 16 -20.17 -35.39 41.72
C VAL A 16 -20.54 -34.31 40.70
N THR A 17 -20.07 -33.09 40.95
CA THR A 17 -20.35 -31.98 40.07
C THR A 17 -19.09 -31.52 39.34
N PHE A 18 -19.26 -30.98 38.14
CA PHE A 18 -18.13 -30.50 37.34
C PHE A 18 -18.14 -28.98 37.25
N GLY A 19 -17.08 -28.42 36.68
CA GLY A 19 -16.99 -26.98 36.53
C GLY A 19 -16.00 -26.57 35.46
N SER A 20 -16.05 -25.30 35.06
CA SER A 20 -15.14 -24.79 34.05
C SER A 20 -15.28 -23.27 33.92
N VAL A 21 -14.31 -22.65 33.26
CA VAL A 21 -14.30 -21.20 33.07
C VAL A 21 -14.54 -20.84 31.62
N HIS A 22 -15.41 -19.87 31.38
CA HIS A 22 -15.72 -19.42 30.02
C HIS A 22 -14.54 -18.68 29.41
N PRO A 23 -14.27 -18.96 28.12
CA PRO A 23 -13.16 -18.33 27.40
C PRO A 23 -13.42 -16.85 27.13
N SER A 24 -12.37 -16.04 27.27
CA SER A 24 -12.48 -14.61 27.04
C SER A 24 -13.08 -14.32 25.67
N ASP A 25 -13.61 -13.11 25.51
CA ASP A 25 -14.22 -12.71 24.24
C ASP A 25 -13.79 -11.29 23.87
N VAL A 26 -12.93 -11.19 22.86
CA VAL A 26 -12.44 -9.89 22.39
C VAL A 26 -12.22 -9.89 20.89
N LEU A 27 -12.91 -9.00 20.19
CA LEU A 27 -12.79 -8.91 18.74
C LEU A 27 -11.57 -8.08 18.35
N ASP A 28 -10.91 -8.46 17.27
CA ASP A 28 -9.73 -7.75 16.79
C ASP A 28 -9.67 -7.77 15.27
N MET A 29 -9.78 -6.58 14.66
CA MET A 29 -9.74 -6.46 13.22
C MET A 29 -8.61 -5.54 12.78
N PRO A 30 -7.75 -6.03 11.87
CA PRO A 30 -6.61 -5.26 11.36
C PRO A 30 -7.05 -4.10 10.47
N VAL A 31 -6.07 -3.44 9.85
CA VAL A 31 -6.36 -2.32 8.97
C VAL A 31 -7.63 -2.56 8.16
N ASP A 32 -8.29 -1.47 7.77
CA ASP A 32 -9.52 -1.55 6.99
C ASP A 32 -9.36 -0.88 5.64
N PRO A 33 -10.18 -1.30 4.67
CA PRO A 33 -10.15 -0.76 3.31
C PRO A 33 -10.65 0.68 3.25
N ASN A 34 -10.81 1.30 4.42
CA ASN A 34 -11.27 2.67 4.49
C ASN A 34 -10.15 3.66 4.15
N GLU A 35 -9.43 3.36 3.08
CA GLU A 35 -8.32 4.20 2.64
C GLU A 35 -8.42 4.49 1.14
N PRO A 36 -7.78 5.59 0.71
CA PRO A 36 -7.78 6.01 -0.69
C PRO A 36 -6.97 5.06 -1.58
N THR A 37 -7.29 5.06 -2.87
CA THR A 37 -6.59 4.20 -3.83
C THR A 37 -6.03 5.02 -4.98
N TYR A 38 -4.96 4.51 -5.59
CA TYR A 38 -4.32 5.19 -6.70
C TYR A 38 -4.10 4.23 -7.88
N CYS A 39 -3.45 3.11 -7.59
CA CYS A 39 -3.18 2.11 -8.62
C CYS A 39 -4.39 1.92 -9.53
N LEU A 40 -4.15 1.31 -10.69
CA LEU A 40 -5.22 1.08 -11.66
C LEU A 40 -6.34 0.24 -11.04
N CYS A 41 -5.95 -0.79 -10.30
CA CYS A 41 -6.91 -1.67 -9.64
C CYS A 41 -7.74 -0.90 -8.61
N HIS A 42 -7.31 0.31 -8.30
CA HIS A 42 -8.00 1.14 -7.32
C HIS A 42 -7.94 0.52 -5.93
N GLN A 43 -6.74 0.11 -5.52
CA GLN A 43 -6.55 -0.50 -4.21
C GLN A 43 -5.80 0.44 -3.27
N VAL A 44 -5.89 0.17 -1.97
CA VAL A 44 -5.23 0.98 -0.97
C VAL A 44 -3.71 0.82 -1.05
N SER A 45 -3.00 1.94 -1.02
CA SER A 45 -1.54 1.93 -1.11
C SER A 45 -0.93 1.36 0.18
N TYR A 46 -0.06 0.38 0.03
CA TYR A 46 0.59 -0.24 1.17
C TYR A 46 2.08 0.09 1.21
N GLY A 47 2.81 -0.37 0.20
CA GLY A 47 4.24 -0.12 0.13
C GLY A 47 4.80 -0.34 -1.25
N GLU A 48 4.38 -1.43 -1.90
CA GLU A 48 4.85 -1.75 -3.24
C GLU A 48 4.39 -0.71 -4.25
N MET A 49 5.28 0.23 -4.56
CA MET A 49 4.97 1.29 -5.52
C MET A 49 6.24 1.88 -6.11
N ILE A 50 6.09 2.59 -7.22
CA ILE A 50 7.24 3.22 -7.89
C ILE A 50 6.94 4.67 -8.23
N GLY A 51 5.67 4.98 -8.45
CA GLY A 51 5.29 6.34 -8.77
C GLY A 51 5.74 6.75 -10.16
N CYS A 52 4.78 7.07 -11.03
CA CYS A 52 5.09 7.48 -12.39
C CYS A 52 6.01 8.69 -12.40
N ASP A 53 7.11 8.59 -13.16
CA ASP A 53 8.07 9.68 -13.26
C ASP A 53 7.41 10.95 -13.77
N ASN A 54 6.36 10.78 -14.57
CA ASN A 54 5.64 11.91 -15.14
C ASN A 54 4.79 12.61 -14.08
N PRO A 55 5.07 13.90 -13.85
CA PRO A 55 4.35 14.71 -12.87
C PRO A 55 2.91 14.98 -13.29
N ASP A 56 2.69 15.09 -14.60
CA ASP A 56 1.36 15.36 -15.12
C ASP A 56 0.41 14.21 -14.81
N CYS A 57 0.93 12.98 -14.92
CA CYS A 57 0.13 11.79 -14.66
C CYS A 57 -0.74 11.98 -13.41
N SER A 58 -2.05 11.91 -13.59
CA SER A 58 -2.98 12.08 -12.47
C SER A 58 -2.74 11.01 -11.40
N ILE A 59 -2.71 9.75 -11.82
CA ILE A 59 -2.49 8.65 -10.90
C ILE A 59 -1.06 8.64 -10.37
N GLU A 60 -0.10 8.52 -11.28
CA GLU A 60 1.31 8.51 -10.91
C GLU A 60 1.54 7.63 -9.67
N TRP A 61 0.88 6.49 -9.65
CA TRP A 61 1.01 5.56 -8.53
C TRP A 61 0.43 4.20 -8.88
N PHE A 62 1.19 3.14 -8.59
CA PHE A 62 0.74 1.79 -8.88
C PHE A 62 1.55 0.77 -8.08
N HIS A 63 1.21 -0.51 -8.23
CA HIS A 63 1.90 -1.58 -7.52
C HIS A 63 2.85 -2.32 -8.45
N PHE A 64 3.56 -3.30 -7.90
CA PHE A 64 4.50 -4.10 -8.68
C PHE A 64 3.80 -5.27 -9.35
N ALA A 65 2.98 -5.98 -8.57
CA ALA A 65 2.24 -7.13 -9.10
C ALA A 65 0.97 -6.69 -9.79
N CYS A 66 0.97 -5.47 -10.32
CA CYS A 66 -0.19 -4.93 -11.02
C CYS A 66 0.20 -4.38 -12.39
N VAL A 67 1.45 -3.94 -12.52
CA VAL A 67 1.94 -3.40 -13.77
C VAL A 67 3.02 -4.30 -14.36
N GLY A 68 3.90 -4.82 -13.50
CA GLY A 68 4.97 -5.69 -13.96
C GLY A 68 6.32 -5.25 -13.44
N LEU A 69 6.42 -5.07 -12.13
CA LEU A 69 7.68 -4.66 -11.51
C LEU A 69 8.09 -5.63 -10.41
N THR A 70 9.35 -5.57 -10.01
CA THR A 70 9.88 -6.44 -8.97
C THR A 70 10.40 -5.64 -7.79
N THR A 71 11.07 -4.54 -8.08
CA THR A 71 11.63 -3.68 -7.03
C THR A 71 11.62 -2.22 -7.46
N LYS A 72 11.07 -1.35 -6.62
CA LYS A 72 11.01 0.07 -6.91
C LYS A 72 12.26 0.53 -7.65
N PRO A 73 12.09 0.84 -8.94
CA PRO A 73 13.20 1.30 -9.79
C PRO A 73 13.68 2.71 -9.41
N ARG A 74 12.83 3.44 -8.68
CA ARG A 74 13.17 4.79 -8.25
C ARG A 74 14.06 5.47 -9.28
N GLY A 75 13.79 5.22 -10.55
CA GLY A 75 14.58 5.82 -11.62
C GLY A 75 13.72 6.52 -12.65
N LYS A 76 13.43 5.83 -13.74
CA LYS A 76 12.62 6.38 -14.81
C LYS A 76 11.57 5.38 -15.28
N TRP A 77 10.65 5.03 -14.39
CA TRP A 77 9.60 4.08 -14.71
C TRP A 77 8.30 4.81 -15.06
N PHE A 78 7.87 4.67 -16.31
CA PHE A 78 6.65 5.31 -16.77
C PHE A 78 5.50 4.30 -16.86
N CYS A 79 4.37 4.65 -16.28
CA CYS A 79 3.20 3.78 -16.29
C CYS A 79 2.87 3.33 -17.71
N PRO A 80 2.22 2.17 -17.83
CA PRO A 80 1.83 1.61 -19.12
C PRO A 80 0.73 2.42 -19.81
N ARG A 81 0.39 3.55 -19.22
CA ARG A 81 -0.64 4.42 -19.78
C ARG A 81 -0.03 5.66 -20.42
N CYS A 82 1.15 6.04 -19.95
CA CYS A 82 1.84 7.21 -20.48
C CYS A 82 2.77 6.81 -21.63
N SER A 83 3.59 5.79 -21.41
CA SER A 83 4.53 5.32 -22.42
C SER A 83 3.86 5.28 -23.79
N GLN A 84 2.79 4.50 -23.89
CA GLN A 84 2.06 4.36 -25.15
C GLN A 84 1.99 5.70 -25.89
N GLU A 85 1.71 6.77 -25.14
CA GLU A 85 1.62 8.10 -25.73
C GLU A 85 1.06 8.03 -27.14
N SER A 86 0.04 7.20 -27.34
CA SER A 86 -0.58 7.04 -28.65
C SER A 86 -2.03 7.52 -28.62
N GLY A 87 -2.35 8.46 -29.51
CA GLY A 87 -3.70 8.97 -29.58
C GLY A 87 -4.43 8.56 -30.83
N PRO A 88 -5.74 8.82 -30.88
CA PRO A 88 -6.58 8.48 -32.03
C PRO A 88 -6.27 9.34 -33.26
N SER A 89 -5.53 8.77 -34.20
CA SER A 89 -5.16 9.50 -35.41
C SER A 89 -5.36 8.62 -36.64
N SER A 90 -5.20 9.22 -37.82
CA SER A 90 -5.36 8.50 -39.08
C SER A 90 -4.75 7.10 -38.98
N GLY A 91 -3.51 7.04 -38.49
CA GLY A 91 -2.83 5.77 -38.36
C GLY A 91 -1.90 5.48 -39.52
N GLY A 1 14.72 68.24 2.98
CA GLY A 1 14.56 67.01 3.74
C GLY A 1 15.67 66.00 3.43
N SER A 2 15.57 64.83 4.05
CA SER A 2 16.56 63.78 3.85
C SER A 2 16.08 62.45 4.42
N SER A 3 16.76 61.37 4.05
CA SER A 3 16.40 60.05 4.54
C SER A 3 17.44 59.01 4.13
N GLY A 4 17.74 58.08 5.03
CA GLY A 4 18.72 57.05 4.74
C GLY A 4 18.21 55.65 5.05
N SER A 5 19.10 54.67 4.99
CA SER A 5 18.73 53.30 5.26
C SER A 5 19.96 52.39 5.28
N SER A 6 19.75 51.11 5.58
CA SER A 6 20.84 50.15 5.62
C SER A 6 20.31 48.73 5.78
N GLY A 7 21.22 47.76 5.80
CA GLY A 7 20.83 46.37 5.95
C GLY A 7 21.93 45.51 6.54
N SER A 8 21.72 44.20 6.52
CA SER A 8 22.70 43.26 7.06
C SER A 8 22.42 41.85 6.57
N PRO A 9 23.49 41.15 6.15
CA PRO A 9 23.39 39.77 5.66
C PRO A 9 23.07 38.78 6.77
N GLU A 10 23.15 37.50 6.45
CA GLU A 10 22.87 36.45 7.42
C GLU A 10 23.54 35.13 7.02
N TYR A 11 23.43 34.13 7.88
CA TYR A 11 24.02 32.83 7.62
C TYR A 11 23.14 31.70 8.15
N GLY A 12 23.56 30.46 7.91
CA GLY A 12 22.79 29.32 8.36
C GLY A 12 23.66 28.19 8.88
N MET A 13 23.10 27.00 8.96
CA MET A 13 23.83 25.84 9.43
C MET A 13 23.04 24.55 9.19
N PRO A 14 23.72 23.53 8.65
CA PRO A 14 23.10 22.23 8.37
C PRO A 14 22.75 21.46 9.63
N SER A 15 22.23 20.24 9.46
CA SER A 15 21.85 19.41 10.59
C SER A 15 22.18 17.94 10.31
N VAL A 16 21.80 17.08 11.26
CA VAL A 16 22.06 15.65 11.12
C VAL A 16 20.80 14.84 11.39
N THR A 17 20.56 13.83 10.57
CA THR A 17 19.38 12.97 10.73
C THR A 17 19.77 11.60 11.28
N PHE A 18 18.76 10.81 11.60
CA PHE A 18 18.99 9.46 12.15
C PHE A 18 17.74 8.60 12.00
N GLY A 19 17.87 7.33 12.36
CA GLY A 19 16.75 6.41 12.26
C GLY A 19 17.18 4.96 12.34
N SER A 20 16.26 4.10 12.75
CA SER A 20 16.54 2.67 12.88
C SER A 20 15.26 1.87 13.07
N VAL A 21 15.33 0.58 12.75
CA VAL A 21 14.18 -0.30 12.89
C VAL A 21 14.57 -1.65 13.46
N HIS A 22 13.79 -2.13 14.43
CA HIS A 22 14.06 -3.42 15.07
C HIS A 22 12.88 -4.38 14.87
N PRO A 23 13.19 -5.69 14.92
CA PRO A 23 12.17 -6.73 14.75
C PRO A 23 11.20 -6.80 15.93
N SER A 24 9.92 -6.89 15.62
CA SER A 24 8.89 -6.97 16.66
C SER A 24 7.66 -7.71 16.16
N ASP A 25 6.79 -8.11 17.08
CA ASP A 25 5.57 -8.81 16.73
C ASP A 25 4.34 -8.13 17.34
N VAL A 26 3.65 -7.36 16.52
CA VAL A 26 2.46 -6.64 16.99
C VAL A 26 1.33 -6.75 15.96
N LEU A 27 0.26 -7.44 16.34
CA LEU A 27 -0.89 -7.61 15.45
C LEU A 27 -1.38 -6.26 14.92
N ASP A 28 -2.20 -6.30 13.89
CA ASP A 28 -2.75 -5.08 13.29
C ASP A 28 -4.23 -5.25 12.97
N MET A 29 -5.06 -4.47 13.64
CA MET A 29 -6.51 -4.52 13.43
C MET A 29 -6.82 -4.64 11.94
N PRO A 30 -7.98 -5.24 11.63
CA PRO A 30 -8.43 -5.42 10.25
C PRO A 30 -8.82 -4.10 9.58
N VAL A 31 -7.94 -3.59 8.73
CA VAL A 31 -8.19 -2.33 8.03
C VAL A 31 -9.48 -2.40 7.22
N ASP A 32 -9.87 -1.28 6.64
CA ASP A 32 -11.10 -1.21 5.84
C ASP A 32 -10.80 -0.61 4.46
N PRO A 33 -11.64 -0.95 3.49
CA PRO A 33 -11.50 -0.45 2.11
C PRO A 33 -11.81 1.04 1.99
N ASN A 34 -12.10 1.67 3.13
CA ASN A 34 -12.41 3.09 3.16
C ASN A 34 -11.22 3.92 2.67
N GLU A 35 -10.03 3.57 3.17
CA GLU A 35 -8.81 4.28 2.79
C GLU A 35 -8.83 4.63 1.30
N PRO A 36 -8.09 5.69 0.93
CA PRO A 36 -8.01 6.15 -0.46
C PRO A 36 -7.23 5.18 -1.34
N THR A 37 -7.49 5.24 -2.65
CA THR A 37 -6.82 4.36 -3.59
C THR A 37 -6.20 5.17 -4.73
N TYR A 38 -5.09 4.67 -5.26
CA TYR A 38 -4.40 5.34 -6.36
C TYR A 38 -4.23 4.41 -7.55
N CYS A 39 -3.51 3.32 -7.35
CA CYS A 39 -3.27 2.35 -8.41
C CYS A 39 -4.52 2.17 -9.28
N LEU A 40 -4.32 1.72 -10.51
CA LEU A 40 -5.43 1.52 -11.44
C LEU A 40 -6.47 0.58 -10.84
N CYS A 41 -5.99 -0.50 -10.22
CA CYS A 41 -6.88 -1.48 -9.61
C CYS A 41 -7.79 -0.82 -8.57
N HIS A 42 -7.41 0.38 -8.14
CA HIS A 42 -8.19 1.12 -7.15
C HIS A 42 -8.03 0.50 -5.76
N GLN A 43 -6.79 0.21 -5.40
CA GLN A 43 -6.50 -0.38 -4.09
C GLN A 43 -5.73 0.60 -3.22
N VAL A 44 -5.80 0.39 -1.90
CA VAL A 44 -5.10 1.25 -0.95
C VAL A 44 -3.58 1.10 -1.07
N SER A 45 -2.87 2.22 -1.00
CA SER A 45 -1.42 2.20 -1.10
C SER A 45 -0.79 1.65 0.18
N TYR A 46 0.03 0.61 0.04
CA TYR A 46 0.68 0.00 1.18
C TYR A 46 2.17 0.34 1.20
N GLY A 47 2.88 -0.06 0.14
CA GLY A 47 4.30 0.21 0.05
C GLY A 47 4.85 -0.01 -1.34
N GLU A 48 4.67 -1.23 -1.86
CA GLU A 48 5.15 -1.58 -3.19
C GLU A 48 4.64 -0.59 -4.22
N MET A 49 5.40 0.47 -4.45
CA MET A 49 5.03 1.49 -5.43
C MET A 49 6.25 2.03 -6.15
N ILE A 50 6.04 2.61 -7.34
CA ILE A 50 7.12 3.16 -8.12
C ILE A 50 6.87 4.63 -8.44
N GLY A 51 5.60 5.01 -8.51
CA GLY A 51 5.25 6.39 -8.80
C GLY A 51 5.73 6.83 -10.18
N CYS A 52 4.78 7.08 -11.08
CA CYS A 52 5.11 7.51 -12.44
C CYS A 52 6.06 8.71 -12.41
N ASP A 53 6.81 8.88 -13.50
CA ASP A 53 7.76 9.98 -13.60
C ASP A 53 7.21 11.08 -14.52
N ASN A 54 5.90 11.04 -14.75
CA ASN A 54 5.25 12.03 -15.61
C ASN A 54 4.47 13.05 -14.78
N PRO A 55 4.87 14.31 -14.88
CA PRO A 55 4.22 15.41 -14.14
C PRO A 55 2.82 15.70 -14.66
N ASP A 56 2.39 14.94 -15.67
CA ASP A 56 1.07 15.12 -16.25
C ASP A 56 0.13 13.99 -15.83
N CYS A 57 0.71 12.86 -15.44
CA CYS A 57 -0.07 11.71 -15.03
C CYS A 57 -1.08 12.10 -13.95
N SER A 58 -2.20 11.38 -13.91
CA SER A 58 -3.25 11.66 -12.92
C SER A 58 -3.10 10.75 -11.71
N ILE A 59 -2.70 9.51 -11.95
CA ILE A 59 -2.53 8.54 -10.87
C ILE A 59 -1.09 8.55 -10.35
N GLU A 60 -0.13 8.45 -11.27
CA GLU A 60 1.27 8.46 -10.91
C GLU A 60 1.52 7.60 -9.67
N TRP A 61 0.82 6.47 -9.59
CA TRP A 61 0.97 5.57 -8.46
C TRP A 61 0.37 4.19 -8.77
N PHE A 62 1.17 3.15 -8.55
CA PHE A 62 0.72 1.78 -8.83
C PHE A 62 1.54 0.78 -8.02
N HIS A 63 1.22 -0.50 -8.17
CA HIS A 63 1.92 -1.55 -7.46
C HIS A 63 2.80 -2.36 -8.42
N PHE A 64 3.57 -3.29 -7.86
CA PHE A 64 4.45 -4.13 -8.67
C PHE A 64 3.71 -5.35 -9.19
N ALA A 65 2.85 -5.93 -8.35
CA ALA A 65 2.08 -7.10 -8.74
C ALA A 65 0.90 -6.71 -9.61
N CYS A 66 0.90 -5.48 -10.11
CA CYS A 66 -0.17 -4.99 -10.95
C CYS A 66 0.35 -4.67 -12.36
N VAL A 67 1.67 -4.57 -12.49
CA VAL A 67 2.30 -4.27 -13.77
C VAL A 67 3.49 -5.17 -14.02
N GLY A 68 4.21 -5.50 -12.94
CA GLY A 68 5.38 -6.35 -13.07
C GLY A 68 6.67 -5.63 -12.75
N LEU A 69 6.81 -5.22 -11.48
CA LEU A 69 8.01 -4.51 -11.05
C LEU A 69 8.59 -5.13 -9.78
N THR A 70 9.19 -6.31 -9.93
CA THR A 70 9.79 -7.00 -8.79
C THR A 70 10.15 -6.04 -7.67
N THR A 71 10.94 -5.02 -8.02
CA THR A 71 11.36 -4.01 -7.05
C THR A 71 11.15 -2.61 -7.59
N LYS A 72 11.29 -1.62 -6.71
CA LYS A 72 11.11 -0.21 -7.08
C LYS A 72 12.16 0.19 -8.11
N PRO A 73 11.70 0.53 -9.32
CA PRO A 73 12.58 0.96 -10.42
C PRO A 73 13.21 2.33 -10.16
N ARG A 74 12.40 3.26 -9.68
CA ARG A 74 12.87 4.61 -9.39
C ARG A 74 13.83 5.09 -10.48
N GLY A 75 13.70 4.53 -11.67
CA GLY A 75 14.56 4.90 -12.77
C GLY A 75 13.79 5.47 -13.95
N LYS A 76 12.98 6.49 -13.69
CA LYS A 76 12.18 7.12 -14.73
C LYS A 76 11.17 6.14 -15.31
N TRP A 77 10.56 5.35 -14.43
CA TRP A 77 9.56 4.38 -14.86
C TRP A 77 8.23 5.04 -15.19
N PHE A 78 7.86 5.02 -16.46
CA PHE A 78 6.62 5.63 -16.92
C PHE A 78 5.51 4.58 -17.02
N CYS A 79 4.37 4.86 -16.38
CA CYS A 79 3.24 3.96 -16.40
C CYS A 79 2.90 3.53 -17.83
N PRO A 80 2.26 2.37 -17.96
CA PRO A 80 1.85 1.83 -19.27
C PRO A 80 0.75 2.64 -19.92
N ARG A 81 0.39 3.76 -19.30
CA ARG A 81 -0.66 4.63 -19.82
C ARG A 81 -0.05 5.88 -20.46
N CYS A 82 1.11 6.29 -19.97
CA CYS A 82 1.78 7.48 -20.50
C CYS A 82 2.68 7.11 -21.67
N SER A 83 3.53 6.11 -21.47
CA SER A 83 4.45 5.67 -22.53
C SER A 83 3.73 5.55 -23.86
N GLN A 84 2.45 5.21 -23.80
CA GLN A 84 1.64 5.06 -25.01
C GLN A 84 0.95 6.37 -25.37
N GLU A 85 1.70 7.47 -25.26
CA GLU A 85 1.15 8.79 -25.58
C GLU A 85 2.25 9.72 -26.08
N SER A 86 1.94 10.51 -27.10
CA SER A 86 2.89 11.45 -27.68
C SER A 86 2.36 12.87 -27.63
N GLY A 87 3.01 13.72 -26.85
CA GLY A 87 2.60 15.10 -26.74
C GLY A 87 1.14 15.23 -26.37
N PRO A 88 0.71 16.46 -26.04
CA PRO A 88 -0.68 16.75 -25.67
C PRO A 88 -1.64 16.62 -26.85
N SER A 89 -2.44 15.55 -26.85
CA SER A 89 -3.39 15.31 -27.92
C SER A 89 -4.16 16.58 -28.25
N SER A 90 -4.85 16.58 -29.41
CA SER A 90 -5.62 17.73 -29.84
C SER A 90 -6.95 17.29 -30.44
N GLY A 91 -8.04 17.92 -29.99
CA GLY A 91 -9.35 17.58 -30.50
C GLY A 91 -9.34 17.29 -31.99
N GLY A 1 61.09 28.33 39.90
CA GLY A 1 60.48 27.31 39.06
C GLY A 1 59.58 26.37 39.85
N SER A 2 59.07 25.34 39.20
CA SER A 2 58.19 24.38 39.85
C SER A 2 57.87 23.22 38.90
N SER A 3 57.17 22.22 39.43
CA SER A 3 56.80 21.05 38.65
C SER A 3 55.80 20.19 39.41
N GLY A 4 55.36 19.10 38.76
CA GLY A 4 54.41 18.20 39.39
C GLY A 4 54.11 16.99 38.54
N SER A 5 53.27 16.09 39.06
CA SER A 5 52.91 14.88 38.34
C SER A 5 51.66 14.25 38.94
N SER A 6 51.17 13.18 38.30
CA SER A 6 49.99 12.48 38.78
C SER A 6 49.74 11.22 37.96
N GLY A 7 49.28 10.16 38.62
CA GLY A 7 49.01 8.92 37.94
C GLY A 7 47.58 8.45 38.13
N SER A 8 47.30 7.21 37.73
CA SER A 8 45.96 6.66 37.85
C SER A 8 45.96 5.17 37.51
N PRO A 9 45.59 4.33 38.49
CA PRO A 9 45.54 2.88 38.31
C PRO A 9 44.40 2.45 37.39
N GLU A 10 44.18 1.14 37.30
CA GLU A 10 43.11 0.61 36.46
C GLU A 10 42.75 -0.81 36.89
N TYR A 11 41.61 -1.29 36.39
CA TYR A 11 41.14 -2.63 36.74
C TYR A 11 39.90 -3.00 35.91
N GLY A 12 39.48 -4.25 36.02
CA GLY A 12 38.32 -4.71 35.28
C GLY A 12 37.72 -5.98 35.86
N MET A 13 36.71 -6.52 35.18
CA MET A 13 36.06 -7.74 35.64
C MET A 13 35.25 -8.37 34.51
N PRO A 14 35.25 -9.72 34.48
CA PRO A 14 34.52 -10.48 33.46
C PRO A 14 33.01 -10.37 33.62
N SER A 15 32.27 -11.07 32.77
CA SER A 15 30.81 -11.07 32.82
C SER A 15 30.24 -12.37 32.27
N VAL A 16 28.92 -12.50 32.34
CA VAL A 16 28.24 -13.69 31.84
C VAL A 16 26.86 -13.35 31.29
N THR A 17 26.39 -14.16 30.34
CA THR A 17 25.09 -13.94 29.73
C THR A 17 24.50 -15.25 29.20
N PHE A 18 23.29 -15.57 29.62
CA PHE A 18 22.63 -16.79 29.17
C PHE A 18 21.75 -16.52 27.96
N GLY A 19 21.21 -17.59 27.37
CA GLY A 19 20.36 -17.46 26.21
C GLY A 19 19.29 -18.51 26.14
N SER A 20 18.06 -18.10 25.88
CA SER A 20 16.93 -19.03 25.79
C SER A 20 15.80 -18.43 24.97
N VAL A 21 15.29 -19.21 24.02
CA VAL A 21 14.20 -18.76 23.17
C VAL A 21 12.88 -18.73 23.92
N HIS A 22 11.93 -17.96 23.41
CA HIS A 22 10.61 -17.84 24.03
C HIS A 22 9.50 -17.86 22.99
N PRO A 23 8.32 -18.34 23.40
CA PRO A 23 7.15 -18.41 22.51
C PRO A 23 6.60 -17.04 22.17
N SER A 24 6.36 -16.81 20.87
CA SER A 24 5.82 -15.53 20.41
C SER A 24 4.36 -15.66 20.02
N ASP A 25 3.64 -14.55 20.06
CA ASP A 25 2.22 -14.53 19.72
C ASP A 25 1.69 -13.10 19.68
N VAL A 26 1.30 -12.65 18.49
CA VAL A 26 0.76 -11.31 18.32
C VAL A 26 -0.10 -11.21 17.06
N LEU A 27 -1.23 -10.52 17.18
CA LEU A 27 -2.13 -10.35 16.06
C LEU A 27 -2.10 -8.92 15.53
N ASP A 28 -2.33 -8.76 14.24
CA ASP A 28 -2.34 -7.45 13.62
C ASP A 28 -3.57 -7.25 12.75
N MET A 29 -4.38 -6.25 13.08
CA MET A 29 -5.60 -5.96 12.33
C MET A 29 -5.31 -5.91 10.83
N PRO A 30 -6.18 -6.56 10.03
CA PRO A 30 -6.03 -6.59 8.58
C PRO A 30 -6.30 -5.24 7.93
N VAL A 31 -5.99 -5.13 6.64
CA VAL A 31 -6.21 -3.88 5.91
C VAL A 31 -7.69 -3.65 5.64
N ASP A 32 -8.06 -2.38 5.52
CA ASP A 32 -9.45 -2.01 5.26
C ASP A 32 -9.55 -1.02 4.11
N PRO A 33 -10.71 -1.01 3.44
CA PRO A 33 -10.96 -0.11 2.30
C PRO A 33 -11.07 1.35 2.73
N ASN A 34 -11.11 1.57 4.05
CA ASN A 34 -11.22 2.93 4.58
C ASN A 34 -10.19 3.85 3.94
N GLU A 35 -8.94 3.42 3.90
CA GLU A 35 -7.88 4.20 3.30
C GLU A 35 -8.11 4.41 1.81
N PRO A 36 -7.54 5.50 1.27
CA PRO A 36 -7.69 5.84 -0.15
C PRO A 36 -6.93 4.88 -1.05
N THR A 37 -7.20 4.97 -2.36
CA THR A 37 -6.53 4.10 -3.33
C THR A 37 -5.98 4.91 -4.50
N TYR A 38 -4.90 4.42 -5.08
CA TYR A 38 -4.27 5.09 -6.21
C TYR A 38 -4.08 4.15 -7.38
N CYS A 39 -3.48 2.98 -7.11
CA CYS A 39 -3.24 1.98 -8.14
C CYS A 39 -4.46 1.83 -9.04
N LEU A 40 -4.28 1.14 -10.16
CA LEU A 40 -5.36 0.92 -11.11
C LEU A 40 -6.45 0.02 -10.52
N CYS A 41 -6.01 -0.95 -9.70
CA CYS A 41 -6.93 -1.87 -9.06
C CYS A 41 -7.71 -1.18 -7.94
N HIS A 42 -7.48 0.11 -7.77
CA HIS A 42 -8.16 0.90 -6.75
C HIS A 42 -7.99 0.24 -5.38
N GLN A 43 -6.74 0.01 -4.98
CA GLN A 43 -6.44 -0.60 -3.70
C GLN A 43 -5.59 0.33 -2.84
N VAL A 44 -5.51 0.00 -1.54
CA VAL A 44 -4.73 0.82 -0.61
C VAL A 44 -3.27 0.91 -1.05
N SER A 45 -2.79 2.13 -1.25
CA SER A 45 -1.42 2.35 -1.68
C SER A 45 -0.44 2.04 -0.54
N TYR A 46 0.12 0.84 -0.55
CA TYR A 46 1.06 0.42 0.47
C TYR A 46 2.50 0.60 0.00
N GLY A 47 3.45 0.40 0.91
CA GLY A 47 4.85 0.55 0.56
C GLY A 47 5.13 0.27 -0.90
N GLU A 48 4.90 -0.98 -1.32
CA GLU A 48 5.14 -1.39 -2.70
C GLU A 48 4.58 -0.34 -3.66
N MET A 49 5.49 0.45 -4.24
CA MET A 49 5.10 1.49 -5.19
C MET A 49 6.31 2.02 -5.94
N ILE A 50 6.08 2.54 -7.14
CA ILE A 50 7.15 3.08 -7.97
C ILE A 50 6.86 4.53 -8.35
N GLY A 51 5.58 4.86 -8.48
CA GLY A 51 5.20 6.21 -8.85
C GLY A 51 5.67 6.59 -10.24
N CYS A 52 4.76 7.14 -11.04
CA CYS A 52 5.08 7.54 -12.40
C CYS A 52 5.97 8.78 -12.41
N ASP A 53 7.08 8.71 -13.14
CA ASP A 53 8.01 9.82 -13.24
C ASP A 53 7.34 11.06 -13.82
N ASN A 54 6.31 10.83 -14.65
CA ASN A 54 5.59 11.93 -15.28
C ASN A 54 4.80 12.72 -14.25
N PRO A 55 5.13 14.02 -14.13
CA PRO A 55 4.47 14.93 -13.19
C PRO A 55 3.03 15.22 -13.58
N ASP A 56 2.74 15.14 -14.88
CA ASP A 56 1.40 15.40 -15.39
C ASP A 56 0.46 14.25 -15.04
N CYS A 57 0.98 13.03 -15.09
CA CYS A 57 0.18 11.85 -14.77
C CYS A 57 -0.68 12.08 -13.53
N SER A 58 -1.99 11.95 -13.70
CA SER A 58 -2.92 12.15 -12.60
C SER A 58 -2.69 11.11 -11.50
N ILE A 59 -2.65 9.84 -11.89
CA ILE A 59 -2.45 8.76 -10.94
C ILE A 59 -1.02 8.76 -10.42
N GLU A 60 -0.06 8.50 -11.31
CA GLU A 60 1.35 8.47 -10.93
C GLU A 60 1.55 7.65 -9.66
N TRP A 61 0.86 6.52 -9.58
CA TRP A 61 0.96 5.64 -8.41
C TRP A 61 0.37 4.26 -8.71
N PHE A 62 1.17 3.23 -8.50
CA PHE A 62 0.72 1.87 -8.74
C PHE A 62 1.59 0.87 -7.96
N HIS A 63 1.28 -0.42 -8.13
CA HIS A 63 2.02 -1.47 -7.45
C HIS A 63 2.92 -2.23 -8.43
N PHE A 64 3.56 -3.29 -7.94
CA PHE A 64 4.45 -4.09 -8.77
C PHE A 64 3.71 -5.30 -9.34
N ALA A 65 2.88 -5.92 -8.51
CA ALA A 65 2.11 -7.09 -8.94
C ALA A 65 0.94 -6.68 -9.81
N CYS A 66 0.92 -5.42 -10.21
CA CYS A 66 -0.16 -4.90 -11.04
C CYS A 66 0.38 -4.48 -12.42
N VAL A 67 1.69 -4.32 -12.51
CA VAL A 67 2.33 -3.92 -13.76
C VAL A 67 3.51 -4.83 -14.09
N GLY A 68 4.24 -5.24 -13.05
CA GLY A 68 5.39 -6.10 -13.24
C GLY A 68 6.69 -5.45 -12.83
N LEU A 69 6.80 -5.10 -11.55
CA LEU A 69 7.99 -4.46 -11.02
C LEU A 69 8.46 -5.14 -9.76
N THR A 70 8.79 -6.43 -9.86
CA THR A 70 9.26 -7.21 -8.73
C THR A 70 9.92 -6.31 -7.68
N THR A 71 10.79 -5.42 -8.14
CA THR A 71 11.48 -4.50 -7.24
C THR A 71 11.37 -3.07 -7.73
N LYS A 72 11.03 -2.15 -6.83
CA LYS A 72 10.90 -0.75 -7.17
C LYS A 72 12.09 -0.27 -7.99
N PRO A 73 11.81 0.31 -9.16
CA PRO A 73 12.86 0.81 -10.06
C PRO A 73 13.54 2.06 -9.50
N ARG A 74 12.81 2.82 -8.69
CA ARG A 74 13.34 4.04 -8.10
C ARG A 74 14.21 4.79 -9.10
N GLY A 75 13.80 4.79 -10.36
CA GLY A 75 14.55 5.47 -11.39
C GLY A 75 13.66 6.23 -12.36
N LYS A 76 13.40 5.64 -13.51
CA LYS A 76 12.56 6.25 -14.53
C LYS A 76 11.50 5.27 -15.03
N TRP A 77 10.52 4.98 -14.19
CA TRP A 77 9.45 4.06 -14.54
C TRP A 77 8.20 4.82 -14.97
N PHE A 78 7.81 4.65 -16.23
CA PHE A 78 6.63 5.32 -16.76
C PHE A 78 5.46 4.34 -16.89
N CYS A 79 4.33 4.69 -16.27
CA CYS A 79 3.14 3.85 -16.33
C CYS A 79 2.84 3.42 -17.75
N PRO A 80 2.14 2.28 -17.89
CA PRO A 80 1.77 1.74 -19.20
C PRO A 80 0.72 2.59 -19.91
N ARG A 81 0.30 3.67 -19.26
CA ARG A 81 -0.70 4.57 -19.83
C ARG A 81 -0.04 5.78 -20.45
N CYS A 82 1.18 6.09 -20.01
CA CYS A 82 1.91 7.24 -20.52
C CYS A 82 2.85 6.82 -21.66
N SER A 83 3.64 5.79 -21.42
CA SER A 83 4.58 5.29 -22.41
C SER A 83 3.94 5.27 -23.79
N GLN A 84 2.72 4.74 -23.87
CA GLN A 84 2.00 4.66 -25.14
C GLN A 84 1.84 6.05 -25.76
N GLU A 85 1.39 7.00 -24.95
CA GLU A 85 1.18 8.36 -25.43
C GLU A 85 2.32 8.79 -26.35
N SER A 86 1.97 9.45 -27.45
CA SER A 86 2.96 9.90 -28.42
C SER A 86 3.07 11.42 -28.40
N GLY A 87 4.14 11.91 -27.78
CA GLY A 87 4.35 13.35 -27.70
C GLY A 87 5.66 13.78 -28.34
N PRO A 88 5.84 15.10 -28.49
CA PRO A 88 7.05 15.67 -29.10
C PRO A 88 8.29 15.50 -28.23
N SER A 89 8.06 15.36 -26.93
CA SER A 89 9.15 15.19 -25.97
C SER A 89 10.11 14.08 -26.43
N SER A 90 9.53 12.91 -26.73
CA SER A 90 10.33 11.77 -27.17
C SER A 90 10.18 11.57 -28.68
N GLY A 91 11.21 11.98 -29.42
CA GLY A 91 11.18 11.84 -30.86
C GLY A 91 12.53 11.45 -31.43
N GLY A 1 -43.93 60.43 32.39
CA GLY A 1 -42.53 60.61 32.74
C GLY A 1 -41.97 59.45 33.53
N SER A 2 -40.64 59.41 33.66
CA SER A 2 -39.99 58.33 34.40
C SER A 2 -38.53 58.68 34.67
N SER A 3 -37.98 58.13 35.75
CA SER A 3 -36.60 58.38 36.13
C SER A 3 -35.65 57.56 35.27
N GLY A 4 -35.95 56.28 35.10
CA GLY A 4 -35.11 55.42 34.29
C GLY A 4 -33.86 54.98 35.03
N SER A 5 -33.48 53.72 34.86
CA SER A 5 -32.31 53.18 35.52
C SER A 5 -31.91 51.83 34.90
N SER A 6 -30.68 51.40 35.18
CA SER A 6 -30.17 50.14 34.65
C SER A 6 -28.88 49.74 35.35
N GLY A 7 -28.36 48.57 34.99
CA GLY A 7 -27.13 48.08 35.59
C GLY A 7 -27.09 46.58 35.69
N SER A 8 -25.89 46.03 35.83
CA SER A 8 -25.71 44.58 35.93
C SER A 8 -24.29 44.23 36.33
N PRO A 9 -24.13 43.57 37.49
CA PRO A 9 -22.82 43.16 38.00
C PRO A 9 -22.19 42.05 37.16
N GLU A 10 -20.97 41.65 37.54
CA GLU A 10 -20.27 40.59 36.82
C GLU A 10 -19.06 40.12 37.61
N TYR A 11 -18.68 38.86 37.42
CA TYR A 11 -17.54 38.29 38.12
C TYR A 11 -17.21 36.90 37.57
N GLY A 12 -16.13 36.31 38.08
CA GLY A 12 -15.73 34.99 37.64
C GLY A 12 -14.67 34.38 38.53
N MET A 13 -14.18 33.20 38.14
CA MET A 13 -13.16 32.51 38.92
C MET A 13 -12.40 31.51 38.05
N PRO A 14 -11.07 31.45 38.25
CA PRO A 14 -10.21 30.54 37.48
C PRO A 14 -10.44 29.07 37.86
N SER A 15 -9.61 28.19 37.31
CA SER A 15 -9.72 26.77 37.60
C SER A 15 -8.42 26.04 37.24
N VAL A 16 -8.28 24.83 37.76
CA VAL A 16 -7.09 24.02 37.50
C VAL A 16 -7.39 22.88 36.54
N THR A 17 -6.34 22.26 36.01
CA THR A 17 -6.49 21.15 35.08
C THR A 17 -5.49 20.04 35.37
N PHE A 18 -5.94 18.80 35.28
CA PHE A 18 -5.08 17.65 35.53
C PHE A 18 -3.95 17.57 34.51
N GLY A 19 -2.88 16.87 34.86
CA GLY A 19 -1.76 16.73 33.97
C GLY A 19 -0.97 15.46 34.21
N SER A 20 -0.60 14.78 33.12
CA SER A 20 0.15 13.53 33.22
C SER A 20 0.99 13.30 31.98
N VAL A 21 2.05 12.51 32.11
CA VAL A 21 2.93 12.20 30.99
C VAL A 21 2.14 11.98 29.71
N HIS A 22 2.76 12.26 28.57
CA HIS A 22 2.12 12.09 27.28
C HIS A 22 1.49 10.70 27.16
N PRO A 23 0.38 10.62 26.42
CA PRO A 23 -0.34 9.36 26.22
C PRO A 23 0.43 8.39 25.33
N SER A 24 0.22 7.09 25.55
CA SER A 24 0.90 6.07 24.78
C SER A 24 0.22 5.87 23.42
N ASP A 25 0.65 6.64 22.43
CA ASP A 25 0.09 6.55 21.09
C ASP A 25 0.69 5.37 20.33
N VAL A 26 0.13 4.18 20.57
CA VAL A 26 0.61 2.98 19.91
C VAL A 26 -0.43 1.87 19.97
N LEU A 27 -0.82 1.36 18.80
CA LEU A 27 -1.82 0.30 18.73
C LEU A 27 -1.44 -0.72 17.65
N ASP A 28 -2.11 -1.86 17.66
CA ASP A 28 -1.85 -2.91 16.68
C ASP A 28 -3.16 -3.44 16.11
N MET A 29 -3.31 -3.34 14.79
CA MET A 29 -4.51 -3.81 14.10
C MET A 29 -4.31 -3.81 12.59
N PRO A 30 -5.06 -4.69 11.90
CA PRO A 30 -4.98 -4.80 10.44
C PRO A 30 -5.59 -3.59 9.73
N VAL A 31 -4.94 -3.15 8.66
CA VAL A 31 -5.42 -2.01 7.90
C VAL A 31 -6.85 -2.22 7.42
N ASP A 32 -7.41 -1.20 6.76
CA ASP A 32 -8.77 -1.28 6.26
C ASP A 32 -8.84 -0.76 4.83
N PRO A 33 -9.88 -1.21 4.09
CA PRO A 33 -10.09 -0.80 2.70
C PRO A 33 -10.50 0.65 2.57
N ASN A 34 -10.56 1.35 3.71
CA ASN A 34 -10.95 2.76 3.73
C ASN A 34 -9.89 3.62 3.04
N GLU A 35 -8.62 3.36 3.35
CA GLU A 35 -7.52 4.11 2.76
C GLU A 35 -7.80 4.43 1.29
N PRO A 36 -7.17 5.49 0.77
CA PRO A 36 -7.34 5.92 -0.62
C PRO A 36 -6.70 4.95 -1.61
N THR A 37 -7.13 5.01 -2.86
CA THR A 37 -6.61 4.14 -3.90
C THR A 37 -6.08 4.94 -5.07
N TYR A 38 -4.87 4.62 -5.52
CA TYR A 38 -4.25 5.31 -6.63
C TYR A 38 -4.04 4.36 -7.81
N CYS A 39 -3.38 3.25 -7.55
CA CYS A 39 -3.10 2.26 -8.58
C CYS A 39 -4.31 2.09 -9.51
N LEU A 40 -4.07 1.55 -10.70
CA LEU A 40 -5.12 1.34 -11.67
C LEU A 40 -6.24 0.47 -11.10
N CYS A 41 -5.85 -0.64 -10.47
CA CYS A 41 -6.82 -1.55 -9.87
C CYS A 41 -7.63 -0.85 -8.78
N HIS A 42 -7.21 0.37 -8.42
CA HIS A 42 -7.90 1.14 -7.40
C HIS A 42 -7.85 0.43 -6.05
N GLN A 43 -6.64 0.10 -5.60
CA GLN A 43 -6.46 -0.58 -4.33
C GLN A 43 -5.74 0.32 -3.33
N VAL A 44 -5.80 -0.05 -2.05
CA VAL A 44 -5.15 0.72 -1.01
C VAL A 44 -3.64 0.48 -1.00
N SER A 45 -2.88 1.57 -1.12
CA SER A 45 -1.43 1.49 -1.14
C SER A 45 -0.90 0.82 0.13
N TYR A 46 -0.11 -0.23 -0.04
CA TYR A 46 0.45 -0.96 1.08
C TYR A 46 1.93 -0.62 1.27
N GLY A 47 2.47 0.16 0.34
CA GLY A 47 3.87 0.54 0.42
C GLY A 47 4.60 0.37 -0.90
N GLU A 48 5.05 -0.85 -1.16
CA GLU A 48 5.77 -1.14 -2.40
C GLU A 48 5.13 -0.42 -3.58
N MET A 49 5.61 0.79 -3.86
CA MET A 49 5.08 1.58 -4.96
C MET A 49 6.22 2.11 -5.84
N ILE A 50 5.92 2.36 -7.10
CA ILE A 50 6.91 2.88 -8.04
C ILE A 50 6.52 4.25 -8.57
N GLY A 51 5.22 4.46 -8.74
CA GLY A 51 4.72 5.73 -9.24
C GLY A 51 5.27 6.07 -10.61
N CYS A 52 4.65 7.04 -11.27
CA CYS A 52 5.08 7.45 -12.60
C CYS A 52 6.06 8.62 -12.52
N ASP A 53 7.14 8.53 -13.27
CA ASP A 53 8.16 9.58 -13.29
C ASP A 53 7.56 10.92 -13.71
N ASN A 54 6.46 10.86 -14.46
CA ASN A 54 5.79 12.07 -14.93
C ASN A 54 5.07 12.76 -13.77
N PRO A 55 5.48 14.00 -13.47
CA PRO A 55 4.89 14.80 -12.40
C PRO A 55 3.48 15.25 -12.73
N ASP A 56 3.11 15.16 -14.00
CA ASP A 56 1.78 15.55 -14.44
C ASP A 56 0.79 14.41 -14.29
N CYS A 57 1.27 13.19 -14.46
CA CYS A 57 0.43 12.00 -14.34
C CYS A 57 -0.47 12.09 -13.10
N SER A 58 -1.78 12.07 -13.32
CA SER A 58 -2.74 12.16 -12.23
C SER A 58 -2.49 11.05 -11.21
N ILE A 59 -2.45 9.82 -11.68
CA ILE A 59 -2.22 8.67 -10.82
C ILE A 59 -0.81 8.69 -10.22
N GLU A 60 0.18 8.57 -11.09
CA GLU A 60 1.58 8.58 -10.67
C GLU A 60 1.77 7.73 -9.41
N TRP A 61 1.04 6.62 -9.34
CA TRP A 61 1.13 5.72 -8.20
C TRP A 61 0.51 4.36 -8.52
N PHE A 62 1.34 3.32 -8.51
CA PHE A 62 0.87 1.97 -8.80
C PHE A 62 1.59 0.95 -7.94
N HIS A 63 1.32 -0.33 -8.19
CA HIS A 63 1.95 -1.41 -7.43
C HIS A 63 2.98 -2.15 -8.28
N PHE A 64 3.52 -3.24 -7.74
CA PHE A 64 4.51 -4.03 -8.46
C PHE A 64 3.86 -5.25 -9.11
N ALA A 65 3.01 -5.93 -8.36
CA ALA A 65 2.32 -7.11 -8.88
C ALA A 65 1.06 -6.71 -9.65
N CYS A 66 1.06 -5.49 -10.18
CA CYS A 66 -0.08 -5.00 -10.95
C CYS A 66 0.35 -4.56 -12.34
N VAL A 67 1.61 -4.17 -12.47
CA VAL A 67 2.15 -3.74 -13.75
C VAL A 67 3.29 -4.63 -14.20
N GLY A 68 4.01 -5.20 -13.24
CA GLY A 68 5.12 -6.07 -13.55
C GLY A 68 6.45 -5.52 -13.07
N LEU A 69 6.64 -5.52 -11.75
CA LEU A 69 7.87 -5.00 -11.16
C LEU A 69 8.37 -5.95 -10.06
N THR A 70 9.67 -6.23 -10.08
CA THR A 70 10.28 -7.10 -9.09
C THR A 70 11.12 -6.32 -8.10
N THR A 71 11.83 -5.31 -8.60
CA THR A 71 12.69 -4.48 -7.76
C THR A 71 12.49 -3.00 -8.07
N LYS A 72 11.98 -2.27 -7.09
CA LYS A 72 11.75 -0.84 -7.25
C LYS A 72 12.86 -0.19 -8.08
N PRO A 73 12.51 0.25 -9.30
CA PRO A 73 13.46 0.90 -10.21
C PRO A 73 13.89 2.28 -9.71
N ARG A 74 13.02 2.93 -8.95
CA ARG A 74 13.31 4.25 -8.41
C ARG A 74 14.17 5.05 -9.38
N GLY A 75 13.90 4.90 -10.68
CA GLY A 75 14.66 5.61 -11.68
C GLY A 75 13.77 6.29 -12.71
N LYS A 76 13.53 5.60 -13.81
CA LYS A 76 12.69 6.14 -14.88
C LYS A 76 11.63 5.13 -15.31
N TRP A 77 10.68 4.86 -14.42
CA TRP A 77 9.61 3.91 -14.70
C TRP A 77 8.31 4.64 -15.04
N PHE A 78 7.99 4.68 -16.33
CA PHE A 78 6.77 5.35 -16.79
C PHE A 78 5.62 4.35 -16.91
N CYS A 79 4.47 4.72 -16.34
CA CYS A 79 3.30 3.86 -16.38
C CYS A 79 2.94 3.48 -17.81
N PRO A 80 2.27 2.32 -17.97
CA PRO A 80 1.87 1.82 -19.29
C PRO A 80 0.77 2.66 -19.92
N ARG A 81 0.42 3.77 -19.27
CA ARG A 81 -0.61 4.66 -19.76
C ARG A 81 -0.01 5.91 -20.39
N CYS A 82 1.19 6.29 -19.93
CA CYS A 82 1.88 7.46 -20.44
C CYS A 82 2.77 7.09 -21.61
N SER A 83 3.64 6.12 -21.40
CA SER A 83 4.57 5.67 -22.45
C SER A 83 3.86 5.62 -23.80
N GLN A 84 2.66 5.04 -23.82
CA GLN A 84 1.89 4.92 -25.05
C GLN A 84 1.28 6.27 -25.43
N GLU A 85 0.96 7.08 -24.43
CA GLU A 85 0.38 8.39 -24.67
C GLU A 85 1.36 9.51 -24.32
N SER A 86 1.95 10.10 -25.34
CA SER A 86 2.92 11.18 -25.14
C SER A 86 2.23 12.54 -25.13
N GLY A 87 1.28 12.72 -26.05
CA GLY A 87 0.56 13.97 -26.14
C GLY A 87 1.48 15.18 -26.05
N PRO A 88 1.18 16.09 -25.12
CA PRO A 88 1.97 17.31 -24.91
C PRO A 88 3.34 17.02 -24.32
N SER A 89 4.34 16.87 -25.20
CA SER A 89 5.70 16.58 -24.76
C SER A 89 6.14 17.57 -23.68
N SER A 90 6.76 17.04 -22.62
CA SER A 90 7.23 17.87 -21.52
C SER A 90 8.53 17.31 -20.94
N GLY A 91 9.62 18.03 -21.20
CA GLY A 91 10.92 17.60 -20.70
C GLY A 91 12.04 18.49 -21.15
N GLY A 1 -55.50 -84.76 28.07
CA GLY A 1 -55.28 -83.65 28.98
C GLY A 1 -53.98 -82.93 28.70
N SER A 2 -53.87 -81.70 29.21
CA SER A 2 -52.67 -80.90 29.01
C SER A 2 -52.76 -79.60 29.81
N SER A 3 -51.61 -78.94 29.98
CA SER A 3 -51.55 -77.69 30.72
C SER A 3 -50.16 -77.06 30.61
N GLY A 4 -50.00 -75.90 31.24
CA GLY A 4 -48.72 -75.21 31.20
C GLY A 4 -48.79 -73.82 31.79
N SER A 5 -47.64 -73.26 32.14
CA SER A 5 -47.58 -71.93 32.71
C SER A 5 -46.13 -71.47 32.89
N SER A 6 -45.94 -70.18 33.10
CA SER A 6 -44.61 -69.61 33.28
C SER A 6 -44.68 -68.14 33.66
N GLY A 7 -43.53 -67.53 33.88
CA GLY A 7 -43.48 -66.12 34.25
C GLY A 7 -42.09 -65.53 34.12
N SER A 8 -41.95 -64.27 34.50
CA SER A 8 -40.66 -63.58 34.42
C SER A 8 -40.74 -62.21 35.07
N PRO A 9 -39.88 -61.98 36.07
CA PRO A 9 -39.83 -60.70 36.80
C PRO A 9 -39.27 -59.57 35.93
N GLU A 10 -39.11 -58.40 36.54
CA GLU A 10 -38.59 -57.24 35.83
C GLU A 10 -37.91 -56.27 36.80
N TYR A 11 -37.35 -55.20 36.25
CA TYR A 11 -36.67 -54.20 37.06
C TYR A 11 -36.37 -52.94 36.23
N GLY A 12 -35.88 -51.90 36.91
CA GLY A 12 -35.56 -50.66 36.23
C GLY A 12 -34.80 -49.70 37.11
N MET A 13 -34.33 -48.60 36.53
CA MET A 13 -33.58 -47.60 37.26
C MET A 13 -33.86 -46.20 36.73
N PRO A 14 -33.97 -45.22 37.65
CA PRO A 14 -34.25 -43.83 37.30
C PRO A 14 -33.08 -43.17 36.60
N SER A 15 -33.22 -41.88 36.29
CA SER A 15 -32.17 -41.13 35.61
C SER A 15 -31.90 -39.81 36.33
N VAL A 16 -30.80 -39.16 35.96
CA VAL A 16 -30.42 -37.89 36.56
C VAL A 16 -30.38 -36.78 35.52
N THR A 17 -30.22 -35.55 35.99
CA THR A 17 -30.17 -34.38 35.10
C THR A 17 -29.01 -33.46 35.47
N PHE A 18 -28.38 -32.89 34.46
CA PHE A 18 -27.25 -31.99 34.68
C PHE A 18 -27.45 -30.67 33.91
N GLY A 19 -26.53 -29.73 34.11
CA GLY A 19 -26.63 -28.45 33.45
C GLY A 19 -25.52 -27.51 33.85
N SER A 20 -25.26 -26.50 33.01
CA SER A 20 -24.22 -25.53 33.28
C SER A 20 -24.47 -24.23 32.52
N VAL A 21 -23.83 -23.15 32.98
CA VAL A 21 -23.99 -21.85 32.35
C VAL A 21 -22.80 -21.51 31.46
N HIS A 22 -23.06 -21.28 30.18
CA HIS A 22 -22.01 -20.95 29.23
C HIS A 22 -21.29 -19.67 29.65
N PRO A 23 -19.98 -19.61 29.36
CA PRO A 23 -19.15 -18.44 29.70
C PRO A 23 -19.49 -17.22 28.85
N SER A 24 -19.45 -16.04 29.47
CA SER A 24 -19.76 -14.81 28.77
C SER A 24 -18.94 -14.68 27.49
N ASP A 25 -19.37 -13.78 26.60
CA ASP A 25 -18.67 -13.58 25.34
C ASP A 25 -18.79 -12.11 24.90
N VAL A 26 -17.64 -11.44 24.81
CA VAL A 26 -17.61 -10.04 24.41
C VAL A 26 -16.48 -9.79 23.40
N LEU A 27 -16.86 -9.34 22.21
CA LEU A 27 -15.89 -9.06 21.15
C LEU A 27 -15.84 -7.57 20.85
N ASP A 28 -14.86 -7.17 20.04
CA ASP A 28 -14.70 -5.76 19.67
C ASP A 28 -14.59 -5.62 18.15
N MET A 29 -15.55 -4.91 17.57
CA MET A 29 -15.57 -4.69 16.12
C MET A 29 -14.16 -4.45 15.60
N PRO A 30 -13.77 -5.20 14.56
CA PRO A 30 -12.44 -5.08 13.94
C PRO A 30 -12.29 -3.78 13.17
N VAL A 31 -11.35 -2.94 13.64
CA VAL A 31 -11.10 -1.66 12.99
C VAL A 31 -10.64 -1.85 11.55
N ASP A 32 -11.14 -1.00 10.66
CA ASP A 32 -10.78 -1.07 9.24
C ASP A 32 -9.79 0.02 8.87
N PRO A 33 -8.96 -0.25 7.86
CA PRO A 33 -7.95 0.71 7.38
C PRO A 33 -8.57 1.92 6.70
N ASN A 34 -9.47 1.67 5.75
CA ASN A 34 -10.14 2.74 5.03
C ASN A 34 -9.12 3.68 4.38
N GLU A 35 -8.00 3.12 3.95
CA GLU A 35 -6.94 3.90 3.33
C GLU A 35 -7.29 4.25 1.88
N PRO A 36 -6.76 5.37 1.39
CA PRO A 36 -7.02 5.83 0.02
C PRO A 36 -6.34 4.95 -1.02
N THR A 37 -6.98 4.80 -2.18
CA THR A 37 -6.45 3.98 -3.26
C THR A 37 -5.84 4.84 -4.35
N TYR A 38 -4.78 4.35 -4.97
CA TYR A 38 -4.11 5.07 -6.05
C TYR A 38 -4.00 4.22 -7.30
N CYS A 39 -3.31 3.08 -7.18
CA CYS A 39 -3.13 2.17 -8.30
C CYS A 39 -4.40 2.09 -9.14
N LEU A 40 -4.25 1.67 -10.39
CA LEU A 40 -5.38 1.54 -11.30
C LEU A 40 -6.45 0.63 -10.71
N CYS A 41 -6.02 -0.46 -10.10
CA CYS A 41 -6.93 -1.42 -9.48
C CYS A 41 -7.75 -0.76 -8.38
N HIS A 42 -7.35 0.45 -8.00
CA HIS A 42 -8.05 1.19 -6.95
C HIS A 42 -7.96 0.45 -5.61
N GLN A 43 -6.75 0.11 -5.20
CA GLN A 43 -6.53 -0.59 -3.94
C GLN A 43 -5.76 0.28 -2.96
N VAL A 44 -5.86 -0.07 -1.68
CA VAL A 44 -5.16 0.68 -0.63
C VAL A 44 -3.66 0.63 -0.84
N SER A 45 -3.05 1.81 -1.01
CA SER A 45 -1.61 1.91 -1.22
C SER A 45 -0.84 1.29 -0.06
N TYR A 46 -0.17 0.18 -0.32
CA TYR A 46 0.60 -0.51 0.71
C TYR A 46 1.99 0.10 0.84
N GLY A 47 2.79 -0.02 -0.21
CA GLY A 47 4.13 0.52 -0.19
C GLY A 47 4.95 0.11 -1.39
N GLU A 48 4.58 -1.03 -1.99
CA GLU A 48 5.29 -1.54 -3.16
C GLU A 48 4.92 -0.75 -4.41
N MET A 49 5.18 0.56 -4.37
CA MET A 49 4.88 1.43 -5.50
C MET A 49 6.16 2.03 -6.09
N ILE A 50 6.04 2.59 -7.29
CA ILE A 50 7.19 3.19 -7.95
C ILE A 50 6.92 4.65 -8.31
N GLY A 51 5.66 4.97 -8.57
CA GLY A 51 5.28 6.33 -8.92
C GLY A 51 5.69 6.70 -10.33
N CYS A 52 4.76 7.26 -11.08
CA CYS A 52 5.03 7.67 -12.46
C CYS A 52 5.90 8.93 -12.49
N ASP A 53 6.93 8.91 -13.33
CA ASP A 53 7.83 10.05 -13.46
C ASP A 53 7.10 11.24 -14.06
N ASN A 54 6.11 10.97 -14.91
CA ASN A 54 5.35 12.02 -15.56
C ASN A 54 4.62 12.88 -14.53
N PRO A 55 4.95 14.17 -14.49
CA PRO A 55 4.35 15.13 -13.55
C PRO A 55 2.89 15.42 -13.89
N ASP A 56 2.50 15.12 -15.13
CA ASP A 56 1.13 15.35 -15.57
C ASP A 56 0.21 14.21 -15.11
N CYS A 57 0.75 12.99 -15.11
CA CYS A 57 -0.03 11.83 -14.69
C CYS A 57 -0.82 12.13 -13.42
N SER A 58 -2.11 11.82 -13.45
CA SER A 58 -2.99 12.06 -12.32
C SER A 58 -2.73 11.03 -11.21
N ILE A 59 -2.70 9.76 -11.59
CA ILE A 59 -2.46 8.69 -10.64
C ILE A 59 -1.00 8.65 -10.20
N GLU A 60 -0.10 8.51 -11.15
CA GLU A 60 1.33 8.47 -10.86
C GLU A 60 1.61 7.59 -9.64
N TRP A 61 0.89 6.47 -9.55
CA TRP A 61 1.06 5.55 -8.44
C TRP A 61 0.45 4.19 -8.76
N PHE A 62 1.24 3.14 -8.61
CA PHE A 62 0.78 1.78 -8.88
C PHE A 62 1.61 0.76 -8.13
N HIS A 63 1.14 -0.49 -8.13
CA HIS A 63 1.85 -1.57 -7.44
C HIS A 63 2.75 -2.33 -8.40
N PHE A 64 3.50 -3.29 -7.86
CA PHE A 64 4.41 -4.10 -8.67
C PHE A 64 3.69 -5.32 -9.24
N ALA A 65 2.84 -5.93 -8.42
CA ALA A 65 2.09 -7.11 -8.84
C ALA A 65 0.90 -6.73 -9.71
N CYS A 66 0.92 -5.50 -10.21
CA CYS A 66 -0.17 -5.00 -11.06
C CYS A 66 0.34 -4.67 -12.46
N VAL A 67 1.62 -4.34 -12.55
CA VAL A 67 2.23 -3.99 -13.83
C VAL A 67 3.48 -4.83 -14.08
N GLY A 68 4.15 -5.23 -13.01
CA GLY A 68 5.35 -6.04 -13.14
C GLY A 68 6.60 -5.27 -12.79
N LEU A 69 6.78 -4.98 -11.51
CA LEU A 69 7.95 -4.25 -11.04
C LEU A 69 8.54 -4.90 -9.79
N THR A 70 9.20 -6.04 -9.99
CA THR A 70 9.81 -6.77 -8.88
C THR A 70 10.21 -5.81 -7.76
N THR A 71 11.07 -4.85 -8.08
CA THR A 71 11.53 -3.88 -7.09
C THR A 71 11.47 -2.46 -7.65
N LYS A 72 11.38 -1.47 -6.77
CA LYS A 72 11.33 -0.08 -7.18
C LYS A 72 12.49 0.26 -8.09
N PRO A 73 12.19 0.48 -9.38
CA PRO A 73 13.21 0.81 -10.39
C PRO A 73 13.78 2.21 -10.19
N ARG A 74 12.95 3.11 -9.66
CA ARG A 74 13.38 4.49 -9.42
C ARG A 74 14.35 4.95 -10.50
N GLY A 75 14.08 4.57 -11.74
CA GLY A 75 14.94 4.96 -12.84
C GLY A 75 14.15 5.45 -14.04
N LYS A 76 13.33 6.47 -13.82
CA LYS A 76 12.53 7.05 -14.89
C LYS A 76 11.51 6.04 -15.40
N TRP A 77 10.75 5.45 -14.48
CA TRP A 77 9.74 4.47 -14.84
C TRP A 77 8.42 5.14 -15.19
N PHE A 78 7.94 4.91 -16.42
CA PHE A 78 6.70 5.50 -16.88
C PHE A 78 5.58 4.45 -16.93
N CYS A 79 4.43 4.82 -16.40
CA CYS A 79 3.28 3.91 -16.37
C CYS A 79 2.92 3.46 -17.79
N PRO A 80 2.26 2.29 -17.87
CA PRO A 80 1.84 1.73 -19.16
C PRO A 80 0.72 2.53 -19.82
N ARG A 81 0.39 3.67 -19.22
CA ARG A 81 -0.66 4.53 -19.74
C ARG A 81 -0.07 5.78 -20.38
N CYS A 82 1.12 6.16 -19.93
CA CYS A 82 1.79 7.35 -20.45
C CYS A 82 2.72 6.98 -21.61
N SER A 83 3.58 6.00 -21.38
CA SER A 83 4.52 5.55 -22.39
C SER A 83 3.92 5.65 -23.78
N GLN A 84 2.62 5.34 -23.87
CA GLN A 84 1.93 5.39 -25.15
C GLN A 84 1.90 6.82 -25.70
N GLU A 85 1.50 7.76 -24.85
CA GLU A 85 1.42 9.16 -25.24
C GLU A 85 2.80 9.81 -25.19
N SER A 86 3.41 9.98 -26.37
CA SER A 86 4.73 10.59 -26.46
C SER A 86 4.63 12.10 -26.61
N GLY A 87 3.74 12.54 -27.51
CA GLY A 87 3.56 13.96 -27.75
C GLY A 87 4.06 14.39 -29.10
N PRO A 88 3.47 15.47 -29.64
CA PRO A 88 3.84 16.01 -30.95
C PRO A 88 5.22 16.65 -30.94
N SER A 89 5.60 17.25 -32.07
CA SER A 89 6.90 17.90 -32.19
C SER A 89 6.86 19.30 -31.59
N SER A 90 6.30 19.42 -30.39
CA SER A 90 6.20 20.71 -29.72
C SER A 90 7.44 20.98 -28.87
N GLY A 91 7.48 22.14 -28.25
CA GLY A 91 8.61 22.50 -27.41
C GLY A 91 8.22 23.34 -26.21
N GLY A 1 -23.58 53.73 55.36
CA GLY A 1 -22.59 52.73 55.74
C GLY A 1 -21.88 52.14 54.55
N SER A 2 -21.05 51.12 54.80
CA SER A 2 -20.30 50.45 53.74
C SER A 2 -19.57 49.23 54.27
N SER A 3 -19.01 48.44 53.37
CA SER A 3 -18.28 47.24 53.73
C SER A 3 -17.62 46.60 52.52
N GLY A 4 -16.88 45.51 52.76
CA GLY A 4 -16.21 44.82 51.67
C GLY A 4 -15.71 43.46 52.08
N SER A 5 -15.08 42.76 51.14
CA SER A 5 -14.55 41.43 51.40
C SER A 5 -13.75 40.91 50.21
N SER A 6 -13.15 39.73 50.37
CA SER A 6 -12.34 39.14 49.31
C SER A 6 -11.97 37.70 49.66
N GLY A 7 -11.33 37.01 48.72
CA GLY A 7 -10.92 35.64 48.95
C GLY A 7 -10.82 34.84 47.66
N SER A 8 -10.16 33.69 47.74
CA SER A 8 -9.99 32.83 46.58
C SER A 8 -9.31 31.52 46.96
N PRO A 9 -10.00 30.40 46.70
CA PRO A 9 -9.49 29.06 47.01
C PRO A 9 -8.33 28.67 46.11
N GLU A 10 -7.86 27.43 46.26
CA GLU A 10 -6.75 26.93 45.44
C GLU A 10 -6.49 25.46 45.73
N TYR A 11 -6.23 24.69 44.68
CA TYR A 11 -5.97 23.26 44.81
C TYR A 11 -5.56 22.66 43.48
N GLY A 12 -5.18 21.38 43.50
CA GLY A 12 -4.77 20.70 42.29
C GLY A 12 -3.79 19.58 42.56
N MET A 13 -4.18 18.36 42.18
CA MET A 13 -3.33 17.20 42.39
C MET A 13 -3.42 16.24 41.21
N PRO A 14 -2.28 15.65 40.83
CA PRO A 14 -2.21 14.69 39.71
C PRO A 14 -2.90 13.37 40.02
N SER A 15 -2.76 12.41 39.13
CA SER A 15 -3.38 11.10 39.31
C SER A 15 -2.84 10.10 38.29
N VAL A 16 -2.76 8.84 38.71
CA VAL A 16 -2.26 7.78 37.83
C VAL A 16 -3.00 6.47 38.07
N THR A 17 -3.12 5.67 37.02
CA THR A 17 -3.82 4.38 37.11
C THR A 17 -3.18 3.35 36.19
N PHE A 18 -3.28 2.09 36.58
CA PHE A 18 -2.71 1.00 35.79
C PHE A 18 -3.77 -0.07 35.49
N GLY A 19 -3.37 -1.10 34.75
CA GLY A 19 -4.29 -2.17 34.41
C GLY A 19 -3.89 -2.89 33.13
N SER A 20 -4.34 -4.13 33.00
CA SER A 20 -4.03 -4.93 31.82
C SER A 20 -5.14 -5.93 31.53
N VAL A 21 -5.05 -6.59 30.38
CA VAL A 21 -6.05 -7.58 29.98
C VAL A 21 -5.48 -8.54 28.95
N HIS A 22 -5.91 -9.80 29.03
CA HIS A 22 -5.45 -10.82 28.09
C HIS A 22 -6.41 -10.95 26.91
N PRO A 23 -5.90 -11.50 25.79
CA PRO A 23 -6.68 -11.68 24.57
C PRO A 23 -7.75 -12.76 24.73
N SER A 24 -8.92 -12.38 25.22
CA SER A 24 -10.02 -13.32 25.42
C SER A 24 -10.33 -14.07 24.13
N ASP A 25 -11.14 -15.11 24.25
CA ASP A 25 -11.52 -15.92 23.10
C ASP A 25 -12.84 -15.43 22.50
N VAL A 26 -12.76 -14.44 21.64
CA VAL A 26 -13.95 -13.88 21.00
C VAL A 26 -13.57 -12.98 19.82
N LEU A 27 -14.16 -13.26 18.66
CA LEU A 27 -13.88 -12.49 17.46
C LEU A 27 -14.45 -11.08 17.57
N ASP A 28 -14.05 -10.20 16.65
CA ASP A 28 -14.53 -8.83 16.66
C ASP A 28 -14.29 -8.18 15.30
N MET A 29 -15.26 -7.38 14.85
CA MET A 29 -15.15 -6.70 13.57
C MET A 29 -13.71 -6.28 13.29
N PRO A 30 -13.18 -6.75 12.15
CA PRO A 30 -11.79 -6.45 11.75
C PRO A 30 -11.63 -4.98 11.33
N VAL A 31 -10.44 -4.44 11.57
CA VAL A 31 -10.16 -3.06 11.22
C VAL A 31 -10.04 -2.89 9.71
N ASP A 32 -10.70 -1.86 9.18
CA ASP A 32 -10.67 -1.58 7.75
C ASP A 32 -9.65 -0.48 7.43
N PRO A 33 -9.10 -0.53 6.20
CA PRO A 33 -8.11 0.45 5.74
C PRO A 33 -8.73 1.83 5.53
N ASN A 34 -9.86 1.88 4.84
CA ASN A 34 -10.54 3.13 4.56
C ASN A 34 -9.57 4.17 4.01
N GLU A 35 -8.50 3.69 3.37
CA GLU A 35 -7.50 4.58 2.79
C GLU A 35 -7.78 4.84 1.31
N PRO A 36 -7.20 5.93 0.79
CA PRO A 36 -7.38 6.31 -0.62
C PRO A 36 -6.69 5.35 -1.57
N THR A 37 -7.27 5.19 -2.76
CA THR A 37 -6.70 4.29 -3.76
C THR A 37 -6.15 5.07 -4.94
N TYR A 38 -4.93 4.74 -5.35
CA TYR A 38 -4.28 5.42 -6.47
C TYR A 38 -4.13 4.47 -7.66
N CYS A 39 -3.39 3.38 -7.44
CA CYS A 39 -3.16 2.39 -8.49
C CYS A 39 -4.40 2.24 -9.38
N LEU A 40 -4.17 1.82 -10.62
CA LEU A 40 -5.26 1.64 -11.57
C LEU A 40 -6.31 0.67 -11.01
N CYS A 41 -5.84 -0.36 -10.32
CA CYS A 41 -6.73 -1.35 -9.74
C CYS A 41 -7.62 -0.73 -8.67
N HIS A 42 -7.32 0.51 -8.30
CA HIS A 42 -8.10 1.22 -7.29
C HIS A 42 -8.02 0.53 -5.94
N GLN A 43 -6.79 0.31 -5.47
CA GLN A 43 -6.58 -0.35 -4.19
C GLN A 43 -5.71 0.50 -3.27
N VAL A 44 -5.75 0.21 -1.97
CA VAL A 44 -4.98 0.96 -1.00
C VAL A 44 -3.48 0.77 -1.23
N SER A 45 -2.73 1.86 -1.12
CA SER A 45 -1.28 1.81 -1.33
C SER A 45 -0.60 1.08 -0.18
N TYR A 46 0.11 0.00 -0.52
CA TYR A 46 0.81 -0.81 0.47
C TYR A 46 2.28 -0.94 0.11
N GLY A 47 3.06 0.08 0.44
CA GLY A 47 4.49 0.05 0.14
C GLY A 47 4.76 -0.14 -1.33
N GLU A 48 4.76 -1.40 -1.78
CA GLU A 48 5.01 -1.71 -3.18
C GLU A 48 4.49 -0.61 -4.10
N MET A 49 5.37 0.33 -4.44
CA MET A 49 4.99 1.44 -5.30
C MET A 49 6.21 2.01 -6.01
N ILE A 50 6.00 2.56 -7.20
CA ILE A 50 7.09 3.14 -7.98
C ILE A 50 6.79 4.59 -8.34
N GLY A 51 5.50 4.93 -8.41
CA GLY A 51 5.10 6.28 -8.74
C GLY A 51 5.63 6.72 -10.09
N CYS A 52 4.74 6.84 -11.07
CA CYS A 52 5.11 7.25 -12.42
C CYS A 52 6.13 8.38 -12.36
N ASP A 53 7.10 8.34 -13.27
CA ASP A 53 8.14 9.35 -13.33
C ASP A 53 7.59 10.66 -13.91
N ASN A 54 6.39 10.59 -14.46
CA ASN A 54 5.75 11.76 -15.04
C ASN A 54 5.03 12.59 -13.98
N PRO A 55 5.44 13.86 -13.84
CA PRO A 55 4.86 14.77 -12.86
C PRO A 55 3.44 15.18 -13.22
N ASP A 56 3.10 15.06 -14.50
CA ASP A 56 1.77 15.41 -14.98
C ASP A 56 0.77 14.30 -14.65
N CYS A 57 1.23 13.06 -14.72
CA CYS A 57 0.38 11.90 -14.45
C CYS A 57 -0.44 12.13 -13.18
N SER A 58 -1.75 11.97 -13.31
CA SER A 58 -2.67 12.17 -12.18
C SER A 58 -2.45 11.08 -11.13
N ILE A 59 -2.44 9.82 -11.57
CA ILE A 59 -2.25 8.71 -10.67
C ILE A 59 -0.82 8.66 -10.13
N GLU A 60 0.14 8.66 -11.05
CA GLU A 60 1.55 8.62 -10.69
C GLU A 60 1.77 7.73 -9.46
N TRP A 61 1.01 6.64 -9.38
CA TRP A 61 1.12 5.70 -8.27
C TRP A 61 0.50 4.36 -8.62
N PHE A 62 1.29 3.29 -8.46
CA PHE A 62 0.82 1.94 -8.77
C PHE A 62 1.58 0.91 -7.94
N HIS A 63 1.31 -0.36 -8.21
CA HIS A 63 1.96 -1.45 -7.49
C HIS A 63 2.87 -2.25 -8.42
N PHE A 64 3.54 -3.25 -7.87
CA PHE A 64 4.45 -4.09 -8.65
C PHE A 64 3.71 -5.30 -9.23
N ALA A 65 2.80 -5.86 -8.43
CA ALA A 65 2.03 -7.02 -8.87
C ALA A 65 0.85 -6.61 -9.74
N CYS A 66 0.94 -5.40 -10.30
CA CYS A 66 -0.12 -4.88 -11.14
C CYS A 66 0.41 -4.54 -12.53
N VAL A 67 1.72 -4.29 -12.61
CA VAL A 67 2.35 -3.96 -13.88
C VAL A 67 3.56 -4.85 -14.14
N GLY A 68 4.27 -5.21 -13.07
CA GLY A 68 5.44 -6.05 -13.21
C GLY A 68 6.72 -5.35 -12.77
N LEU A 69 6.80 -5.03 -11.48
CA LEU A 69 7.97 -4.35 -10.94
C LEU A 69 8.44 -5.03 -9.66
N THR A 70 8.86 -6.29 -9.78
CA THR A 70 9.34 -7.04 -8.63
C THR A 70 10.00 -6.14 -7.60
N THR A 71 10.73 -5.14 -8.08
CA THR A 71 11.41 -4.19 -7.20
C THR A 71 11.26 -2.77 -7.72
N LYS A 72 11.06 -1.83 -6.79
CA LYS A 72 10.90 -0.43 -7.14
C LYS A 72 12.08 0.06 -7.97
N PRO A 73 11.79 0.57 -9.18
CA PRO A 73 12.82 1.08 -10.09
C PRO A 73 13.45 2.38 -9.58
N ARG A 74 12.71 3.10 -8.74
CA ARG A 74 13.20 4.36 -8.19
C ARG A 74 14.07 5.10 -9.21
N GLY A 75 13.55 5.24 -10.43
CA GLY A 75 14.28 5.92 -11.48
C GLY A 75 13.38 6.50 -12.54
N LYS A 76 13.35 5.86 -13.70
CA LYS A 76 12.52 6.31 -14.81
C LYS A 76 11.52 5.24 -15.21
N TRP A 77 10.36 5.24 -14.53
CA TRP A 77 9.31 4.27 -14.81
C TRP A 77 8.01 4.98 -15.18
N PHE A 78 7.69 4.97 -16.48
CA PHE A 78 6.48 5.60 -16.97
C PHE A 78 5.35 4.57 -17.14
N CYS A 79 4.30 4.73 -16.35
CA CYS A 79 3.16 3.82 -16.41
C CYS A 79 2.87 3.42 -17.85
N PRO A 80 2.25 2.23 -18.02
CA PRO A 80 1.90 1.70 -19.34
C PRO A 80 0.78 2.49 -20.01
N ARG A 81 0.39 3.59 -19.37
CA ARG A 81 -0.68 4.43 -19.90
C ARG A 81 -0.13 5.75 -20.43
N CYS A 82 1.04 6.14 -19.93
CA CYS A 82 1.68 7.38 -20.35
C CYS A 82 2.54 7.15 -21.59
N SER A 83 3.49 6.23 -21.49
CA SER A 83 4.38 5.92 -22.61
C SER A 83 3.62 5.94 -23.92
N GLN A 84 2.50 5.21 -23.97
CA GLN A 84 1.68 5.14 -25.17
C GLN A 84 2.38 4.34 -26.26
N GLU A 85 3.09 3.29 -25.85
CA GLU A 85 3.82 2.44 -26.80
C GLU A 85 4.81 3.27 -27.62
N SER A 86 5.54 4.15 -26.95
CA SER A 86 6.52 5.00 -27.61
C SER A 86 7.81 4.23 -27.88
N GLY A 87 8.02 3.16 -27.13
CA GLY A 87 9.22 2.36 -27.31
C GLY A 87 9.30 1.75 -28.69
N PRO A 88 10.53 1.42 -29.13
CA PRO A 88 10.77 0.82 -30.44
C PRO A 88 10.26 -0.61 -30.53
N SER A 89 9.30 -0.84 -31.42
CA SER A 89 8.72 -2.16 -31.59
C SER A 89 8.50 -2.46 -33.07
N SER A 90 8.40 -3.75 -33.40
CA SER A 90 8.19 -4.17 -34.79
C SER A 90 7.17 -3.27 -35.48
N GLY A 91 7.56 -2.76 -36.65
CA GLY A 91 6.67 -1.89 -37.40
C GLY A 91 5.73 -2.66 -38.29
N GLY A 1 -85.94 -7.21 24.24
CA GLY A 1 -85.11 -6.09 24.63
C GLY A 1 -83.68 -6.22 24.14
N SER A 2 -82.78 -5.45 24.76
CA SER A 2 -81.37 -5.48 24.37
C SER A 2 -80.50 -4.83 25.44
N SER A 3 -79.19 -4.84 25.21
CA SER A 3 -78.25 -4.27 26.17
C SER A 3 -76.96 -3.84 25.47
N GLY A 4 -76.07 -3.18 26.21
CA GLY A 4 -74.81 -2.73 25.66
C GLY A 4 -73.65 -2.92 26.60
N SER A 5 -72.54 -2.26 26.31
CA SER A 5 -71.35 -2.36 27.15
C SER A 5 -70.39 -1.21 26.86
N SER A 6 -69.48 -0.97 27.79
CA SER A 6 -68.49 0.11 27.64
C SER A 6 -67.11 -0.36 28.08
N GLY A 7 -66.11 0.50 27.92
CA GLY A 7 -64.76 0.17 28.30
C GLY A 7 -64.09 1.28 29.09
N SER A 8 -62.76 1.29 29.08
CA SER A 8 -62.00 2.30 29.80
C SER A 8 -60.60 2.46 29.20
N PRO A 9 -60.12 3.71 29.14
CA PRO A 9 -58.80 4.03 28.59
C PRO A 9 -57.66 3.53 29.48
N GLU A 10 -56.44 3.86 29.11
CA GLU A 10 -55.27 3.45 29.87
C GLU A 10 -54.10 4.41 29.65
N TYR A 11 -53.13 4.38 30.55
CA TYR A 11 -51.97 5.26 30.46
C TYR A 11 -50.68 4.45 30.56
N GLY A 12 -49.55 5.13 30.41
CA GLY A 12 -48.26 4.46 30.48
C GLY A 12 -47.13 5.41 30.83
N MET A 13 -45.90 4.93 30.70
CA MET A 13 -44.74 5.75 31.01
C MET A 13 -43.47 5.13 30.42
N PRO A 14 -42.68 5.97 29.72
CA PRO A 14 -41.43 5.53 29.09
C PRO A 14 -40.35 5.19 30.11
N SER A 15 -39.35 4.44 29.68
CA SER A 15 -38.25 4.03 30.56
C SER A 15 -36.91 4.19 29.86
N VAL A 16 -35.83 4.10 30.63
CA VAL A 16 -34.48 4.23 30.08
C VAL A 16 -33.44 3.63 31.03
N THR A 17 -32.50 2.89 30.47
CA THR A 17 -31.45 2.27 31.27
C THR A 17 -30.38 1.64 30.37
N PHE A 18 -29.18 1.46 30.92
CA PHE A 18 -28.08 0.88 30.17
C PHE A 18 -27.24 -0.02 31.06
N GLY A 19 -26.62 -1.03 30.46
CA GLY A 19 -25.79 -1.95 31.22
C GLY A 19 -24.76 -2.66 30.36
N SER A 20 -23.48 -2.42 30.63
CA SER A 20 -22.41 -3.03 29.87
C SER A 20 -21.16 -3.20 30.74
N VAL A 21 -20.27 -4.10 30.31
CA VAL A 21 -19.05 -4.36 31.03
C VAL A 21 -17.82 -4.15 30.15
N HIS A 22 -16.67 -3.95 30.79
CA HIS A 22 -15.42 -3.73 30.05
C HIS A 22 -15.39 -4.56 28.77
N PRO A 23 -14.97 -3.93 27.67
CA PRO A 23 -14.89 -4.61 26.37
C PRO A 23 -13.77 -5.65 26.32
N SER A 24 -12.60 -5.28 26.82
CA SER A 24 -11.45 -6.18 26.83
C SER A 24 -11.34 -6.94 25.51
N ASP A 25 -11.60 -6.24 24.42
CA ASP A 25 -11.53 -6.85 23.08
C ASP A 25 -10.76 -5.95 22.12
N VAL A 26 -9.62 -5.45 22.57
CA VAL A 26 -8.79 -4.59 21.74
C VAL A 26 -7.98 -5.40 20.74
N LEU A 27 -8.67 -5.91 19.72
CA LEU A 27 -8.02 -6.71 18.68
C LEU A 27 -7.57 -5.82 17.51
N ASP A 28 -6.34 -6.04 17.05
CA ASP A 28 -5.80 -5.27 15.94
C ASP A 28 -6.46 -5.66 14.62
N MET A 29 -7.53 -4.96 14.28
CA MET A 29 -8.26 -5.24 13.04
C MET A 29 -7.35 -5.05 11.83
N PRO A 30 -7.56 -5.87 10.79
CA PRO A 30 -6.77 -5.81 9.56
C PRO A 30 -7.08 -4.56 8.73
N VAL A 31 -6.35 -4.38 7.64
CA VAL A 31 -6.53 -3.23 6.78
C VAL A 31 -7.89 -3.28 6.09
N ASP A 32 -8.56 -2.13 6.02
CA ASP A 32 -9.86 -2.04 5.39
C ASP A 32 -9.78 -1.25 4.08
N PRO A 33 -10.73 -1.52 3.16
CA PRO A 33 -10.78 -0.85 1.86
C PRO A 33 -11.16 0.63 1.98
N ASN A 34 -11.32 1.09 3.22
CA ASN A 34 -11.69 2.48 3.46
C ASN A 34 -10.65 3.43 2.89
N GLU A 35 -9.38 3.16 3.18
CA GLU A 35 -8.28 3.99 2.69
C GLU A 35 -8.46 4.30 1.20
N PRO A 36 -7.81 5.38 0.75
CA PRO A 36 -7.88 5.81 -0.65
C PRO A 36 -7.16 4.85 -1.59
N THR A 37 -7.49 4.92 -2.88
CA THR A 37 -6.88 4.06 -3.88
C THR A 37 -6.25 4.88 -5.00
N TYR A 38 -5.14 4.39 -5.52
CA TYR A 38 -4.44 5.08 -6.60
C TYR A 38 -4.19 4.15 -7.79
N CYS A 39 -3.42 3.10 -7.54
CA CYS A 39 -3.10 2.11 -8.58
C CYS A 39 -4.30 1.91 -9.51
N LEU A 40 -4.02 1.50 -10.74
CA LEU A 40 -5.07 1.26 -11.73
C LEU A 40 -6.18 0.39 -11.13
N CYS A 41 -5.79 -0.73 -10.54
CA CYS A 41 -6.75 -1.64 -9.93
C CYS A 41 -7.70 -0.91 -9.00
N HIS A 42 -7.26 0.25 -8.52
CA HIS A 42 -8.08 1.06 -7.62
C HIS A 42 -8.11 0.44 -6.22
N GLN A 43 -6.98 -0.09 -5.78
CA GLN A 43 -6.88 -0.70 -4.47
C GLN A 43 -6.02 0.14 -3.52
N VAL A 44 -6.11 -0.15 -2.23
CA VAL A 44 -5.35 0.58 -1.24
C VAL A 44 -3.86 0.54 -1.55
N SER A 45 -3.24 1.72 -1.66
CA SER A 45 -1.82 1.82 -1.95
C SER A 45 -0.98 1.31 -0.79
N TYR A 46 -0.26 0.22 -1.01
CA TYR A 46 0.59 -0.36 0.02
C TYR A 46 2.05 -0.01 -0.20
N GLY A 47 2.93 -0.61 0.61
CA GLY A 47 4.35 -0.34 0.48
C GLY A 47 4.81 -0.31 -0.97
N GLU A 48 5.06 -1.50 -1.53
CA GLU A 48 5.52 -1.59 -2.92
C GLU A 48 4.90 -0.49 -3.77
N MET A 49 5.75 0.39 -4.29
CA MET A 49 5.29 1.48 -5.13
C MET A 49 6.45 2.12 -5.89
N ILE A 50 6.24 2.38 -7.17
CA ILE A 50 7.27 2.98 -8.01
C ILE A 50 6.86 4.38 -8.47
N GLY A 51 5.56 4.59 -8.59
CA GLY A 51 5.05 5.88 -9.03
C GLY A 51 5.52 6.24 -10.43
N CYS A 52 4.79 7.15 -11.08
CA CYS A 52 5.13 7.58 -12.43
C CYS A 52 5.98 8.84 -12.40
N ASP A 53 7.12 8.80 -13.07
CA ASP A 53 8.03 9.94 -13.12
C ASP A 53 7.31 11.17 -13.67
N ASN A 54 6.34 10.95 -14.55
CA ASN A 54 5.58 12.04 -15.14
C ASN A 54 4.78 12.79 -14.09
N PRO A 55 5.07 14.09 -13.93
CA PRO A 55 4.39 14.95 -12.96
C PRO A 55 2.94 15.22 -13.35
N ASP A 56 2.66 15.22 -14.64
CA ASP A 56 1.32 15.47 -15.15
C ASP A 56 0.40 14.29 -14.83
N CYS A 57 0.95 13.09 -14.84
CA CYS A 57 0.19 11.89 -14.56
C CYS A 57 -0.69 12.08 -13.33
N SER A 58 -2.00 11.95 -13.51
CA SER A 58 -2.95 12.13 -12.42
C SER A 58 -2.76 11.04 -11.36
N ILE A 59 -2.67 9.79 -11.81
CA ILE A 59 -2.47 8.66 -10.91
C ILE A 59 -1.08 8.68 -10.29
N GLU A 60 -0.07 8.77 -11.14
CA GLU A 60 1.32 8.79 -10.69
C GLU A 60 1.51 7.87 -9.48
N TRP A 61 0.87 6.71 -9.53
CA TRP A 61 0.97 5.74 -8.44
C TRP A 61 0.44 4.38 -8.88
N PHE A 62 1.15 3.33 -8.50
CA PHE A 62 0.75 1.97 -8.84
C PHE A 62 1.43 0.95 -7.95
N HIS A 63 1.23 -0.33 -8.24
CA HIS A 63 1.83 -1.41 -7.46
C HIS A 63 2.86 -2.17 -8.28
N PHE A 64 3.39 -3.24 -7.71
CA PHE A 64 4.40 -4.06 -8.38
C PHE A 64 3.76 -5.28 -9.03
N ALA A 65 2.88 -5.95 -8.27
CA ALA A 65 2.20 -7.14 -8.76
C ALA A 65 1.00 -6.78 -9.63
N CYS A 66 1.03 -5.58 -10.20
CA CYS A 66 -0.05 -5.10 -11.04
C CYS A 66 0.47 -4.72 -12.42
N VAL A 67 1.77 -4.46 -12.52
CA VAL A 67 2.39 -4.08 -13.78
C VAL A 67 3.69 -4.84 -14.00
N GLY A 68 3.81 -6.00 -13.35
CA GLY A 68 5.01 -6.80 -13.49
C GLY A 68 6.27 -6.02 -13.18
N LEU A 69 6.52 -5.80 -11.90
CA LEU A 69 7.71 -5.06 -11.47
C LEU A 69 8.61 -5.93 -10.61
N THR A 70 8.10 -6.34 -9.45
CA THR A 70 8.86 -7.18 -8.53
C THR A 70 10.27 -6.65 -8.34
N THR A 71 10.45 -5.35 -8.57
CA THR A 71 11.76 -4.71 -8.43
C THR A 71 11.68 -3.21 -8.69
N LYS A 72 11.81 -2.42 -7.64
CA LYS A 72 11.76 -0.97 -7.75
C LYS A 72 12.71 -0.48 -8.84
N PRO A 73 12.14 -0.04 -9.97
CA PRO A 73 12.92 0.47 -11.10
C PRO A 73 13.56 1.81 -10.81
N ARG A 74 12.82 2.70 -10.15
CA ARG A 74 13.33 4.01 -9.80
C ARG A 74 14.20 4.57 -10.91
N GLY A 75 13.93 4.15 -12.15
CA GLY A 75 14.71 4.62 -13.28
C GLY A 75 13.83 5.15 -14.40
N LYS A 76 13.08 6.21 -14.11
CA LYS A 76 12.21 6.82 -15.10
C LYS A 76 11.11 5.85 -15.53
N TRP A 77 10.60 5.08 -14.58
CA TRP A 77 9.55 4.11 -14.86
C TRP A 77 8.23 4.81 -15.19
N PHE A 78 7.87 4.81 -16.46
CA PHE A 78 6.63 5.44 -16.91
C PHE A 78 5.50 4.43 -17.01
N CYS A 79 4.36 4.76 -16.42
CA CYS A 79 3.20 3.87 -16.44
C CYS A 79 2.84 3.48 -17.87
N PRO A 80 2.19 2.32 -18.03
CA PRO A 80 1.78 1.81 -19.34
C PRO A 80 0.65 2.63 -19.96
N ARG A 81 0.39 3.78 -19.36
CA ARG A 81 -0.66 4.67 -19.85
C ARG A 81 -0.08 5.95 -20.44
N CYS A 82 1.08 6.35 -19.92
CA CYS A 82 1.75 7.56 -20.39
C CYS A 82 2.63 7.26 -21.60
N SER A 83 3.50 6.27 -21.45
CA SER A 83 4.40 5.88 -22.54
C SER A 83 3.70 5.93 -23.88
N GLN A 84 2.47 5.41 -23.92
CA GLN A 84 1.69 5.39 -25.14
C GLN A 84 0.70 6.55 -25.17
N GLU A 85 1.14 7.71 -24.70
CA GLU A 85 0.29 8.90 -24.68
C GLU A 85 -0.61 8.95 -25.91
N SER A 86 -1.92 8.95 -25.67
CA SER A 86 -2.90 8.99 -26.76
C SER A 86 -3.19 10.43 -27.17
N GLY A 87 -2.13 11.24 -27.25
CA GLY A 87 -2.29 12.63 -27.63
C GLY A 87 -2.53 12.80 -29.11
N PRO A 88 -3.58 13.57 -29.47
CA PRO A 88 -3.94 13.82 -30.86
C PRO A 88 -2.92 14.70 -31.57
N SER A 89 -2.29 14.16 -32.61
CA SER A 89 -1.29 14.90 -33.37
C SER A 89 -1.94 15.64 -34.54
N SER A 90 -1.74 16.95 -34.57
CA SER A 90 -2.31 17.78 -35.63
C SER A 90 -2.24 17.07 -36.97
N GLY A 91 -3.29 17.24 -37.79
CA GLY A 91 -3.32 16.60 -39.09
C GLY A 91 -3.51 15.10 -39.00
N GLY A 1 50.10 22.21 -43.08
CA GLY A 1 50.41 21.74 -41.75
C GLY A 1 49.37 20.75 -41.24
N SER A 2 49.73 20.00 -40.19
CA SER A 2 48.82 19.02 -39.61
C SER A 2 49.42 18.41 -38.36
N SER A 3 48.57 17.79 -37.53
CA SER A 3 49.02 17.17 -36.30
C SER A 3 47.88 16.40 -35.63
N GLY A 4 48.18 15.75 -34.51
CA GLY A 4 47.18 14.99 -33.80
C GLY A 4 47.72 14.37 -32.52
N SER A 5 46.84 13.71 -31.77
CA SER A 5 47.23 13.07 -30.53
C SER A 5 46.09 12.21 -29.98
N SER A 6 46.35 11.55 -28.86
CA SER A 6 45.35 10.69 -28.23
C SER A 6 45.81 10.26 -26.83
N GLY A 7 44.94 9.53 -26.14
CA GLY A 7 45.28 9.06 -24.80
C GLY A 7 44.11 9.20 -23.83
N SER A 8 43.91 8.18 -23.01
CA SER A 8 42.82 8.19 -22.03
C SER A 8 42.97 7.05 -21.03
N PRO A 9 43.12 7.41 -19.74
CA PRO A 9 43.27 6.43 -18.67
C PRO A 9 41.99 5.64 -18.42
N GLU A 10 42.06 4.67 -17.50
CA GLU A 10 40.90 3.85 -17.17
C GLU A 10 41.15 3.05 -15.90
N TYR A 11 40.14 2.97 -15.04
CA TYR A 11 40.26 2.23 -13.79
C TYR A 11 38.90 1.68 -13.35
N GLY A 12 38.93 0.66 -12.51
CA GLY A 12 37.69 0.05 -12.03
C GLY A 12 37.81 -0.44 -10.61
N MET A 13 36.66 -0.72 -9.99
CA MET A 13 36.64 -1.20 -8.61
C MET A 13 35.24 -1.65 -8.21
N PRO A 14 35.14 -2.84 -7.60
CA PRO A 14 33.87 -3.40 -7.16
C PRO A 14 33.27 -2.64 -5.98
N SER A 15 32.08 -3.05 -5.56
CA SER A 15 31.41 -2.41 -4.43
C SER A 15 30.75 -3.45 -3.54
N VAL A 16 30.31 -3.02 -2.35
CA VAL A 16 29.66 -3.90 -1.40
C VAL A 16 28.45 -3.22 -0.77
N THR A 17 27.36 -3.97 -0.64
CA THR A 17 26.13 -3.45 -0.06
C THR A 17 25.60 -4.38 1.03
N PHE A 18 25.05 -3.80 2.10
CA PHE A 18 24.49 -4.59 3.20
C PHE A 18 23.03 -4.92 2.95
N GLY A 19 22.55 -5.97 3.61
CA GLY A 19 21.16 -6.37 3.45
C GLY A 19 20.83 -7.63 4.23
N SER A 20 19.96 -7.50 5.22
CA SER A 20 19.57 -8.63 6.04
C SER A 20 18.29 -8.33 6.81
N VAL A 21 17.80 -9.32 7.56
CA VAL A 21 16.58 -9.16 8.34
C VAL A 21 16.88 -9.13 9.83
N HIS A 22 16.19 -8.26 10.56
CA HIS A 22 16.39 -8.13 11.99
C HIS A 22 15.20 -8.70 12.77
N PRO A 23 15.48 -9.55 13.76
CA PRO A 23 14.44 -10.18 14.59
C PRO A 23 13.75 -9.18 15.50
N SER A 24 12.71 -8.54 14.99
CA SER A 24 11.96 -7.55 15.76
C SER A 24 10.64 -8.14 16.26
N ASP A 25 10.12 -7.56 17.34
CA ASP A 25 8.86 -8.02 17.92
C ASP A 25 7.74 -7.01 17.70
N VAL A 26 7.13 -7.07 16.52
CA VAL A 26 6.04 -6.16 16.18
C VAL A 26 4.89 -6.90 15.51
N LEU A 27 3.69 -6.70 16.06
CA LEU A 27 2.50 -7.35 15.51
C LEU A 27 2.18 -6.83 14.12
N ASP A 28 1.92 -7.73 13.19
CA ASP A 28 1.58 -7.36 11.81
C ASP A 28 0.18 -6.81 11.74
N MET A 29 0.04 -5.49 11.91
CA MET A 29 -1.25 -4.84 11.85
C MET A 29 -1.89 -5.01 10.47
N PRO A 30 -3.10 -5.59 10.45
CA PRO A 30 -3.84 -5.83 9.21
C PRO A 30 -4.34 -4.52 8.58
N VAL A 31 -4.42 -4.52 7.25
CA VAL A 31 -4.89 -3.34 6.52
C VAL A 31 -6.38 -3.43 6.24
N ASP A 32 -7.00 -2.27 6.03
CA ASP A 32 -8.43 -2.21 5.76
C ASP A 32 -8.71 -1.35 4.52
N PRO A 33 -9.87 -1.58 3.90
CA PRO A 33 -10.28 -0.83 2.70
C PRO A 33 -10.61 0.63 3.01
N ASN A 34 -10.40 1.03 4.26
CA ASN A 34 -10.69 2.40 4.68
C ASN A 34 -9.73 3.38 4.01
N GLU A 35 -8.47 2.98 3.88
CA GLU A 35 -7.45 3.82 3.25
C GLU A 35 -7.79 4.07 1.79
N PRO A 36 -7.31 5.21 1.25
CA PRO A 36 -7.55 5.60 -0.15
C PRO A 36 -6.79 4.70 -1.12
N THR A 37 -7.27 4.65 -2.36
CA THR A 37 -6.64 3.84 -3.39
C THR A 37 -6.13 4.70 -4.54
N TYR A 38 -4.89 4.45 -4.95
CA TYR A 38 -4.29 5.21 -6.04
C TYR A 38 -4.15 4.36 -7.30
N CYS A 39 -3.45 3.24 -7.17
CA CYS A 39 -3.25 2.33 -8.29
C CYS A 39 -4.52 2.19 -9.11
N LEU A 40 -4.37 1.74 -10.36
CA LEU A 40 -5.52 1.57 -11.25
C LEU A 40 -6.52 0.58 -10.66
N CYS A 41 -6.01 -0.51 -10.11
CA CYS A 41 -6.86 -1.55 -9.52
C CYS A 41 -7.72 -0.96 -8.41
N HIS A 42 -7.41 0.27 -8.02
CA HIS A 42 -8.16 0.95 -6.97
C HIS A 42 -8.02 0.21 -5.63
N GLN A 43 -6.77 -0.05 -5.25
CA GLN A 43 -6.49 -0.75 -3.99
C GLN A 43 -5.80 0.18 -3.00
N VAL A 44 -5.87 -0.19 -1.73
CA VAL A 44 -5.23 0.61 -0.67
C VAL A 44 -3.71 0.63 -0.83
N SER A 45 -3.18 1.78 -1.23
CA SER A 45 -1.75 1.93 -1.42
C SER A 45 -0.97 1.36 -0.23
N TYR A 46 -0.40 0.18 -0.42
CA TYR A 46 0.36 -0.48 0.64
C TYR A 46 1.74 0.16 0.79
N GLY A 47 2.58 -0.02 -0.22
CA GLY A 47 3.92 0.55 -0.18
C GLY A 47 4.75 0.15 -1.39
N GLU A 48 4.41 -0.98 -2.01
CA GLU A 48 5.13 -1.47 -3.18
C GLU A 48 4.78 -0.63 -4.41
N MET A 49 5.09 0.66 -4.35
CA MET A 49 4.81 1.55 -5.46
C MET A 49 6.10 2.11 -6.05
N ILE A 50 6.02 2.62 -7.27
CA ILE A 50 7.18 3.18 -7.94
C ILE A 50 6.96 4.65 -8.30
N GLY A 51 5.70 5.02 -8.52
CA GLY A 51 5.38 6.39 -8.87
C GLY A 51 5.79 6.75 -10.28
N CYS A 52 4.85 7.29 -11.05
CA CYS A 52 5.11 7.68 -12.43
C CYS A 52 5.98 8.94 -12.49
N ASP A 53 7.06 8.87 -13.26
CA ASP A 53 7.97 10.00 -13.40
C ASP A 53 7.24 11.21 -13.98
N ASN A 54 6.22 10.95 -14.78
CA ASN A 54 5.45 12.02 -15.41
C ASN A 54 4.72 12.85 -14.36
N PRO A 55 5.06 14.15 -14.27
CA PRO A 55 4.45 15.06 -13.30
C PRO A 55 3.00 15.38 -13.64
N ASP A 56 2.62 15.13 -14.89
CA ASP A 56 1.25 15.37 -15.33
C ASP A 56 0.33 14.23 -14.92
N CYS A 57 0.85 13.02 -14.97
CA CYS A 57 0.06 11.84 -14.60
C CYS A 57 -0.73 12.09 -13.32
N SER A 58 -2.05 11.98 -13.42
CA SER A 58 -2.92 12.21 -12.27
C SER A 58 -2.67 11.16 -11.20
N ILE A 59 -2.65 9.90 -11.60
CA ILE A 59 -2.41 8.80 -10.67
C ILE A 59 -0.96 8.76 -10.21
N GLU A 60 -0.06 8.53 -11.16
CA GLU A 60 1.36 8.47 -10.85
C GLU A 60 1.63 7.59 -9.63
N TRP A 61 0.85 6.53 -9.50
CA TRP A 61 0.99 5.61 -8.38
C TRP A 61 0.36 4.25 -8.70
N PHE A 62 1.16 3.20 -8.59
CA PHE A 62 0.69 1.85 -8.86
C PHE A 62 1.51 0.81 -8.10
N HIS A 63 1.13 -0.45 -8.24
CA HIS A 63 1.83 -1.53 -7.55
C HIS A 63 2.73 -2.30 -8.52
N PHE A 64 3.48 -3.26 -7.99
CA PHE A 64 4.39 -4.05 -8.80
C PHE A 64 3.67 -5.29 -9.35
N ALA A 65 2.87 -5.93 -8.51
CA ALA A 65 2.13 -7.11 -8.91
C ALA A 65 0.99 -6.76 -9.85
N CYS A 66 0.89 -5.48 -10.20
CA CYS A 66 -0.16 -5.01 -11.10
C CYS A 66 0.41 -4.72 -12.49
N VAL A 67 1.66 -4.27 -12.53
CA VAL A 67 2.32 -3.96 -13.79
C VAL A 67 3.52 -4.86 -14.03
N GLY A 68 4.24 -5.18 -12.96
CA GLY A 68 5.41 -6.03 -13.07
C GLY A 68 6.69 -5.32 -12.69
N LEU A 69 6.85 -5.05 -11.40
CA LEU A 69 8.04 -4.37 -10.90
C LEU A 69 8.58 -5.05 -9.64
N THR A 70 9.15 -6.24 -9.83
CA THR A 70 9.71 -7.00 -8.71
C THR A 70 10.13 -6.07 -7.57
N THR A 71 10.89 -5.04 -7.91
CA THR A 71 11.35 -4.08 -6.91
C THR A 71 11.24 -2.65 -7.42
N LYS A 72 11.06 -1.71 -6.50
CA LYS A 72 10.94 -0.30 -6.86
C LYS A 72 12.16 0.16 -7.66
N PRO A 73 11.92 0.60 -8.90
CA PRO A 73 12.99 1.09 -9.78
C PRO A 73 13.57 2.42 -9.32
N ARG A 74 12.79 3.16 -8.53
CA ARG A 74 13.22 4.45 -8.03
C ARG A 74 14.09 5.17 -9.05
N GLY A 75 13.66 5.14 -10.31
CA GLY A 75 14.42 5.79 -11.37
C GLY A 75 13.52 6.47 -12.38
N LYS A 76 13.41 5.87 -13.56
CA LYS A 76 12.58 6.42 -14.63
C LYS A 76 11.57 5.39 -15.12
N TRP A 77 10.56 5.12 -14.30
CA TRP A 77 9.53 4.15 -14.65
C TRP A 77 8.24 4.85 -15.07
N PHE A 78 7.86 4.68 -16.33
CA PHE A 78 6.65 5.30 -16.86
C PHE A 78 5.50 4.30 -16.90
N CYS A 79 4.37 4.67 -16.32
CA CYS A 79 3.20 3.81 -16.30
C CYS A 79 2.83 3.35 -17.71
N PRO A 80 2.15 2.20 -17.79
CA PRO A 80 1.73 1.62 -19.07
C PRO A 80 0.62 2.44 -19.74
N ARG A 81 0.38 3.63 -19.21
CA ARG A 81 -0.65 4.51 -19.75
C ARG A 81 -0.03 5.75 -20.39
N CYS A 82 1.15 6.12 -19.93
CA CYS A 82 1.85 7.28 -20.44
C CYS A 82 2.76 6.90 -21.61
N SER A 83 3.55 5.85 -21.42
CA SER A 83 4.45 5.38 -22.45
C SER A 83 3.79 5.42 -23.82
N GLN A 84 2.51 5.10 -23.87
CA GLN A 84 1.75 5.09 -25.11
C GLN A 84 1.19 6.48 -25.41
N GLU A 85 1.97 7.51 -25.12
CA GLU A 85 1.54 8.87 -25.35
C GLU A 85 0.70 8.98 -26.62
N SER A 86 -0.18 9.97 -26.66
CA SER A 86 -1.05 10.18 -27.81
C SER A 86 -0.23 10.36 -29.08
N GLY A 87 -0.76 9.88 -30.20
CA GLY A 87 -0.07 9.99 -31.47
C GLY A 87 -0.06 11.42 -32.00
N PRO A 88 0.70 11.64 -33.09
CA PRO A 88 0.81 12.96 -33.71
C PRO A 88 -0.48 13.39 -34.40
N SER A 89 -1.50 12.55 -34.30
CA SER A 89 -2.79 12.84 -34.91
C SER A 89 -3.75 13.46 -33.90
N SER A 90 -4.71 14.22 -34.40
CA SER A 90 -5.70 14.88 -33.56
C SER A 90 -7.01 14.11 -33.54
N GLY A 91 -7.53 13.82 -34.75
CA GLY A 91 -8.78 13.09 -34.85
C GLY A 91 -9.82 13.85 -35.66
N GLY A 1 41.97 49.16 32.84
CA GLY A 1 40.89 48.25 32.50
C GLY A 1 41.31 46.80 32.52
N SER A 2 40.34 45.90 32.38
CA SER A 2 40.61 44.47 32.39
C SER A 2 39.41 43.68 31.90
N SER A 3 39.57 42.36 31.82
CA SER A 3 38.49 41.49 31.35
C SER A 3 38.88 40.02 31.50
N GLY A 4 37.96 39.14 31.14
CA GLY A 4 38.22 37.71 31.24
C GLY A 4 37.10 36.87 30.66
N SER A 5 37.23 35.56 30.77
CA SER A 5 36.23 34.64 30.25
C SER A 5 36.56 33.20 30.62
N SER A 6 35.67 32.28 30.24
CA SER A 6 35.87 30.86 30.53
C SER A 6 34.79 30.02 29.86
N GLY A 7 34.89 28.70 30.03
CA GLY A 7 33.92 27.80 29.43
C GLY A 7 33.76 26.51 30.22
N SER A 8 33.15 25.51 29.60
CA SER A 8 32.94 24.22 30.24
C SER A 8 32.42 23.19 29.24
N PRO A 9 33.23 22.14 29.02
CA PRO A 9 32.88 21.06 28.09
C PRO A 9 31.73 20.20 28.61
N GLU A 10 31.41 19.15 27.87
CA GLU A 10 30.33 18.25 28.25
C GLU A 10 30.56 16.84 27.69
N TYR A 11 29.81 15.88 28.20
CA TYR A 11 29.94 14.49 27.75
C TYR A 11 28.62 13.74 27.92
N GLY A 12 28.61 12.49 27.48
CA GLY A 12 27.40 11.68 27.59
C GLY A 12 27.71 10.22 27.82
N MET A 13 26.78 9.35 27.42
CA MET A 13 26.96 7.92 27.58
C MET A 13 25.89 7.13 26.82
N PRO A 14 26.35 6.23 25.95
CA PRO A 14 25.45 5.40 25.13
C PRO A 14 24.68 4.38 25.95
N SER A 15 23.95 3.50 25.28
CA SER A 15 23.17 2.47 25.95
C SER A 15 22.78 1.36 24.99
N VAL A 16 22.45 0.19 25.54
CA VAL A 16 22.06 -0.95 24.72
C VAL A 16 20.83 -1.64 25.30
N THR A 17 19.97 -2.15 24.41
CA THR A 17 18.76 -2.83 24.83
C THR A 17 18.41 -3.98 23.89
N PHE A 18 17.76 -5.00 24.41
CA PHE A 18 17.37 -6.15 23.61
C PHE A 18 15.86 -6.18 23.39
N GLY A 19 15.40 -7.15 22.60
CA GLY A 19 13.97 -7.27 22.33
C GLY A 19 13.51 -8.70 22.29
N SER A 20 12.92 -9.16 23.38
CA SER A 20 12.44 -10.54 23.48
C SER A 20 11.20 -10.62 24.38
N VAL A 21 10.05 -10.85 23.77
CA VAL A 21 8.80 -10.94 24.51
C VAL A 21 7.68 -11.50 23.63
N HIS A 22 6.71 -12.17 24.26
CA HIS A 22 5.58 -12.74 23.54
C HIS A 22 5.14 -11.83 22.40
N PRO A 23 4.94 -12.42 21.21
CA PRO A 23 4.51 -11.68 20.03
C PRO A 23 3.08 -11.18 20.13
N SER A 24 2.75 -10.16 19.35
CA SER A 24 1.40 -9.59 19.37
C SER A 24 0.36 -10.65 19.06
N ASP A 25 -0.90 -10.35 19.37
CA ASP A 25 -1.99 -11.28 19.13
C ASP A 25 -3.15 -10.59 18.43
N VAL A 26 -3.20 -10.73 17.10
CA VAL A 26 -4.26 -10.10 16.31
C VAL A 26 -4.33 -10.71 14.91
N LEU A 27 -5.46 -11.31 14.59
CA LEU A 27 -5.65 -11.93 13.28
C LEU A 27 -5.32 -10.95 12.16
N ASP A 28 -5.35 -11.42 10.93
CA ASP A 28 -5.06 -10.59 9.77
C ASP A 28 -6.33 -10.25 9.00
N MET A 29 -6.82 -9.02 9.18
CA MET A 29 -8.03 -8.56 8.52
C MET A 29 -7.76 -8.24 7.06
N PRO A 30 -8.72 -8.56 6.18
CA PRO A 30 -8.59 -8.31 4.74
C PRO A 30 -8.66 -6.82 4.41
N VAL A 31 -8.27 -6.47 3.19
CA VAL A 31 -8.28 -5.08 2.75
C VAL A 31 -9.70 -4.60 2.49
N ASP A 32 -9.97 -3.35 2.83
CA ASP A 32 -11.30 -2.77 2.63
C ASP A 32 -11.20 -1.46 1.86
N PRO A 33 -12.29 -1.11 1.15
CA PRO A 33 -12.35 0.12 0.35
C PRO A 33 -12.39 1.38 1.23
N ASN A 34 -12.25 1.18 2.53
CA ASN A 34 -12.27 2.29 3.47
C ASN A 34 -10.92 3.00 3.53
N GLU A 35 -10.29 3.15 2.37
CA GLU A 35 -8.99 3.80 2.28
C GLU A 35 -8.77 4.40 0.89
N PRO A 36 -7.82 5.34 0.80
CA PRO A 36 -7.49 6.01 -0.47
C PRO A 36 -6.80 5.08 -1.45
N THR A 37 -7.28 5.06 -2.70
CA THR A 37 -6.71 4.21 -3.73
C THR A 37 -6.06 5.05 -4.83
N TYR A 38 -4.99 4.51 -5.41
CA TYR A 38 -4.27 5.22 -6.48
C TYR A 38 -4.08 4.31 -7.69
N CYS A 39 -3.39 3.19 -7.47
CA CYS A 39 -3.13 2.23 -8.54
C CYS A 39 -4.35 2.07 -9.43
N LEU A 40 -4.13 1.52 -10.62
CA LEU A 40 -5.22 1.30 -11.57
C LEU A 40 -6.32 0.46 -10.97
N CYS A 41 -5.94 -0.65 -10.34
CA CYS A 41 -6.90 -1.55 -9.70
C CYS A 41 -7.73 -0.81 -8.66
N HIS A 42 -7.30 0.40 -8.32
CA HIS A 42 -8.00 1.21 -7.33
C HIS A 42 -7.92 0.58 -5.94
N GLN A 43 -6.71 0.25 -5.52
CA GLN A 43 -6.49 -0.36 -4.21
C GLN A 43 -5.59 0.51 -3.34
N VAL A 44 -5.66 0.30 -2.03
CA VAL A 44 -4.84 1.06 -1.09
C VAL A 44 -3.37 1.00 -1.45
N SER A 45 -2.71 2.15 -1.40
CA SER A 45 -1.28 2.23 -1.73
C SER A 45 -0.43 1.76 -0.55
N TYR A 46 0.09 0.54 -0.65
CA TYR A 46 0.92 -0.03 0.41
C TYR A 46 2.39 0.29 0.17
N GLY A 47 3.25 -0.28 1.00
CA GLY A 47 4.68 -0.05 0.87
C GLY A 47 5.14 -0.08 -0.57
N GLU A 48 5.57 -1.25 -1.03
CA GLU A 48 6.03 -1.41 -2.40
C GLU A 48 5.32 -0.42 -3.34
N MET A 49 6.11 0.41 -4.02
CA MET A 49 5.56 1.39 -4.94
C MET A 49 6.65 1.94 -5.87
N ILE A 50 6.24 2.38 -7.06
CA ILE A 50 7.18 2.93 -8.03
C ILE A 50 6.74 4.32 -8.48
N GLY A 51 5.44 4.50 -8.65
CA GLY A 51 4.93 5.79 -9.08
C GLY A 51 5.41 6.17 -10.46
N CYS A 52 4.71 7.12 -11.09
CA CYS A 52 5.07 7.58 -12.42
C CYS A 52 5.98 8.80 -12.36
N ASP A 53 7.11 8.73 -13.05
CA ASP A 53 8.07 9.83 -13.08
C ASP A 53 7.42 11.11 -13.59
N ASN A 54 6.44 10.96 -14.47
CA ASN A 54 5.73 12.10 -15.03
C ASN A 54 4.93 12.83 -13.96
N PRO A 55 5.25 14.11 -13.75
CA PRO A 55 4.58 14.95 -12.75
C PRO A 55 3.14 15.28 -13.15
N ASP A 56 2.86 15.20 -14.45
CA ASP A 56 1.53 15.49 -14.96
C ASP A 56 0.57 14.34 -14.65
N CYS A 57 1.08 13.12 -14.73
CA CYS A 57 0.26 11.94 -14.48
C CYS A 57 -0.58 12.13 -13.21
N SER A 58 -1.89 12.06 -13.38
CA SER A 58 -2.81 12.24 -12.26
C SER A 58 -2.59 11.14 -11.21
N ILE A 59 -2.57 9.89 -11.67
CA ILE A 59 -2.36 8.76 -10.76
C ILE A 59 -0.95 8.75 -10.21
N GLU A 60 0.04 8.71 -11.11
CA GLU A 60 1.43 8.69 -10.70
C GLU A 60 1.64 7.80 -9.47
N TRP A 61 0.96 6.66 -9.46
CA TRP A 61 1.06 5.73 -8.34
C TRP A 61 0.47 4.38 -8.71
N PHE A 62 1.26 3.32 -8.50
CA PHE A 62 0.81 1.97 -8.82
C PHE A 62 1.54 0.94 -7.95
N HIS A 63 1.29 -0.34 -8.21
CA HIS A 63 1.92 -1.41 -7.46
C HIS A 63 2.89 -2.20 -8.34
N PHE A 64 3.47 -3.25 -7.77
CA PHE A 64 4.42 -4.09 -8.51
C PHE A 64 3.71 -5.25 -9.17
N ALA A 65 2.81 -5.90 -8.43
CA ALA A 65 2.07 -7.03 -8.95
C ALA A 65 0.91 -6.58 -9.82
N CYS A 66 1.01 -5.35 -10.32
CA CYS A 66 -0.04 -4.79 -11.18
C CYS A 66 0.52 -4.36 -12.53
N VAL A 67 1.83 -4.13 -12.57
CA VAL A 67 2.49 -3.72 -13.80
C VAL A 67 3.79 -4.51 -14.01
N GLY A 68 4.00 -5.53 -13.19
CA GLY A 68 5.19 -6.34 -13.30
C GLY A 68 6.45 -5.56 -12.98
N LEU A 69 6.73 -5.39 -11.69
CA LEU A 69 7.91 -4.66 -11.25
C LEU A 69 8.64 -5.41 -10.14
N THR A 70 9.22 -6.56 -10.50
CA THR A 70 9.94 -7.37 -9.54
C THR A 70 10.73 -6.51 -8.56
N THR A 71 11.41 -5.49 -9.09
CA THR A 71 12.19 -4.58 -8.26
C THR A 71 11.90 -3.13 -8.60
N LYS A 72 12.03 -2.26 -7.60
CA LYS A 72 11.78 -0.83 -7.80
C LYS A 72 12.92 -0.17 -8.56
N PRO A 73 12.62 0.35 -9.75
CA PRO A 73 13.61 1.02 -10.60
C PRO A 73 14.06 2.36 -10.03
N ARG A 74 13.21 2.95 -9.19
CA ARG A 74 13.53 4.23 -8.57
C ARG A 74 14.35 5.11 -9.52
N GLY A 75 14.02 5.05 -10.81
CA GLY A 75 14.74 5.84 -11.79
C GLY A 75 13.81 6.52 -12.78
N LYS A 76 13.50 5.83 -13.87
CA LYS A 76 12.61 6.37 -14.89
C LYS A 76 11.58 5.34 -15.33
N TRP A 77 10.61 5.08 -14.47
CA TRP A 77 9.57 4.10 -14.77
C TRP A 77 8.24 4.81 -15.08
N PHE A 78 7.85 4.78 -16.35
CA PHE A 78 6.60 5.41 -16.77
C PHE A 78 5.48 4.39 -16.86
N CYS A 79 4.33 4.72 -16.28
CA CYS A 79 3.17 3.84 -16.30
C CYS A 79 2.84 3.39 -17.71
N PRO A 80 2.18 2.23 -17.83
CA PRO A 80 1.80 1.66 -19.12
C PRO A 80 0.70 2.48 -19.81
N ARG A 81 0.36 3.62 -19.22
CA ARG A 81 -0.67 4.48 -19.78
C ARG A 81 -0.06 5.72 -20.43
N CYS A 82 1.09 6.15 -19.91
CA CYS A 82 1.78 7.32 -20.44
C CYS A 82 2.69 6.93 -21.59
N SER A 83 3.43 5.84 -21.42
CA SER A 83 4.35 5.36 -22.44
C SER A 83 3.61 5.13 -23.77
N GLN A 84 2.44 4.51 -23.68
CA GLN A 84 1.63 4.22 -24.87
C GLN A 84 0.44 5.17 -24.95
N GLU A 85 0.71 6.41 -25.33
CA GLU A 85 -0.35 7.41 -25.45
C GLU A 85 -0.77 7.58 -26.91
N SER A 86 -2.00 7.18 -27.22
CA SER A 86 -2.52 7.27 -28.58
C SER A 86 -2.92 8.71 -28.89
N GLY A 87 -1.94 9.56 -29.19
CA GLY A 87 -2.22 10.94 -29.50
C GLY A 87 -3.06 11.10 -30.76
N PRO A 88 -4.13 11.89 -30.67
CA PRO A 88 -5.04 12.14 -31.79
C PRO A 88 -4.39 12.98 -32.88
N SER A 89 -4.57 12.56 -34.13
CA SER A 89 -4.00 13.27 -35.27
C SER A 89 -5.08 13.98 -36.07
N SER A 90 -4.70 15.05 -36.76
CA SER A 90 -5.64 15.82 -37.56
C SER A 90 -5.04 16.15 -38.93
N GLY A 91 -5.64 15.59 -39.98
CA GLY A 91 -5.15 15.83 -41.33
C GLY A 91 -5.87 14.98 -42.36
N GLY A 1 51.44 -49.91 -16.84
CA GLY A 1 50.00 -49.89 -16.97
C GLY A 1 49.29 -49.70 -15.64
N SER A 2 47.98 -49.53 -15.69
CA SER A 2 47.19 -49.33 -14.48
C SER A 2 45.70 -49.30 -14.80
N SER A 3 44.88 -49.17 -13.76
CA SER A 3 43.43 -49.13 -13.93
C SER A 3 42.74 -48.77 -12.62
N GLY A 4 41.42 -48.61 -12.68
CA GLY A 4 40.66 -48.26 -11.49
C GLY A 4 39.17 -48.22 -11.75
N SER A 5 38.40 -47.89 -10.71
CA SER A 5 36.95 -47.81 -10.84
C SER A 5 36.32 -47.30 -9.54
N SER A 6 35.04 -47.00 -9.60
CA SER A 6 34.31 -46.49 -8.43
C SER A 6 32.83 -46.36 -8.73
N GLY A 7 32.05 -45.95 -7.71
CA GLY A 7 30.63 -45.79 -7.88
C GLY A 7 30.09 -44.58 -7.16
N SER A 8 28.80 -44.60 -6.83
CA SER A 8 28.17 -43.49 -6.13
C SER A 8 26.73 -43.83 -5.78
N PRO A 9 26.41 -43.82 -4.47
CA PRO A 9 25.08 -44.11 -3.97
C PRO A 9 24.07 -43.03 -4.32
N GLU A 10 22.86 -43.14 -3.78
CA GLU A 10 21.80 -42.17 -4.04
C GLU A 10 20.92 -41.99 -2.80
N TYR A 11 19.99 -41.05 -2.89
CA TYR A 11 19.07 -40.78 -1.78
C TYR A 11 17.63 -40.77 -2.26
N GLY A 12 16.71 -40.59 -1.31
CA GLY A 12 15.29 -40.56 -1.66
C GLY A 12 14.74 -39.15 -1.75
N MET A 13 13.47 -38.99 -1.43
CA MET A 13 12.82 -37.68 -1.49
C MET A 13 11.76 -37.55 -0.39
N PRO A 14 11.51 -36.31 0.05
CA PRO A 14 10.52 -36.04 1.09
C PRO A 14 9.08 -36.26 0.61
N SER A 15 8.12 -35.85 1.43
CA SER A 15 6.71 -36.01 1.08
C SER A 15 6.18 -34.76 0.39
N VAL A 16 4.91 -34.82 -0.02
CA VAL A 16 4.28 -33.68 -0.70
C VAL A 16 2.85 -33.48 -0.20
N THR A 17 2.41 -32.23 -0.18
CA THR A 17 1.07 -31.89 0.28
C THR A 17 0.07 -32.96 -0.15
N PHE A 18 -0.91 -33.23 0.71
CA PHE A 18 -1.94 -34.23 0.42
C PHE A 18 -3.33 -33.62 0.52
N GLY A 19 -3.55 -32.87 1.60
CA GLY A 19 -4.85 -32.24 1.80
C GLY A 19 -5.10 -31.89 3.25
N SER A 20 -5.74 -30.74 3.48
CA SER A 20 -6.03 -30.28 4.84
C SER A 20 -7.44 -29.72 4.93
N VAL A 21 -8.23 -30.27 5.84
CA VAL A 21 -9.61 -29.82 6.03
C VAL A 21 -9.68 -28.30 6.17
N HIS A 22 -10.70 -27.71 5.57
CA HIS A 22 -10.88 -26.26 5.62
C HIS A 22 -11.44 -25.83 6.98
N PRO A 23 -11.15 -24.59 7.38
CA PRO A 23 -11.61 -24.04 8.65
C PRO A 23 -13.12 -23.80 8.66
N SER A 24 -13.69 -23.69 9.87
CA SER A 24 -15.12 -23.46 10.02
C SER A 24 -15.55 -22.21 9.28
N ASP A 25 -16.86 -22.05 9.12
CA ASP A 25 -17.42 -20.89 8.42
C ASP A 25 -17.50 -19.69 9.36
N VAL A 26 -16.44 -19.47 10.13
CA VAL A 26 -16.38 -18.35 11.06
C VAL A 26 -15.82 -17.10 10.39
N LEU A 27 -16.24 -16.86 9.16
CA LEU A 27 -15.78 -15.69 8.41
C LEU A 27 -16.34 -14.41 9.00
N ASP A 28 -15.49 -13.39 9.10
CA ASP A 28 -15.90 -12.10 9.65
C ASP A 28 -15.29 -10.95 8.86
N MET A 29 -16.13 -10.24 8.11
CA MET A 29 -15.66 -9.11 7.31
C MET A 29 -14.53 -8.37 8.01
N PRO A 30 -13.32 -8.47 7.46
CA PRO A 30 -12.13 -7.81 8.01
C PRO A 30 -12.18 -6.29 7.85
N VAL A 31 -11.81 -5.58 8.91
CA VAL A 31 -11.82 -4.12 8.88
C VAL A 31 -10.56 -3.59 8.20
N ASP A 32 -10.69 -2.43 7.56
CA ASP A 32 -9.57 -1.81 6.87
C ASP A 32 -9.36 -0.39 7.36
N PRO A 33 -8.12 0.12 7.20
CA PRO A 33 -7.76 1.48 7.62
C PRO A 33 -8.41 2.55 6.76
N ASN A 34 -9.23 2.11 5.81
CA ASN A 34 -9.92 3.04 4.91
C ASN A 34 -8.92 3.91 4.15
N GLU A 35 -7.70 3.40 4.00
CA GLU A 35 -6.65 4.14 3.31
C GLU A 35 -7.07 4.43 1.87
N PRO A 36 -6.54 5.53 1.31
CA PRO A 36 -6.83 5.95 -0.07
C PRO A 36 -6.22 5.01 -1.10
N THR A 37 -6.99 4.70 -2.14
CA THR A 37 -6.52 3.81 -3.19
C THR A 37 -6.05 4.60 -4.41
N TYR A 38 -4.83 4.35 -4.85
CA TYR A 38 -4.27 5.03 -6.00
C TYR A 38 -4.15 4.09 -7.20
N CYS A 39 -3.34 3.05 -7.04
CA CYS A 39 -3.14 2.07 -8.11
C CYS A 39 -4.42 1.88 -8.91
N LEU A 40 -4.26 1.52 -10.19
CA LEU A 40 -5.41 1.31 -11.07
C LEU A 40 -6.40 0.34 -10.44
N CYS A 41 -5.88 -0.74 -9.85
CA CYS A 41 -6.72 -1.74 -9.20
C CYS A 41 -7.58 -1.12 -8.11
N HIS A 42 -7.27 0.13 -7.75
CA HIS A 42 -8.01 0.84 -6.72
C HIS A 42 -7.89 0.13 -5.38
N GLN A 43 -6.64 -0.08 -4.94
CA GLN A 43 -6.39 -0.73 -3.67
C GLN A 43 -5.41 0.08 -2.82
N VAL A 44 -5.41 -0.19 -1.51
CA VAL A 44 -4.54 0.52 -0.60
C VAL A 44 -3.13 0.66 -1.18
N SER A 45 -2.51 1.81 -0.96
CA SER A 45 -1.18 2.07 -1.46
C SER A 45 -0.12 1.62 -0.46
N TYR A 46 0.42 0.43 -0.67
CA TYR A 46 1.44 -0.12 0.22
C TYR A 46 2.84 0.18 -0.31
N GLY A 47 3.82 0.09 0.57
CA GLY A 47 5.20 0.35 0.19
C GLY A 47 5.47 0.00 -1.26
N GLU A 48 4.96 -1.14 -1.69
CA GLU A 48 5.15 -1.59 -3.07
C GLU A 48 4.63 -0.56 -4.06
N MET A 49 5.51 0.31 -4.51
CA MET A 49 5.15 1.35 -5.46
C MET A 49 6.39 1.96 -6.12
N ILE A 50 6.21 2.55 -7.30
CA ILE A 50 7.31 3.16 -8.02
C ILE A 50 7.01 4.62 -8.34
N GLY A 51 5.73 4.93 -8.54
CA GLY A 51 5.33 6.29 -8.86
C GLY A 51 5.76 6.72 -10.25
N CYS A 52 4.80 7.15 -11.05
CA CYS A 52 5.07 7.59 -12.41
C CYS A 52 5.98 8.82 -12.42
N ASP A 53 7.06 8.74 -13.17
CA ASP A 53 8.01 9.85 -13.27
C ASP A 53 7.33 11.10 -13.82
N ASN A 54 6.31 10.90 -14.64
CA ASN A 54 5.57 12.01 -15.23
C ASN A 54 4.71 12.72 -14.19
N PRO A 55 4.98 14.01 -13.98
CA PRO A 55 4.24 14.82 -13.01
C PRO A 55 2.80 15.09 -13.45
N ASP A 56 2.58 15.12 -14.76
CA ASP A 56 1.26 15.36 -15.31
C ASP A 56 0.31 14.22 -14.96
N CYS A 57 0.82 12.99 -15.02
CA CYS A 57 0.01 11.82 -14.71
C CYS A 57 -0.86 12.06 -13.49
N SER A 58 -2.18 11.98 -13.69
CA SER A 58 -3.12 12.19 -12.61
C SER A 58 -3.00 11.11 -11.54
N ILE A 59 -2.64 9.90 -11.98
CA ILE A 59 -2.48 8.77 -11.07
C ILE A 59 -1.09 8.75 -10.47
N GLU A 60 -0.08 8.58 -11.32
CA GLU A 60 1.31 8.53 -10.88
C GLU A 60 1.44 7.68 -9.61
N TRP A 61 0.75 6.55 -9.59
CA TRP A 61 0.79 5.66 -8.44
C TRP A 61 0.26 4.27 -8.81
N PHE A 62 1.06 3.25 -8.54
CA PHE A 62 0.68 1.87 -8.85
C PHE A 62 1.48 0.88 -8.02
N HIS A 63 1.24 -0.41 -8.24
CA HIS A 63 1.95 -1.45 -7.51
C HIS A 63 2.90 -2.21 -8.44
N PHE A 64 3.50 -3.28 -7.92
CA PHE A 64 4.43 -4.08 -8.69
C PHE A 64 3.73 -5.29 -9.30
N ALA A 65 2.88 -5.94 -8.50
CA ALA A 65 2.15 -7.11 -8.97
C ALA A 65 0.92 -6.71 -9.77
N CYS A 66 0.95 -5.49 -10.30
CA CYS A 66 -0.15 -4.98 -11.10
C CYS A 66 0.30 -4.61 -12.51
N VAL A 67 1.58 -4.29 -12.64
CA VAL A 67 2.15 -3.93 -13.94
C VAL A 67 3.36 -4.78 -14.26
N GLY A 68 4.12 -5.15 -13.23
CA GLY A 68 5.31 -5.97 -13.42
C GLY A 68 6.57 -5.28 -12.99
N LEU A 69 6.74 -5.13 -11.67
CA LEU A 69 7.92 -4.48 -11.12
C LEU A 69 8.50 -5.29 -9.97
N THR A 70 9.04 -6.46 -10.28
CA THR A 70 9.63 -7.33 -9.28
C THR A 70 10.19 -6.52 -8.11
N THR A 71 10.82 -5.39 -8.42
CA THR A 71 11.39 -4.53 -7.39
C THR A 71 11.47 -3.08 -7.87
N LYS A 72 11.30 -2.14 -6.95
CA LYS A 72 11.35 -0.72 -7.28
C LYS A 72 12.50 -0.44 -8.25
N PRO A 73 12.14 -0.13 -9.50
CA PRO A 73 13.12 0.18 -10.55
C PRO A 73 13.82 1.51 -10.33
N ARG A 74 13.07 2.49 -9.83
CA ARG A 74 13.61 3.81 -9.56
C ARG A 74 14.55 4.25 -10.69
N GLY A 75 14.19 3.90 -11.92
CA GLY A 75 15.01 4.26 -13.06
C GLY A 75 14.18 4.85 -14.19
N LYS A 76 13.42 5.90 -13.89
CA LYS A 76 12.58 6.55 -14.90
C LYS A 76 11.50 5.59 -15.39
N TRP A 77 10.77 4.99 -14.47
CA TRP A 77 9.71 4.05 -14.82
C TRP A 77 8.43 4.80 -15.16
N PHE A 78 7.97 4.66 -16.40
CA PHE A 78 6.76 5.32 -16.85
C PHE A 78 5.59 4.34 -16.90
N CYS A 79 4.47 4.72 -16.30
CA CYS A 79 3.28 3.88 -16.27
C CYS A 79 2.92 3.41 -17.69
N PRO A 80 2.24 2.26 -17.77
CA PRO A 80 1.81 1.68 -19.04
C PRO A 80 0.72 2.49 -19.73
N ARG A 81 0.36 3.62 -19.12
CA ARG A 81 -0.67 4.48 -19.65
C ARG A 81 -0.06 5.72 -20.31
N CYS A 82 1.17 6.05 -19.91
CA CYS A 82 1.86 7.21 -20.45
C CYS A 82 2.77 6.80 -21.61
N SER A 83 3.54 5.73 -21.42
CA SER A 83 4.44 5.23 -22.44
C SER A 83 3.73 5.09 -23.78
N GLN A 84 2.52 4.53 -23.75
CA GLN A 84 1.74 4.33 -24.95
C GLN A 84 2.49 3.46 -25.96
N GLU A 85 3.11 2.39 -25.46
CA GLU A 85 3.86 1.48 -26.32
C GLU A 85 2.92 0.66 -27.20
N SER A 86 2.88 1.00 -28.48
CA SER A 86 2.02 0.31 -29.43
C SER A 86 2.27 -1.19 -29.39
N GLY A 87 1.19 -1.97 -29.37
CA GLY A 87 1.31 -3.41 -29.32
C GLY A 87 -0.03 -4.11 -29.21
N PRO A 88 -0.06 -5.23 -28.47
CA PRO A 88 -1.29 -6.01 -28.28
C PRO A 88 -2.29 -5.28 -27.39
N SER A 89 -1.81 -4.37 -26.57
CA SER A 89 -2.67 -3.61 -25.67
C SER A 89 -3.44 -2.53 -26.43
N SER A 90 -4.59 -2.16 -25.91
CA SER A 90 -5.42 -1.14 -26.55
C SER A 90 -6.02 -0.19 -25.50
N GLY A 91 -6.66 0.87 -25.98
CA GLY A 91 -7.26 1.84 -25.07
C GLY A 91 -6.24 2.78 -24.47
N GLY A 1 70.34 -24.99 9.79
CA GLY A 1 69.26 -25.52 10.59
C GLY A 1 67.90 -25.32 9.95
N SER A 2 66.87 -25.88 10.56
CA SER A 2 65.51 -25.75 10.05
C SER A 2 64.51 -26.39 11.01
N SER A 3 63.22 -26.19 10.73
CA SER A 3 62.16 -26.73 11.56
C SER A 3 60.79 -26.48 10.94
N GLY A 4 59.75 -27.00 11.58
CA GLY A 4 58.40 -26.81 11.08
C GLY A 4 57.34 -27.24 12.08
N SER A 5 56.09 -27.22 11.66
CA SER A 5 54.98 -27.60 12.53
C SER A 5 53.73 -27.91 11.71
N SER A 6 52.71 -28.45 12.38
CA SER A 6 51.46 -28.79 11.71
C SER A 6 50.32 -28.91 12.72
N GLY A 7 49.12 -29.16 12.22
CA GLY A 7 47.97 -29.30 13.09
C GLY A 7 46.66 -28.92 12.40
N SER A 8 45.55 -29.34 12.98
CA SER A 8 44.24 -29.03 12.41
C SER A 8 43.13 -29.31 13.43
N PRO A 9 42.41 -28.25 13.83
CA PRO A 9 41.32 -28.34 14.79
C PRO A 9 40.10 -29.07 14.22
N GLU A 10 39.03 -29.13 15.01
CA GLU A 10 37.81 -29.79 14.58
C GLU A 10 36.58 -29.16 15.22
N TYR A 11 35.41 -29.46 14.68
CA TYR A 11 34.16 -28.91 15.20
C TYR A 11 32.98 -29.78 14.80
N GLY A 12 31.80 -29.44 15.33
CA GLY A 12 30.61 -30.20 15.02
C GLY A 12 29.50 -29.34 14.44
N MET A 13 28.28 -29.53 14.94
CA MET A 13 27.13 -28.76 14.46
C MET A 13 25.98 -28.85 15.45
N PRO A 14 25.50 -27.68 15.91
CA PRO A 14 24.38 -27.60 16.86
C PRO A 14 23.06 -28.01 16.24
N SER A 15 21.98 -27.85 16.99
CA SER A 15 20.65 -28.20 16.51
C SER A 15 19.73 -26.98 16.48
N VAL A 16 18.52 -27.18 15.99
CA VAL A 16 17.55 -26.09 15.90
C VAL A 16 16.34 -26.36 16.79
N THR A 17 15.74 -25.29 17.32
CA THR A 17 14.58 -25.41 18.19
C THR A 17 13.30 -25.04 17.45
N PHE A 18 12.35 -25.98 17.43
CA PHE A 18 11.07 -25.75 16.75
C PHE A 18 10.46 -24.42 17.17
N GLY A 19 9.38 -24.04 16.50
CA GLY A 19 8.72 -22.78 16.83
C GLY A 19 7.49 -22.54 15.96
N SER A 20 6.39 -23.19 16.30
CA SER A 20 5.16 -23.05 15.54
C SER A 20 4.29 -21.94 16.13
N VAL A 21 3.25 -21.55 15.39
CA VAL A 21 2.34 -20.50 15.83
C VAL A 21 0.96 -20.69 15.24
N HIS A 22 -0.04 -20.73 16.11
CA HIS A 22 -1.43 -20.91 15.69
C HIS A 22 -1.82 -19.85 14.66
N PRO A 23 -2.37 -20.31 13.51
CA PRO A 23 -2.79 -19.42 12.43
C PRO A 23 -4.01 -18.59 12.80
N SER A 24 -4.52 -17.81 11.85
CA SER A 24 -5.69 -16.97 12.09
C SER A 24 -6.91 -17.56 11.40
N ASP A 25 -8.09 -17.25 11.94
CA ASP A 25 -9.34 -17.74 11.39
C ASP A 25 -10.54 -17.03 12.03
N VAL A 26 -11.43 -16.51 11.19
CA VAL A 26 -12.61 -15.82 11.67
C VAL A 26 -13.53 -15.44 10.52
N LEU A 27 -14.84 -15.50 10.77
CA LEU A 27 -15.83 -15.15 9.75
C LEU A 27 -16.18 -13.68 9.81
N ASP A 28 -16.08 -13.09 11.00
CA ASP A 28 -16.39 -11.68 11.18
C ASP A 28 -15.35 -10.81 10.48
N MET A 29 -15.62 -10.45 9.23
CA MET A 29 -14.71 -9.62 8.46
C MET A 29 -14.20 -8.45 9.29
N PRO A 30 -12.87 -8.27 9.31
CA PRO A 30 -12.23 -7.19 10.07
C PRO A 30 -12.51 -5.81 9.47
N VAL A 31 -12.73 -4.84 10.34
CA VAL A 31 -13.01 -3.47 9.90
C VAL A 31 -12.04 -3.04 8.80
N ASP A 32 -12.56 -2.93 7.58
CA ASP A 32 -11.74 -2.52 6.44
C ASP A 32 -10.81 -1.38 6.81
N PRO A 33 -9.77 -1.17 5.99
CA PRO A 33 -8.78 -0.11 6.22
C PRO A 33 -9.37 1.29 6.00
N ASN A 34 -10.36 1.36 5.11
CA ASN A 34 -11.00 2.64 4.81
C ASN A 34 -9.99 3.67 4.33
N GLU A 35 -8.88 3.17 3.77
CA GLU A 35 -7.83 4.05 3.27
C GLU A 35 -8.01 4.34 1.78
N PRO A 36 -7.38 5.41 1.30
CA PRO A 36 -7.46 5.82 -0.11
C PRO A 36 -6.72 4.86 -1.03
N THR A 37 -7.04 4.91 -2.31
CA THR A 37 -6.40 4.05 -3.30
C THR A 37 -5.89 4.85 -4.48
N TYR A 38 -4.73 4.46 -5.01
CA TYR A 38 -4.13 5.14 -6.14
C TYR A 38 -4.01 4.21 -7.34
N CYS A 39 -3.31 3.10 -7.16
CA CYS A 39 -3.12 2.13 -8.23
C CYS A 39 -4.39 2.00 -9.07
N LEU A 40 -4.22 1.59 -10.33
CA LEU A 40 -5.34 1.42 -11.24
C LEU A 40 -6.40 0.51 -10.64
N CYS A 41 -5.95 -0.58 -10.03
CA CYS A 41 -6.86 -1.54 -9.42
C CYS A 41 -7.67 -0.89 -8.30
N HIS A 42 -7.29 0.33 -7.95
CA HIS A 42 -7.97 1.06 -6.88
C HIS A 42 -7.80 0.36 -5.54
N GLN A 43 -6.56 0.12 -5.16
CA GLN A 43 -6.27 -0.55 -3.89
C GLN A 43 -5.41 0.34 -3.00
N VAL A 44 -5.32 -0.02 -1.72
CA VAL A 44 -4.54 0.73 -0.75
C VAL A 44 -3.07 0.77 -1.16
N SER A 45 -2.48 1.96 -1.12
CA SER A 45 -1.08 2.13 -1.49
C SER A 45 -0.15 1.61 -0.38
N TYR A 46 0.30 0.37 -0.52
CA TYR A 46 1.18 -0.24 0.46
C TYR A 46 2.64 0.09 0.17
N GLY A 47 3.54 -0.50 0.95
CA GLY A 47 4.96 -0.26 0.76
C GLY A 47 5.35 -0.24 -0.70
N GLU A 48 5.73 -1.41 -1.23
CA GLU A 48 6.12 -1.51 -2.62
C GLU A 48 5.40 -0.48 -3.48
N MET A 49 6.17 0.34 -4.18
CA MET A 49 5.60 1.37 -5.04
C MET A 49 6.66 1.96 -5.97
N ILE A 50 6.23 2.40 -7.15
CA ILE A 50 7.14 2.98 -8.13
C ILE A 50 6.68 4.36 -8.56
N GLY A 51 5.37 4.53 -8.70
CA GLY A 51 4.81 5.81 -9.11
C GLY A 51 5.33 6.25 -10.46
N CYS A 52 4.50 6.99 -11.19
CA CYS A 52 4.87 7.47 -12.51
C CYS A 52 5.76 8.72 -12.41
N ASP A 53 6.91 8.67 -13.04
CA ASP A 53 7.85 9.80 -13.02
C ASP A 53 7.19 11.06 -13.58
N ASN A 54 6.14 10.87 -14.36
CA ASN A 54 5.42 11.99 -14.96
C ASN A 54 4.64 12.76 -13.91
N PRO A 55 4.97 14.05 -13.76
CA PRO A 55 4.31 14.93 -12.78
C PRO A 55 2.88 15.25 -13.17
N ASP A 56 2.56 15.09 -14.46
CA ASP A 56 1.22 15.37 -14.96
C ASP A 56 0.28 14.22 -14.62
N CYS A 57 0.80 13.00 -14.66
CA CYS A 57 0.00 11.81 -14.36
C CYS A 57 -0.81 12.02 -13.07
N SER A 58 -2.12 11.87 -13.17
CA SER A 58 -3.00 12.05 -12.02
C SER A 58 -2.73 10.98 -10.97
N ILE A 59 -2.68 9.73 -11.39
CA ILE A 59 -2.43 8.62 -10.49
C ILE A 59 -0.99 8.64 -9.99
N GLU A 60 -0.03 8.53 -10.92
CA GLU A 60 1.38 8.53 -10.57
C GLU A 60 1.64 7.69 -9.32
N TRP A 61 0.97 6.55 -9.24
CA TRP A 61 1.13 5.66 -8.10
C TRP A 61 0.50 4.30 -8.38
N PHE A 62 1.33 3.28 -8.50
CA PHE A 62 0.86 1.92 -8.77
C PHE A 62 1.63 0.90 -7.94
N HIS A 63 1.35 -0.38 -8.18
CA HIS A 63 2.00 -1.46 -7.45
C HIS A 63 2.99 -2.20 -8.36
N PHE A 64 3.58 -3.26 -7.84
CA PHE A 64 4.53 -4.06 -8.59
C PHE A 64 3.84 -5.24 -9.28
N ALA A 65 3.03 -5.96 -8.52
CA ALA A 65 2.31 -7.11 -9.05
C ALA A 65 1.01 -6.68 -9.73
N CYS A 66 1.01 -5.45 -10.23
CA CYS A 66 -0.17 -4.90 -10.92
C CYS A 66 0.19 -4.38 -12.29
N VAL A 67 1.44 -3.96 -12.46
CA VAL A 67 1.92 -3.43 -13.73
C VAL A 67 2.99 -4.33 -14.33
N GLY A 68 3.77 -4.97 -13.47
CA GLY A 68 4.83 -5.84 -13.94
C GLY A 68 6.20 -5.40 -13.49
N LEU A 69 6.37 -5.24 -12.18
CA LEU A 69 7.65 -4.81 -11.62
C LEU A 69 8.14 -5.81 -10.58
N THR A 70 9.44 -6.12 -10.63
CA THR A 70 10.04 -7.06 -9.71
C THR A 70 10.90 -6.33 -8.67
N THR A 71 11.67 -5.35 -9.13
CA THR A 71 12.54 -4.58 -8.24
C THR A 71 12.45 -3.09 -8.55
N LYS A 72 11.97 -2.31 -7.58
CA LYS A 72 11.85 -0.87 -7.75
C LYS A 72 12.94 -0.33 -8.67
N PRO A 73 12.55 0.03 -9.90
CA PRO A 73 13.48 0.57 -10.91
C PRO A 73 13.99 1.96 -10.54
N ARG A 74 13.13 2.75 -9.89
CA ARG A 74 13.49 4.10 -9.49
C ARG A 74 14.39 4.76 -10.53
N GLY A 75 14.21 4.37 -11.79
CA GLY A 75 15.02 4.94 -12.86
C GLY A 75 14.17 5.49 -13.99
N LYS A 76 13.33 6.47 -13.67
CA LYS A 76 12.47 7.09 -14.67
C LYS A 76 11.45 6.08 -15.21
N TRP A 77 10.71 5.46 -14.29
CA TRP A 77 9.70 4.48 -14.66
C TRP A 77 8.37 5.17 -14.98
N PHE A 78 7.87 4.95 -16.19
CA PHE A 78 6.62 5.55 -16.61
C PHE A 78 5.51 4.49 -16.70
N CYS A 79 4.32 4.85 -16.26
CA CYS A 79 3.18 3.94 -16.29
C CYS A 79 2.92 3.44 -17.71
N PRO A 80 2.27 2.27 -17.82
CA PRO A 80 1.95 1.67 -19.12
C PRO A 80 0.86 2.45 -19.86
N ARG A 81 0.53 3.62 -19.34
CA ARG A 81 -0.50 4.46 -19.95
C ARG A 81 0.11 5.72 -20.56
N CYS A 82 1.25 6.13 -20.01
CA CYS A 82 1.94 7.32 -20.49
C CYS A 82 2.99 6.95 -21.54
N SER A 83 3.77 5.92 -21.27
CA SER A 83 4.80 5.47 -22.18
C SER A 83 4.30 5.52 -23.63
N GLN A 84 3.14 4.92 -23.86
CA GLN A 84 2.55 4.89 -25.20
C GLN A 84 1.36 5.84 -25.28
N GLU A 85 1.64 7.13 -25.45
CA GLU A 85 0.59 8.13 -25.55
C GLU A 85 0.30 8.48 -27.01
N SER A 86 -0.73 7.86 -27.56
CA SER A 86 -1.11 8.09 -28.95
C SER A 86 -2.59 7.82 -29.17
N GLY A 87 -3.36 8.89 -29.39
CA GLY A 87 -4.79 8.75 -29.61
C GLY A 87 -5.12 8.24 -31.00
N PRO A 88 -6.21 8.75 -31.58
CA PRO A 88 -6.66 8.36 -32.92
C PRO A 88 -5.73 8.86 -34.02
N SER A 89 -6.02 8.49 -35.25
CA SER A 89 -5.20 8.90 -36.38
C SER A 89 -6.08 9.42 -37.53
N SER A 90 -5.50 10.29 -38.35
CA SER A 90 -6.23 10.87 -39.48
C SER A 90 -5.27 11.39 -40.54
N GLY A 91 -5.56 11.08 -41.80
CA GLY A 91 -4.71 11.53 -42.89
C GLY A 91 -5.43 12.43 -43.86
N GLY A 1 -51.62 66.80 30.79
CA GLY A 1 -50.38 66.10 30.52
C GLY A 1 -49.94 65.22 31.68
N SER A 2 -49.02 64.30 31.41
CA SER A 2 -48.52 63.40 32.44
C SER A 2 -47.10 62.94 32.13
N SER A 3 -46.52 62.16 33.03
CA SER A 3 -45.17 61.66 32.85
C SER A 3 -44.79 60.69 33.97
N GLY A 4 -43.61 60.10 33.86
CA GLY A 4 -43.15 59.15 34.86
C GLY A 4 -41.79 58.57 34.53
N SER A 5 -41.28 57.73 35.43
CA SER A 5 -39.97 57.11 35.23
C SER A 5 -39.72 56.04 36.29
N SER A 6 -38.63 55.29 36.11
CA SER A 6 -38.28 54.23 37.06
C SER A 6 -36.91 53.64 36.71
N GLY A 7 -36.29 53.02 37.70
CA GLY A 7 -34.98 52.41 37.49
C GLY A 7 -34.90 50.99 38.01
N SER A 8 -33.69 50.46 38.08
CA SER A 8 -33.48 49.09 38.56
C SER A 8 -31.99 48.80 38.73
N PRO A 9 -31.60 48.44 39.97
CA PRO A 9 -30.20 48.12 40.29
C PRO A 9 -29.73 46.82 39.65
N GLU A 10 -28.53 46.38 40.01
CA GLU A 10 -27.97 45.15 39.46
C GLU A 10 -26.91 44.58 40.39
N TYR A 11 -26.43 43.39 40.07
CA TYR A 11 -25.40 42.74 40.87
C TYR A 11 -24.89 41.47 40.19
N GLY A 12 -23.91 40.83 40.80
CA GLY A 12 -23.34 39.61 40.24
C GLY A 12 -22.86 38.65 41.30
N MET A 13 -22.31 37.51 40.86
CA MET A 13 -21.80 36.51 41.79
C MET A 13 -20.61 35.77 41.19
N PRO A 14 -19.78 35.17 42.05
CA PRO A 14 -18.60 34.42 41.63
C PRO A 14 -18.97 33.12 40.93
N SER A 15 -17.96 32.31 40.63
CA SER A 15 -18.17 31.02 39.95
C SER A 15 -17.25 29.95 40.53
N VAL A 16 -17.43 28.72 40.06
CA VAL A 16 -16.63 27.60 40.52
C VAL A 16 -15.65 27.15 39.44
N THR A 17 -14.50 26.64 39.86
CA THR A 17 -13.49 26.17 38.93
C THR A 17 -13.49 24.65 38.84
N PHE A 18 -13.04 24.13 37.71
CA PHE A 18 -13.00 22.68 37.49
C PHE A 18 -11.61 22.13 37.80
N GLY A 19 -11.52 20.81 37.92
CA GLY A 19 -10.25 20.17 38.22
C GLY A 19 -10.33 18.66 38.17
N SER A 20 -9.26 18.04 37.68
CA SER A 20 -9.21 16.58 37.57
C SER A 20 -7.77 16.09 37.45
N VAL A 21 -7.58 14.80 37.70
CA VAL A 21 -6.25 14.21 37.63
C VAL A 21 -5.97 13.65 36.24
N HIS A 22 -4.74 13.86 35.76
CA HIS A 22 -4.34 13.37 34.45
C HIS A 22 -5.00 12.03 34.13
N PRO A 23 -6.05 12.07 33.29
CA PRO A 23 -6.78 10.87 32.89
C PRO A 23 -5.96 9.96 31.98
N SER A 24 -5.39 10.54 30.94
CA SER A 24 -4.58 9.78 29.99
C SER A 24 -5.40 8.68 29.33
N ASP A 25 -6.62 9.02 28.93
CA ASP A 25 -7.51 8.07 28.28
C ASP A 25 -7.44 8.19 26.76
N VAL A 26 -6.48 7.51 26.16
CA VAL A 26 -6.29 7.54 24.71
C VAL A 26 -5.69 6.24 24.20
N LEU A 27 -6.43 5.53 23.36
CA LEU A 27 -5.97 4.27 22.80
C LEU A 27 -5.57 4.44 21.34
N ASP A 28 -4.86 3.45 20.81
CA ASP A 28 -4.40 3.49 19.42
C ASP A 28 -4.86 2.25 18.67
N MET A 29 -5.61 2.45 17.59
CA MET A 29 -6.10 1.34 16.78
C MET A 29 -5.21 1.12 15.56
N PRO A 30 -5.24 -0.12 15.04
CA PRO A 30 -4.44 -0.50 13.87
C PRO A 30 -4.94 0.17 12.58
N VAL A 31 -4.15 0.08 11.53
CA VAL A 31 -4.51 0.67 10.24
C VAL A 31 -5.76 0.01 9.68
N ASP A 32 -6.51 0.78 8.87
CA ASP A 32 -7.73 0.27 8.26
C ASP A 32 -7.74 0.52 6.76
N PRO A 33 -8.49 -0.29 6.02
CA PRO A 33 -8.59 -0.18 4.56
C PRO A 33 -9.36 1.07 4.14
N ASN A 34 -9.76 1.88 5.11
CA ASN A 34 -10.50 3.10 4.84
C ASN A 34 -9.72 4.00 3.89
N GLU A 35 -8.41 4.07 4.08
CA GLU A 35 -7.56 4.89 3.23
C GLU A 35 -8.03 4.85 1.78
N PRO A 36 -7.73 5.92 1.02
CA PRO A 36 -8.11 6.03 -0.39
C PRO A 36 -7.32 5.07 -1.27
N THR A 37 -7.57 5.13 -2.58
CA THR A 37 -6.88 4.27 -3.53
C THR A 37 -6.30 5.07 -4.68
N TYR A 38 -5.13 4.66 -5.16
CA TYR A 38 -4.46 5.35 -6.26
C TYR A 38 -4.32 4.43 -7.46
N CYS A 39 -3.53 3.37 -7.31
CA CYS A 39 -3.31 2.41 -8.39
C CYS A 39 -4.58 2.25 -9.23
N LEU A 40 -4.40 1.89 -10.50
CA LEU A 40 -5.52 1.69 -11.41
C LEU A 40 -6.52 0.68 -10.84
N CYS A 41 -5.98 -0.39 -10.26
CA CYS A 41 -6.82 -1.43 -9.68
C CYS A 41 -7.78 -0.85 -8.65
N HIS A 42 -7.48 0.37 -8.20
CA HIS A 42 -8.31 1.05 -7.21
C HIS A 42 -8.14 0.41 -5.83
N GLN A 43 -6.90 0.24 -5.41
CA GLN A 43 -6.60 -0.36 -4.12
C GLN A 43 -5.76 0.58 -3.26
N VAL A 44 -5.74 0.32 -1.95
CA VAL A 44 -4.97 1.15 -1.03
C VAL A 44 -3.47 1.02 -1.30
N SER A 45 -2.78 2.16 -1.28
CA SER A 45 -1.33 2.18 -1.53
C SER A 45 -0.58 1.54 -0.37
N TYR A 46 0.39 0.70 -0.70
CA TYR A 46 1.20 0.03 0.33
C TYR A 46 2.57 -0.35 -0.23
N GLY A 47 3.61 -0.02 0.52
CA GLY A 47 4.96 -0.34 0.09
C GLY A 47 5.08 -0.43 -1.41
N GLU A 48 4.99 -1.64 -1.94
CA GLU A 48 5.10 -1.86 -3.38
C GLU A 48 4.61 -0.64 -4.15
N MET A 49 5.55 0.20 -4.58
CA MET A 49 5.22 1.41 -5.32
C MET A 49 6.43 1.93 -6.08
N ILE A 50 6.19 2.61 -7.19
CA ILE A 50 7.27 3.17 -8.00
C ILE A 50 6.99 4.63 -8.34
N GLY A 51 5.71 4.98 -8.44
CA GLY A 51 5.35 6.34 -8.76
C GLY A 51 5.80 6.76 -10.14
N CYS A 52 4.85 6.90 -11.05
CA CYS A 52 5.15 7.29 -12.43
C CYS A 52 6.11 8.49 -12.45
N ASP A 53 7.17 8.37 -13.25
CA ASP A 53 8.16 9.43 -13.37
C ASP A 53 7.53 10.69 -13.95
N ASN A 54 6.45 10.52 -14.70
CA ASN A 54 5.76 11.64 -15.33
C ASN A 54 5.01 12.47 -14.28
N PRO A 55 5.37 13.75 -14.17
CA PRO A 55 4.75 14.67 -13.21
C PRO A 55 3.31 15.01 -13.59
N ASP A 56 3.04 15.05 -14.89
CA ASP A 56 1.70 15.35 -15.38
C ASP A 56 0.71 14.27 -14.97
N CYS A 57 1.13 13.02 -15.08
CA CYS A 57 0.29 11.89 -14.72
C CYS A 57 -0.55 12.21 -13.48
N SER A 58 -1.84 11.90 -13.55
CA SER A 58 -2.75 12.16 -12.44
C SER A 58 -2.54 11.12 -11.32
N ILE A 59 -2.54 9.85 -11.70
CA ILE A 59 -2.35 8.77 -10.74
C ILE A 59 -0.93 8.76 -10.21
N GLU A 60 0.04 8.58 -11.10
CA GLU A 60 1.44 8.55 -10.72
C GLU A 60 1.65 7.66 -9.49
N TRP A 61 0.82 6.63 -9.38
CA TRP A 61 0.91 5.70 -8.26
C TRP A 61 0.33 4.35 -8.62
N PHE A 62 1.10 3.29 -8.41
CA PHE A 62 0.66 1.93 -8.73
C PHE A 62 1.46 0.90 -7.93
N HIS A 63 1.21 -0.37 -8.21
CA HIS A 63 1.90 -1.46 -7.52
C HIS A 63 2.81 -2.21 -8.47
N PHE A 64 3.47 -3.24 -7.96
CA PHE A 64 4.39 -4.04 -8.76
C PHE A 64 3.65 -5.21 -9.41
N ALA A 65 2.73 -5.82 -8.65
CA ALA A 65 1.96 -6.94 -9.15
C ALA A 65 0.85 -6.48 -10.09
N CYS A 66 0.91 -5.21 -10.49
CA CYS A 66 -0.10 -4.64 -11.37
C CYS A 66 0.52 -4.25 -12.71
N VAL A 67 1.84 -4.05 -12.72
CA VAL A 67 2.54 -3.68 -13.94
C VAL A 67 3.83 -4.48 -14.09
N GLY A 68 4.04 -5.43 -13.18
CA GLY A 68 5.24 -6.25 -13.22
C GLY A 68 6.50 -5.47 -12.91
N LEU A 69 6.69 -5.15 -11.63
CA LEU A 69 7.85 -4.41 -11.20
C LEU A 69 8.51 -5.06 -9.99
N THR A 70 9.23 -6.15 -10.24
CA THR A 70 9.92 -6.88 -9.17
C THR A 70 10.22 -5.97 -7.99
N THR A 71 10.87 -4.84 -8.27
CA THR A 71 11.22 -3.88 -7.23
C THR A 71 10.98 -2.45 -7.70
N LYS A 72 11.16 -1.50 -6.79
CA LYS A 72 10.96 -0.09 -7.11
C LYS A 72 12.16 0.48 -7.86
N PRO A 73 11.93 0.88 -9.12
CA PRO A 73 12.98 1.44 -9.98
C PRO A 73 13.42 2.83 -9.50
N ARG A 74 12.54 3.52 -8.80
CA ARG A 74 12.83 4.86 -8.29
C ARG A 74 13.77 5.59 -9.24
N GLY A 75 13.52 5.47 -10.54
CA GLY A 75 14.34 6.14 -11.52
C GLY A 75 13.54 6.71 -12.67
N LYS A 76 13.45 5.95 -13.76
CA LYS A 76 12.70 6.38 -14.93
C LYS A 76 11.67 5.32 -15.34
N TRP A 77 10.58 5.26 -14.61
CA TRP A 77 9.52 4.29 -14.89
C TRP A 77 8.20 5.00 -15.20
N PHE A 78 7.70 4.83 -16.43
CA PHE A 78 6.46 5.45 -16.84
C PHE A 78 5.34 4.41 -16.95
N CYS A 79 4.26 4.64 -16.20
CA CYS A 79 3.13 3.72 -16.21
C CYS A 79 2.82 3.25 -17.63
N PRO A 80 2.19 2.07 -17.74
CA PRO A 80 1.83 1.49 -19.03
C PRO A 80 0.72 2.25 -19.72
N ARG A 81 0.35 3.40 -19.16
CA ARG A 81 -0.69 4.24 -19.72
C ARG A 81 -0.12 5.51 -20.34
N CYS A 82 1.04 5.93 -19.85
CA CYS A 82 1.70 7.12 -20.34
C CYS A 82 2.61 6.81 -21.52
N SER A 83 3.47 5.81 -21.35
CA SER A 83 4.39 5.40 -22.40
C SER A 83 3.69 5.38 -23.76
N GLN A 84 2.64 4.57 -23.85
CA GLN A 84 1.88 4.46 -25.10
C GLN A 84 2.73 3.84 -26.20
N GLU A 85 3.48 2.80 -25.84
CA GLU A 85 4.34 2.12 -26.81
C GLU A 85 4.24 0.61 -26.66
N SER A 86 4.92 -0.11 -27.54
CA SER A 86 4.90 -1.57 -27.52
C SER A 86 5.98 -2.15 -28.43
N GLY A 87 6.53 -3.29 -28.03
CA GLY A 87 7.57 -3.93 -28.83
C GLY A 87 7.00 -4.86 -29.88
N PRO A 88 7.89 -5.52 -30.64
CA PRO A 88 7.50 -6.46 -31.69
C PRO A 88 6.88 -7.73 -31.14
N SER A 89 5.62 -7.97 -31.48
CA SER A 89 4.90 -9.16 -31.01
C SER A 89 5.04 -10.29 -32.01
N SER A 90 4.77 -10.01 -33.27
CA SER A 90 4.86 -11.00 -34.34
C SER A 90 6.31 -11.26 -34.72
N GLY A 91 6.85 -12.38 -34.28
CA GLY A 91 8.22 -12.72 -34.59
C GLY A 91 8.36 -14.11 -35.17
N GLY A 1 -86.71 -60.66 15.39
CA GLY A 1 -85.64 -59.70 15.16
C GLY A 1 -84.56 -59.79 16.22
N SER A 2 -83.48 -59.02 16.04
CA SER A 2 -82.37 -59.02 16.98
C SER A 2 -81.34 -57.96 16.60
N SER A 3 -80.32 -57.83 17.44
CA SER A 3 -79.26 -56.85 17.19
C SER A 3 -78.15 -56.98 18.23
N GLY A 4 -77.11 -56.16 18.08
CA GLY A 4 -76.00 -56.19 19.01
C GLY A 4 -74.97 -55.12 18.73
N SER A 5 -73.93 -55.07 19.55
CA SER A 5 -72.86 -54.09 19.38
C SER A 5 -71.66 -54.42 20.26
N SER A 6 -70.60 -53.63 20.13
CA SER A 6 -69.39 -53.84 20.91
C SER A 6 -68.44 -52.65 20.78
N GLY A 7 -67.69 -52.39 21.84
CA GLY A 7 -66.76 -51.27 21.83
C GLY A 7 -65.35 -51.70 22.17
N SER A 8 -64.49 -50.73 22.47
CA SER A 8 -63.10 -51.02 22.81
C SER A 8 -62.42 -49.77 23.39
N PRO A 9 -61.85 -49.93 24.59
CA PRO A 9 -61.15 -48.83 25.29
C PRO A 9 -59.85 -48.45 24.60
N GLU A 10 -59.17 -47.45 25.15
CA GLU A 10 -57.90 -46.98 24.59
C GLU A 10 -57.02 -46.38 25.67
N TYR A 11 -55.79 -46.04 25.30
CA TYR A 11 -54.85 -45.45 26.24
C TYR A 11 -54.23 -44.18 25.67
N GLY A 12 -53.37 -43.54 26.46
CA GLY A 12 -52.72 -42.32 26.01
C GLY A 12 -51.21 -42.37 26.17
N MET A 13 -50.56 -41.23 26.03
CA MET A 13 -49.10 -41.15 26.15
C MET A 13 -48.68 -39.81 26.75
N PRO A 14 -47.54 -39.82 27.45
CA PRO A 14 -47.00 -38.61 28.08
C PRO A 14 -46.47 -37.60 27.07
N SER A 15 -45.96 -36.48 27.56
CA SER A 15 -45.43 -35.44 26.69
C SER A 15 -43.91 -35.41 26.75
N VAL A 16 -43.32 -34.49 25.99
CA VAL A 16 -41.86 -34.35 25.95
C VAL A 16 -41.40 -33.18 26.81
N THR A 17 -40.09 -32.92 26.79
CA THR A 17 -39.52 -31.83 27.57
C THR A 17 -39.28 -30.61 26.69
N PHE A 18 -39.52 -29.42 27.25
CA PHE A 18 -39.32 -28.18 26.53
C PHE A 18 -38.00 -28.19 25.77
N GLY A 19 -37.87 -27.28 24.80
CA GLY A 19 -36.66 -27.21 24.01
C GLY A 19 -36.50 -25.87 23.32
N SER A 20 -35.25 -25.47 23.08
CA SER A 20 -34.96 -24.20 22.43
C SER A 20 -33.57 -24.21 21.82
N VAL A 21 -33.19 -23.09 21.19
CA VAL A 21 -31.89 -22.97 20.55
C VAL A 21 -31.27 -21.62 20.84
N HIS A 22 -29.94 -21.59 20.94
CA HIS A 22 -29.23 -20.35 21.21
C HIS A 22 -29.85 -19.17 20.46
N PRO A 23 -29.86 -18.00 21.10
CA PRO A 23 -30.43 -16.78 20.51
C PRO A 23 -29.60 -16.25 19.36
N SER A 24 -29.99 -15.09 18.82
CA SER A 24 -29.29 -14.49 17.71
C SER A 24 -27.81 -14.27 18.04
N ASP A 25 -27.03 -13.93 17.04
CA ASP A 25 -25.59 -13.69 17.23
C ASP A 25 -25.05 -12.77 16.14
N VAL A 26 -24.60 -11.58 16.55
CA VAL A 26 -24.06 -10.60 15.62
C VAL A 26 -22.54 -10.48 15.77
N LEU A 27 -21.82 -11.42 15.19
CA LEU A 27 -20.36 -11.43 15.27
C LEU A 27 -19.79 -10.08 14.82
N ASP A 28 -18.99 -9.47 15.69
CA ASP A 28 -18.38 -8.18 15.38
C ASP A 28 -17.53 -8.27 14.12
N MET A 29 -18.11 -7.89 12.99
CA MET A 29 -17.42 -7.93 11.72
C MET A 29 -15.99 -7.39 11.86
N PRO A 30 -15.10 -7.82 10.95
CA PRO A 30 -13.70 -7.38 10.97
C PRO A 30 -13.54 -5.92 10.57
N VAL A 31 -12.37 -5.36 10.84
CA VAL A 31 -12.08 -3.97 10.52
C VAL A 31 -11.94 -3.78 9.02
N ASP A 32 -12.20 -2.56 8.55
CA ASP A 32 -12.09 -2.24 7.14
C ASP A 32 -11.00 -1.20 6.88
N PRO A 33 -10.44 -1.22 5.67
CA PRO A 33 -9.38 -0.29 5.27
C PRO A 33 -9.89 1.14 5.12
N ASN A 34 -11.06 1.27 4.53
CA ASN A 34 -11.66 2.59 4.32
C ASN A 34 -10.61 3.62 3.90
N GLU A 35 -9.69 3.19 3.04
CA GLU A 35 -8.63 4.07 2.57
C GLU A 35 -8.78 4.35 1.07
N PRO A 36 -8.15 5.44 0.60
CA PRO A 36 -8.19 5.85 -0.80
C PRO A 36 -7.43 4.89 -1.71
N THR A 37 -7.60 5.07 -3.01
CA THR A 37 -6.92 4.22 -3.99
C THR A 37 -6.24 5.05 -5.06
N TYR A 38 -5.13 4.55 -5.59
CA TYR A 38 -4.38 5.25 -6.63
C TYR A 38 -4.06 4.32 -7.79
N CYS A 39 -3.67 3.08 -7.47
CA CYS A 39 -3.34 2.10 -8.50
C CYS A 39 -4.50 1.93 -9.48
N LEU A 40 -4.23 1.23 -10.58
CA LEU A 40 -5.24 0.99 -11.60
C LEU A 40 -6.36 0.12 -11.05
N CYS A 41 -6.02 -0.77 -10.13
CA CYS A 41 -7.00 -1.67 -9.53
C CYS A 41 -7.78 -0.95 -8.43
N HIS A 42 -7.65 0.37 -8.37
CA HIS A 42 -8.34 1.17 -7.37
C HIS A 42 -8.24 0.52 -5.99
N GLN A 43 -7.01 0.24 -5.56
CA GLN A 43 -6.77 -0.38 -4.26
C GLN A 43 -5.89 0.51 -3.39
N VAL A 44 -5.88 0.23 -2.10
CA VAL A 44 -5.07 0.99 -1.15
C VAL A 44 -3.62 1.07 -1.61
N SER A 45 -2.98 2.21 -1.36
CA SER A 45 -1.59 2.41 -1.75
C SER A 45 -0.64 1.93 -0.64
N TYR A 46 -0.03 0.77 -0.86
CA TYR A 46 0.89 0.20 0.11
C TYR A 46 2.34 0.44 -0.30
N GLY A 47 3.26 0.26 0.64
CA GLY A 47 4.66 0.46 0.35
C GLY A 47 5.00 0.20 -1.10
N GLU A 48 4.56 -0.94 -1.62
CA GLU A 48 4.82 -1.31 -3.01
C GLU A 48 4.32 -0.23 -3.96
N MET A 49 5.24 0.61 -4.43
CA MET A 49 4.89 1.68 -5.36
C MET A 49 6.12 2.25 -6.04
N ILE A 50 5.97 2.65 -7.30
CA ILE A 50 7.09 3.21 -8.06
C ILE A 50 6.84 4.67 -8.39
N GLY A 51 5.57 5.06 -8.44
CA GLY A 51 5.21 6.42 -8.76
C GLY A 51 5.76 6.87 -10.11
N CYS A 52 4.88 6.91 -11.11
CA CYS A 52 5.28 7.32 -12.44
C CYS A 52 6.32 8.44 -12.39
N ASP A 53 7.33 8.34 -13.25
CA ASP A 53 8.39 9.33 -13.32
C ASP A 53 7.88 10.65 -13.91
N ASN A 54 6.72 10.58 -14.54
CA ASN A 54 6.11 11.76 -15.16
C ASN A 54 5.40 12.61 -14.12
N PRO A 55 5.85 13.87 -13.97
CA PRO A 55 5.26 14.81 -13.01
C PRO A 55 3.86 15.25 -13.42
N ASP A 56 3.54 15.08 -14.69
CA ASP A 56 2.23 15.46 -15.21
C ASP A 56 1.18 14.40 -14.90
N CYS A 57 1.61 13.14 -15.00
CA CYS A 57 0.71 12.02 -14.74
C CYS A 57 -0.16 12.29 -13.52
N SER A 58 -1.47 12.14 -13.68
CA SER A 58 -2.42 12.37 -12.59
C SER A 58 -2.28 11.30 -11.52
N ILE A 59 -2.32 10.04 -11.94
CA ILE A 59 -2.19 8.92 -11.01
C ILE A 59 -0.78 8.84 -10.43
N GLU A 60 0.20 8.64 -11.31
CA GLU A 60 1.59 8.54 -10.89
C GLU A 60 1.72 7.69 -9.62
N TRP A 61 0.99 6.58 -9.59
CA TRP A 61 1.02 5.69 -8.44
C TRP A 61 0.41 4.34 -8.78
N PHE A 62 1.18 3.27 -8.57
CA PHE A 62 0.71 1.92 -8.86
C PHE A 62 1.47 0.88 -8.03
N HIS A 63 1.16 -0.38 -8.26
CA HIS A 63 1.81 -1.47 -7.53
C HIS A 63 2.76 -2.24 -8.45
N PHE A 64 3.45 -3.22 -7.89
CA PHE A 64 4.38 -4.05 -8.66
C PHE A 64 3.70 -5.32 -9.17
N ALA A 65 2.83 -5.88 -8.34
CA ALA A 65 2.11 -7.10 -8.70
C ALA A 65 0.95 -6.80 -9.65
N CYS A 66 0.92 -5.56 -10.15
CA CYS A 66 -0.12 -5.14 -11.07
C CYS A 66 0.45 -4.82 -12.45
N VAL A 67 1.77 -4.66 -12.51
CA VAL A 67 2.45 -4.35 -13.77
C VAL A 67 3.69 -5.21 -13.94
N GLY A 68 4.38 -5.49 -12.84
CA GLY A 68 5.58 -6.30 -12.89
C GLY A 68 6.82 -5.52 -12.53
N LEU A 69 6.99 -5.24 -11.25
CA LEU A 69 8.16 -4.49 -10.78
C LEU A 69 8.76 -5.14 -9.54
N THR A 70 9.53 -6.20 -9.75
CA THR A 70 10.16 -6.91 -8.65
C THR A 70 10.54 -5.96 -7.52
N THR A 71 10.91 -4.74 -7.89
CA THR A 71 11.31 -3.72 -6.92
C THR A 71 10.87 -2.33 -7.35
N LYS A 72 11.22 -1.34 -6.56
CA LYS A 72 10.87 0.05 -6.87
C LYS A 72 12.00 0.75 -7.60
N PRO A 73 11.83 0.95 -8.91
CA PRO A 73 12.82 1.61 -9.76
C PRO A 73 12.94 3.10 -9.46
N ARG A 74 11.83 3.72 -9.05
CA ARG A 74 11.80 5.13 -8.72
C ARG A 74 12.77 5.91 -9.62
N GLY A 75 12.73 5.63 -10.92
CA GLY A 75 13.61 6.30 -11.85
C GLY A 75 12.85 6.86 -13.04
N LYS A 76 13.09 6.29 -14.22
CA LYS A 76 12.44 6.74 -15.44
C LYS A 76 11.28 5.81 -15.81
N TRP A 77 10.81 5.04 -14.83
CA TRP A 77 9.71 4.12 -15.06
C TRP A 77 8.41 4.87 -15.37
N PHE A 78 7.94 4.74 -16.60
CA PHE A 78 6.71 5.40 -17.03
C PHE A 78 5.56 4.41 -17.14
N CYS A 79 4.45 4.71 -16.47
CA CYS A 79 3.28 3.84 -16.50
C CYS A 79 2.91 3.48 -17.93
N PRO A 80 2.25 2.32 -18.10
CA PRO A 80 1.82 1.84 -19.41
C PRO A 80 0.68 2.67 -19.99
N ARG A 81 0.33 3.75 -19.29
CA ARG A 81 -0.74 4.63 -19.74
C ARG A 81 -0.19 5.95 -20.25
N CYS A 82 1.05 6.26 -19.85
CA CYS A 82 1.70 7.49 -20.27
C CYS A 82 2.55 7.27 -21.51
N SER A 83 3.49 6.33 -21.42
CA SER A 83 4.37 6.02 -22.54
C SER A 83 3.63 6.13 -23.86
N GLN A 84 2.45 5.52 -23.92
CA GLN A 84 1.63 5.56 -25.13
C GLN A 84 2.31 4.78 -26.26
N GLU A 85 3.11 3.78 -25.90
CA GLU A 85 3.81 2.96 -26.87
C GLU A 85 3.37 1.51 -26.78
N SER A 86 3.37 0.82 -27.93
CA SER A 86 2.97 -0.57 -27.98
C SER A 86 3.80 -1.34 -29.00
N GLY A 87 4.11 -2.60 -28.67
CA GLY A 87 4.90 -3.42 -29.57
C GLY A 87 4.09 -4.53 -30.23
N PRO A 88 4.73 -5.68 -30.45
CA PRO A 88 4.08 -6.83 -31.08
C PRO A 88 3.03 -7.48 -30.16
N SER A 89 1.81 -6.98 -30.23
CA SER A 89 0.73 -7.50 -29.41
C SER A 89 -0.40 -8.04 -30.27
N SER A 90 -0.05 -8.90 -31.23
CA SER A 90 -1.03 -9.49 -32.13
C SER A 90 -1.91 -10.51 -31.40
N GLY A 91 -3.22 -10.30 -31.47
CA GLY A 91 -4.14 -11.20 -30.81
C GLY A 91 -4.41 -12.46 -31.62
N GLY A 1 63.94 38.93 -12.47
CA GLY A 1 63.99 38.01 -11.36
C GLY A 1 63.02 36.85 -11.52
N SER A 2 62.72 36.18 -10.41
CA SER A 2 61.81 35.04 -10.43
C SER A 2 61.35 34.68 -9.03
N SER A 3 60.47 33.69 -8.94
CA SER A 3 59.94 33.26 -7.64
C SER A 3 59.19 31.94 -7.78
N GLY A 4 58.71 31.42 -6.66
CA GLY A 4 57.97 30.17 -6.68
C GLY A 4 56.86 30.13 -5.65
N SER A 5 56.37 28.93 -5.35
CA SER A 5 55.29 28.77 -4.38
C SER A 5 55.16 27.32 -3.94
N SER A 6 54.23 27.06 -3.03
CA SER A 6 54.01 25.71 -2.52
C SER A 6 52.59 25.55 -1.99
N GLY A 7 52.27 24.34 -1.53
CA GLY A 7 50.95 24.08 -1.02
C GLY A 7 50.97 23.24 0.25
N SER A 8 49.85 22.58 0.55
CA SER A 8 49.76 21.74 1.74
C SER A 8 48.65 20.70 1.57
N PRO A 9 48.95 19.45 1.95
CA PRO A 9 48.00 18.34 1.86
C PRO A 9 46.85 18.47 2.85
N GLU A 10 46.01 17.45 2.93
CA GLU A 10 44.88 17.45 3.84
C GLU A 10 44.56 16.04 4.32
N TYR A 11 43.89 15.94 5.46
CA TYR A 11 43.52 14.64 6.02
C TYR A 11 42.03 14.59 6.36
N GLY A 12 41.56 13.42 6.76
CA GLY A 12 40.16 13.26 7.10
C GLY A 12 39.96 12.44 8.36
N MET A 13 38.78 11.86 8.50
CA MET A 13 38.46 11.05 9.67
C MET A 13 37.33 10.06 9.36
N PRO A 14 37.46 8.84 9.92
CA PRO A 14 36.46 7.79 9.71
C PRO A 14 35.14 8.09 10.41
N SER A 15 34.23 7.11 10.41
CA SER A 15 32.93 7.28 11.04
C SER A 15 32.50 6.00 11.75
N VAL A 16 31.55 6.12 12.66
CA VAL A 16 31.05 4.97 13.41
C VAL A 16 29.53 4.91 13.38
N THR A 17 28.98 3.70 13.36
CA THR A 17 27.54 3.50 13.32
C THR A 17 27.14 2.28 14.13
N PHE A 18 25.93 2.32 14.69
CA PHE A 18 25.41 1.21 15.48
C PHE A 18 24.42 0.37 14.68
N GLY A 19 23.97 -0.73 15.27
CA GLY A 19 23.04 -1.60 14.59
C GLY A 19 22.09 -2.30 15.56
N SER A 20 20.79 -2.14 15.34
CA SER A 20 19.79 -2.75 16.21
C SER A 20 18.52 -3.06 15.41
N VAL A 21 17.78 -4.07 15.88
CA VAL A 21 16.54 -4.48 15.22
C VAL A 21 15.76 -5.45 16.08
N HIS A 22 14.43 -5.32 16.05
CA HIS A 22 13.57 -6.19 16.84
C HIS A 22 12.10 -5.97 16.47
N PRO A 23 11.32 -7.07 16.45
CA PRO A 23 9.90 -7.02 16.10
C PRO A 23 9.07 -6.33 17.19
N SER A 24 7.93 -5.76 16.78
CA SER A 24 7.05 -5.07 17.71
C SER A 24 5.62 -5.59 17.59
N ASP A 25 5.07 -6.04 18.71
CA ASP A 25 3.71 -6.56 18.73
C ASP A 25 2.91 -5.96 19.89
N VAL A 26 2.18 -4.89 19.58
CA VAL A 26 1.37 -4.21 20.60
C VAL A 26 -0.09 -4.11 20.15
N LEU A 27 -0.83 -5.18 20.33
CA LEU A 27 -2.25 -5.21 19.95
C LEU A 27 -2.49 -4.34 18.72
N ASP A 28 -1.66 -4.51 17.71
CA ASP A 28 -1.78 -3.75 16.47
C ASP A 28 -3.09 -4.09 15.76
N MET A 29 -4.12 -3.29 16.02
CA MET A 29 -5.43 -3.50 15.41
C MET A 29 -5.29 -3.78 13.92
N PRO A 30 -6.31 -4.42 13.34
CA PRO A 30 -6.33 -4.75 11.92
C PRO A 30 -6.46 -3.52 11.02
N VAL A 31 -6.35 -3.73 9.72
CA VAL A 31 -6.45 -2.64 8.76
C VAL A 31 -7.68 -2.79 7.87
N ASP A 32 -8.26 -1.66 7.47
CA ASP A 32 -9.44 -1.67 6.63
C ASP A 32 -9.17 -0.95 5.31
N PRO A 33 -9.94 -1.31 4.27
CA PRO A 33 -9.80 -0.71 2.94
C PRO A 33 -10.28 0.74 2.91
N ASN A 34 -10.68 1.25 4.07
CA ASN A 34 -11.14 2.63 4.18
C ASN A 34 -10.25 3.58 3.40
N GLU A 35 -8.93 3.41 3.57
CA GLU A 35 -7.96 4.25 2.89
C GLU A 35 -8.31 4.41 1.41
N PRO A 36 -7.83 5.49 0.80
CA PRO A 36 -8.07 5.78 -0.62
C PRO A 36 -7.35 4.82 -1.54
N THR A 37 -7.53 5.00 -2.84
CA THR A 37 -6.89 4.14 -3.84
C THR A 37 -6.24 4.97 -4.94
N TYR A 38 -5.18 4.44 -5.52
CA TYR A 38 -4.47 5.13 -6.59
C TYR A 38 -4.22 4.20 -7.77
N CYS A 39 -3.48 3.12 -7.53
CA CYS A 39 -3.18 2.15 -8.57
C CYS A 39 -4.37 1.96 -9.50
N LEU A 40 -4.09 1.49 -10.72
CA LEU A 40 -5.14 1.26 -11.70
C LEU A 40 -6.26 0.40 -11.13
N CYS A 41 -5.88 -0.68 -10.45
CA CYS A 41 -6.86 -1.59 -9.85
C CYS A 41 -7.70 -0.85 -8.82
N HIS A 42 -7.29 0.37 -8.46
CA HIS A 42 -8.01 1.17 -7.49
C HIS A 42 -8.00 0.49 -6.12
N GLN A 43 -6.81 0.19 -5.62
CA GLN A 43 -6.66 -0.46 -4.33
C GLN A 43 -5.85 0.40 -3.37
N VAL A 44 -5.91 0.07 -2.09
CA VAL A 44 -5.18 0.82 -1.07
C VAL A 44 -3.68 0.80 -1.34
N SER A 45 -3.12 1.96 -1.65
CA SER A 45 -1.69 2.08 -1.94
C SER A 45 -0.87 1.62 -0.75
N TYR A 46 -0.24 0.46 -0.88
CA TYR A 46 0.59 -0.10 0.19
C TYR A 46 2.06 0.20 -0.07
N GLY A 47 2.91 -0.26 0.85
CA GLY A 47 4.35 -0.05 0.70
C GLY A 47 4.80 -0.06 -0.74
N GLU A 48 5.00 -1.26 -1.28
CA GLU A 48 5.44 -1.42 -2.66
C GLU A 48 4.86 -0.32 -3.54
N MET A 49 5.73 0.49 -4.14
CA MET A 49 5.30 1.58 -5.00
C MET A 49 6.47 2.12 -5.82
N ILE A 50 6.18 2.57 -7.03
CA ILE A 50 7.21 3.11 -7.92
C ILE A 50 6.89 4.55 -8.31
N GLY A 51 5.60 4.89 -8.31
CA GLY A 51 5.20 6.23 -8.67
C GLY A 51 5.69 6.65 -10.05
N CYS A 52 4.76 6.81 -10.99
CA CYS A 52 5.11 7.20 -12.34
C CYS A 52 6.15 8.31 -12.34
N ASP A 53 6.95 8.36 -13.40
CA ASP A 53 7.99 9.39 -13.53
C ASP A 53 7.49 10.57 -14.34
N ASN A 54 6.19 10.59 -14.61
CA ASN A 54 5.59 11.67 -15.39
C ASN A 54 4.84 12.64 -14.49
N PRO A 55 5.28 13.90 -14.47
CA PRO A 55 4.67 14.95 -13.64
C PRO A 55 3.29 15.35 -14.15
N ASP A 56 2.86 14.72 -15.24
CA ASP A 56 1.56 15.01 -15.83
C ASP A 56 0.69 13.75 -15.87
N CYS A 57 0.86 12.88 -14.87
CA CYS A 57 0.10 11.64 -14.80
C CYS A 57 -1.15 11.83 -13.94
N SER A 58 -2.14 10.98 -14.16
CA SER A 58 -3.40 11.05 -13.41
C SER A 58 -3.28 10.29 -12.10
N ILE A 59 -2.64 9.13 -12.15
CA ILE A 59 -2.47 8.29 -10.96
C ILE A 59 -1.06 8.42 -10.40
N GLU A 60 -0.07 8.45 -11.30
CA GLU A 60 1.32 8.57 -10.89
C GLU A 60 1.61 7.71 -9.66
N TRP A 61 0.85 6.63 -9.52
CA TRP A 61 1.03 5.73 -8.38
C TRP A 61 0.40 4.37 -8.67
N PHE A 62 1.22 3.31 -8.59
CA PHE A 62 0.73 1.96 -8.85
C PHE A 62 1.52 0.94 -8.02
N HIS A 63 1.20 -0.33 -8.21
CA HIS A 63 1.87 -1.40 -7.47
C HIS A 63 2.88 -2.12 -8.36
N PHE A 64 3.48 -3.17 -7.84
CA PHE A 64 4.48 -3.94 -8.58
C PHE A 64 3.83 -5.11 -9.31
N ALA A 65 3.03 -5.89 -8.58
CA ALA A 65 2.35 -7.04 -9.15
C ALA A 65 1.07 -6.63 -9.87
N CYS A 66 1.04 -5.39 -10.35
CA CYS A 66 -0.13 -4.86 -11.05
C CYS A 66 0.26 -4.36 -12.44
N VAL A 67 1.56 -4.20 -12.67
CA VAL A 67 2.06 -3.74 -13.96
C VAL A 67 3.23 -4.58 -14.43
N GLY A 68 3.97 -5.15 -13.47
CA GLY A 68 5.12 -5.97 -13.81
C GLY A 68 6.43 -5.36 -13.37
N LEU A 69 6.58 -5.19 -12.05
CA LEU A 69 7.80 -4.61 -11.49
C LEU A 69 8.38 -5.51 -10.41
N THR A 70 9.25 -6.44 -10.82
CA THR A 70 9.88 -7.36 -9.89
C THR A 70 10.74 -6.61 -8.87
N THR A 71 11.37 -5.53 -9.31
CA THR A 71 12.22 -4.73 -8.44
C THR A 71 12.02 -3.24 -8.70
N LYS A 72 11.71 -2.50 -7.65
CA LYS A 72 11.49 -1.06 -7.76
C LYS A 72 12.54 -0.43 -8.67
N PRO A 73 12.07 0.29 -9.70
CA PRO A 73 12.96 0.96 -10.66
C PRO A 73 13.68 2.15 -10.04
N ARG A 74 12.93 3.04 -9.40
CA ARG A 74 13.50 4.23 -8.77
C ARG A 74 14.37 5.00 -9.76
N GLY A 75 13.87 5.17 -10.98
CA GLY A 75 14.61 5.90 -11.99
C GLY A 75 13.71 6.61 -12.97
N LYS A 76 13.40 5.94 -14.08
CA LYS A 76 12.54 6.52 -15.10
C LYS A 76 11.44 5.54 -15.50
N TRP A 77 10.69 5.06 -14.50
CA TRP A 77 9.60 4.13 -14.75
C TRP A 77 8.32 4.86 -15.13
N PHE A 78 7.83 4.62 -16.33
CA PHE A 78 6.61 5.25 -16.81
C PHE A 78 5.47 4.24 -16.92
N CYS A 79 4.32 4.59 -16.34
CA CYS A 79 3.16 3.71 -16.37
C CYS A 79 2.83 3.29 -17.80
N PRO A 80 2.17 2.13 -17.94
CA PRO A 80 1.79 1.59 -19.25
C PRO A 80 0.68 2.41 -19.90
N ARG A 81 0.37 3.56 -19.32
CA ARG A 81 -0.67 4.43 -19.85
C ARG A 81 -0.06 5.72 -20.41
N CYS A 82 1.13 6.06 -19.93
CA CYS A 82 1.81 7.28 -20.37
C CYS A 82 2.73 6.97 -21.55
N SER A 83 3.60 5.98 -21.38
CA SER A 83 4.54 5.60 -22.43
C SER A 83 3.88 5.69 -23.80
N GLN A 84 2.61 5.30 -23.87
CA GLN A 84 1.87 5.33 -25.12
C GLN A 84 2.25 6.54 -25.96
N GLU A 85 2.34 7.70 -25.30
CA GLU A 85 2.68 8.94 -25.98
C GLU A 85 4.18 8.97 -26.30
N SER A 86 5.00 8.79 -25.27
CA SER A 86 6.45 8.81 -25.44
C SER A 86 6.90 7.73 -26.43
N GLY A 87 8.16 7.79 -26.82
CA GLY A 87 8.69 6.80 -27.75
C GLY A 87 8.24 5.40 -27.44
N PRO A 88 8.39 4.49 -28.41
CA PRO A 88 7.99 3.09 -28.26
C PRO A 88 8.89 2.34 -27.30
N SER A 89 10.04 2.92 -26.99
CA SER A 89 11.00 2.30 -26.08
C SER A 89 10.38 2.07 -24.71
N SER A 90 10.92 1.11 -23.97
CA SER A 90 10.42 0.79 -22.64
C SER A 90 11.53 0.89 -21.59
N GLY A 91 11.15 0.74 -20.33
CA GLY A 91 12.13 0.82 -19.25
C GLY A 91 13.25 -0.19 -19.42
N GLY A 1 59.62 55.73 22.50
CA GLY A 1 58.79 54.56 22.28
C GLY A 1 58.41 53.86 23.56
N SER A 2 57.60 52.81 23.45
CA SER A 2 57.16 52.05 24.61
C SER A 2 56.41 50.80 24.19
N SER A 3 55.99 50.01 25.17
CA SER A 3 55.27 48.77 24.90
C SER A 3 54.65 48.21 26.18
N GLY A 4 53.91 47.12 26.04
CA GLY A 4 53.28 46.50 27.20
C GLY A 4 52.75 45.11 26.90
N SER A 5 51.99 44.56 27.84
CA SER A 5 51.44 43.22 27.67
C SER A 5 50.43 42.92 28.77
N SER A 6 49.75 41.77 28.64
CA SER A 6 48.75 41.36 29.63
C SER A 6 48.33 39.92 29.40
N GLY A 7 47.47 39.41 30.29
CA GLY A 7 47.00 38.04 30.16
C GLY A 7 45.50 37.94 30.25
N SER A 8 44.99 36.74 30.52
CA SER A 8 43.56 36.51 30.62
C SER A 8 43.27 35.21 31.35
N PRO A 9 42.21 35.22 32.18
CA PRO A 9 41.80 34.04 32.96
C PRO A 9 41.22 32.94 32.06
N GLU A 10 40.70 31.89 32.70
CA GLU A 10 40.11 30.77 31.96
C GLU A 10 38.77 30.38 32.57
N TYR A 11 38.10 29.42 31.93
CA TYR A 11 36.81 28.94 32.41
C TYR A 11 36.72 27.43 32.33
N GLY A 12 35.65 26.87 32.88
CA GLY A 12 35.46 25.44 32.87
C GLY A 12 34.52 24.97 31.77
N MET A 13 33.79 23.90 32.03
CA MET A 13 32.85 23.36 31.05
C MET A 13 31.67 22.68 31.74
N PRO A 14 30.52 22.64 31.06
CA PRO A 14 29.30 22.02 31.59
C PRO A 14 29.42 20.50 31.68
N SER A 15 28.31 19.84 32.01
CA SER A 15 28.29 18.39 32.12
C SER A 15 27.45 17.77 31.01
N VAL A 16 27.37 16.45 31.00
CA VAL A 16 26.61 15.73 29.99
C VAL A 16 25.29 15.21 30.57
N THR A 17 24.26 15.19 29.73
CA THR A 17 22.95 14.71 30.16
C THR A 17 22.60 13.38 29.51
N PHE A 18 21.45 12.82 29.89
CA PHE A 18 21.00 11.54 29.34
C PHE A 18 19.59 11.67 28.77
N GLY A 19 19.10 10.56 28.20
CA GLY A 19 17.77 10.57 27.63
C GLY A 19 17.38 9.22 27.05
N SER A 20 16.09 9.00 26.87
CA SER A 20 15.59 7.74 26.32
C SER A 20 14.09 7.80 26.08
N VAL A 21 13.55 6.75 25.49
CA VAL A 21 12.12 6.68 25.21
C VAL A 21 11.45 5.54 25.96
N HIS A 22 10.17 5.71 26.29
CA HIS A 22 9.43 4.68 27.00
C HIS A 22 8.38 4.04 26.11
N PRO A 23 8.21 2.72 26.24
CA PRO A 23 7.25 1.96 25.45
C PRO A 23 5.80 2.28 25.84
N SER A 24 4.93 2.33 24.83
CA SER A 24 3.52 2.63 25.07
C SER A 24 2.64 1.40 24.79
N ASP A 25 1.41 1.45 25.27
CA ASP A 25 0.47 0.34 25.07
C ASP A 25 -0.52 0.66 23.96
N VAL A 26 -0.16 0.34 22.73
CA VAL A 26 -1.02 0.60 21.58
C VAL A 26 -0.96 -0.56 20.57
N LEU A 27 -2.13 -1.05 20.19
CA LEU A 27 -2.21 -2.15 19.23
C LEU A 27 -2.24 -1.63 17.79
N ASP A 28 -1.49 -2.28 16.92
CA ASP A 28 -1.43 -1.89 15.52
C ASP A 28 -2.65 -2.38 14.76
N MET A 29 -3.75 -1.65 14.87
CA MET A 29 -5.00 -2.01 14.20
C MET A 29 -4.72 -2.51 12.78
N PRO A 30 -5.44 -3.57 12.37
CA PRO A 30 -5.28 -4.17 11.04
C PRO A 30 -5.81 -3.25 9.95
N VAL A 31 -4.99 -3.03 8.91
CA VAL A 31 -5.38 -2.17 7.80
C VAL A 31 -6.84 -2.41 7.41
N ASP A 32 -7.43 -1.43 6.73
CA ASP A 32 -8.82 -1.54 6.31
C ASP A 32 -8.99 -1.01 4.88
N PRO A 33 -10.04 -1.49 4.20
CA PRO A 33 -10.33 -1.09 2.82
C PRO A 33 -10.80 0.36 2.73
N ASN A 34 -10.81 1.04 3.86
CA ASN A 34 -11.25 2.44 3.91
C ASN A 34 -10.19 3.35 3.29
N GLU A 35 -8.93 3.13 3.65
CA GLU A 35 -7.84 3.93 3.13
C GLU A 35 -8.05 4.28 1.66
N PRO A 36 -7.45 5.39 1.21
CA PRO A 36 -7.56 5.85 -0.17
C PRO A 36 -6.85 4.94 -1.15
N THR A 37 -7.38 4.84 -2.36
CA THR A 37 -6.79 4.00 -3.39
C THR A 37 -6.26 4.83 -4.55
N TYR A 38 -5.05 4.50 -5.01
CA TYR A 38 -4.42 5.23 -6.10
C TYR A 38 -4.29 4.34 -7.34
N CYS A 39 -3.55 3.25 -7.19
CA CYS A 39 -3.33 2.32 -8.29
C CYS A 39 -4.60 2.18 -9.14
N LEU A 40 -4.42 1.78 -10.39
CA LEU A 40 -5.54 1.60 -11.31
C LEU A 40 -6.57 0.63 -10.73
N CYS A 41 -6.08 -0.43 -10.11
CA CYS A 41 -6.94 -1.45 -9.51
C CYS A 41 -7.79 -0.84 -8.39
N HIS A 42 -7.44 0.37 -7.99
CA HIS A 42 -8.16 1.06 -6.92
C HIS A 42 -8.00 0.32 -5.59
N GLN A 43 -6.75 0.03 -5.24
CA GLN A 43 -6.46 -0.68 -3.99
C GLN A 43 -5.56 0.16 -3.09
N VAL A 44 -5.57 -0.15 -1.81
CA VAL A 44 -4.75 0.58 -0.84
C VAL A 44 -3.32 0.71 -1.32
N SER A 45 -2.76 1.91 -1.17
CA SER A 45 -1.40 2.18 -1.60
C SER A 45 -0.39 1.74 -0.53
N TYR A 46 0.17 0.55 -0.70
CA TYR A 46 1.14 0.01 0.24
C TYR A 46 2.56 0.37 -0.17
N GLY A 47 3.53 -0.19 0.54
CA GLY A 47 4.92 0.08 0.24
C GLY A 47 5.24 -0.15 -1.23
N GLU A 48 4.83 -1.30 -1.76
CA GLU A 48 5.09 -1.64 -3.16
C GLU A 48 4.58 -0.53 -4.08
N MET A 49 5.49 0.36 -4.46
CA MET A 49 5.13 1.48 -5.34
C MET A 49 6.38 2.08 -5.99
N ILE A 50 6.20 2.70 -7.14
CA ILE A 50 7.32 3.31 -7.86
C ILE A 50 7.01 4.76 -8.20
N GLY A 51 5.73 5.08 -8.35
CA GLY A 51 5.33 6.44 -8.67
C GLY A 51 5.81 6.88 -10.04
N CYS A 52 4.92 6.81 -11.02
CA CYS A 52 5.26 7.20 -12.39
C CYS A 52 6.23 8.39 -12.39
N ASP A 53 7.36 8.22 -13.07
CA ASP A 53 8.36 9.27 -13.15
C ASP A 53 7.79 10.51 -13.84
N ASN A 54 6.76 10.31 -14.66
CA ASN A 54 6.12 11.40 -15.38
C ASN A 54 5.40 12.34 -14.42
N PRO A 55 5.84 13.60 -14.36
CA PRO A 55 5.24 14.61 -13.49
C PRO A 55 3.85 15.03 -13.96
N ASP A 56 3.55 14.78 -15.23
CA ASP A 56 2.25 15.12 -15.79
C ASP A 56 1.21 14.06 -15.43
N CYS A 57 1.66 12.82 -15.26
CA CYS A 57 0.76 11.73 -14.91
C CYS A 57 -0.24 12.16 -13.86
N SER A 58 -1.52 11.99 -14.16
CA SER A 58 -2.59 12.37 -13.23
C SER A 58 -2.54 11.51 -11.97
N ILE A 59 -2.48 10.19 -12.15
CA ILE A 59 -2.43 9.27 -11.02
C ILE A 59 -1.03 9.20 -10.44
N GLU A 60 -0.09 8.68 -11.21
CA GLU A 60 1.30 8.55 -10.77
C GLU A 60 1.38 7.70 -9.50
N TRP A 61 0.80 6.52 -9.54
CA TRP A 61 0.81 5.61 -8.39
C TRP A 61 0.28 4.24 -8.78
N PHE A 62 1.10 3.22 -8.58
CA PHE A 62 0.72 1.85 -8.91
C PHE A 62 1.57 0.84 -8.13
N HIS A 63 1.14 -0.41 -8.15
CA HIS A 63 1.87 -1.47 -7.45
C HIS A 63 2.80 -2.21 -8.41
N PHE A 64 3.52 -3.21 -7.88
CA PHE A 64 4.44 -3.99 -8.69
C PHE A 64 3.75 -5.20 -9.29
N ALA A 65 2.89 -5.84 -8.51
CA ALA A 65 2.17 -7.02 -8.96
C ALA A 65 0.97 -6.63 -9.83
N CYS A 66 0.99 -5.40 -10.34
CA CYS A 66 -0.09 -4.89 -11.16
C CYS A 66 0.41 -4.55 -12.57
N VAL A 67 1.69 -4.21 -12.66
CA VAL A 67 2.30 -3.87 -13.95
C VAL A 67 3.48 -4.77 -14.25
N GLY A 68 4.17 -5.21 -13.19
CA GLY A 68 5.32 -6.09 -13.37
C GLY A 68 6.62 -5.41 -12.95
N LEU A 69 6.78 -5.19 -11.66
CA LEU A 69 7.98 -4.55 -11.13
C LEU A 69 8.54 -5.33 -9.95
N THR A 70 9.03 -6.54 -10.21
CA THR A 70 9.60 -7.39 -9.18
C THR A 70 10.12 -6.55 -8.01
N THR A 71 10.90 -5.52 -8.33
CA THR A 71 11.45 -4.65 -7.31
C THR A 71 11.38 -3.19 -7.73
N LYS A 72 11.19 -2.30 -6.76
CA LYS A 72 11.08 -0.87 -7.03
C LYS A 72 12.27 -0.39 -7.85
N PRO A 73 12.00 0.08 -9.07
CA PRO A 73 13.03 0.58 -9.99
C PRO A 73 13.64 1.90 -9.50
N ARG A 74 12.88 2.64 -8.70
CA ARG A 74 13.35 3.92 -8.17
C ARG A 74 14.31 4.60 -9.16
N GLY A 75 13.84 4.78 -10.39
CA GLY A 75 14.67 5.41 -11.40
C GLY A 75 13.84 6.16 -12.44
N LYS A 76 13.62 5.53 -13.58
CA LYS A 76 12.86 6.15 -14.66
C LYS A 76 11.78 5.18 -15.18
N TRP A 77 10.81 4.88 -14.32
CA TRP A 77 9.73 3.98 -14.69
C TRP A 77 8.47 4.75 -15.07
N PHE A 78 7.83 4.35 -16.16
CA PHE A 78 6.62 5.01 -16.63
C PHE A 78 5.46 4.02 -16.72
N CYS A 79 4.27 4.47 -16.32
CA CYS A 79 3.09 3.63 -16.35
C CYS A 79 2.73 3.23 -17.79
N PRO A 80 2.01 2.12 -17.93
CA PRO A 80 1.60 1.61 -19.24
C PRO A 80 0.54 2.49 -19.90
N ARG A 81 0.28 3.64 -19.29
CA ARG A 81 -0.71 4.57 -19.82
C ARG A 81 -0.04 5.81 -20.40
N CYS A 82 1.14 6.13 -19.89
CA CYS A 82 1.90 7.29 -20.36
C CYS A 82 2.82 6.91 -21.52
N SER A 83 3.57 5.83 -21.34
CA SER A 83 4.49 5.37 -22.38
C SER A 83 3.81 5.37 -23.74
N GLN A 84 2.62 4.79 -23.81
CA GLN A 84 1.87 4.73 -25.05
C GLN A 84 1.75 6.11 -25.69
N GLU A 85 1.14 7.04 -24.98
CA GLU A 85 0.97 8.40 -25.47
C GLU A 85 2.24 8.89 -26.15
N SER A 86 2.08 9.85 -27.06
CA SER A 86 3.22 10.40 -27.79
C SER A 86 3.94 11.46 -26.95
N GLY A 87 3.17 12.41 -26.42
CA GLY A 87 3.75 13.47 -25.61
C GLY A 87 3.59 14.83 -26.23
N PRO A 88 3.59 15.87 -25.39
CA PRO A 88 3.44 17.26 -25.85
C PRO A 88 4.67 17.75 -26.62
N SER A 89 4.53 18.91 -27.26
CA SER A 89 5.63 19.49 -28.04
C SER A 89 5.91 20.92 -27.60
N SER A 90 7.17 21.23 -27.37
CA SER A 90 7.58 22.57 -26.96
C SER A 90 8.55 23.18 -27.95
N GLY A 91 8.90 24.45 -27.72
CA GLY A 91 9.82 25.13 -28.60
C GLY A 91 10.07 26.57 -28.19
N GLY A 1 -52.16 -74.72 54.53
CA GLY A 1 -51.32 -73.58 54.87
C GLY A 1 -50.44 -73.15 53.72
N SER A 2 -49.47 -72.30 54.00
CA SER A 2 -48.56 -71.79 52.98
C SER A 2 -47.47 -70.92 53.60
N SER A 3 -46.54 -70.48 52.77
CA SER A 3 -45.44 -69.64 53.24
C SER A 3 -44.69 -69.00 52.07
N GLY A 4 -43.70 -68.18 52.37
CA GLY A 4 -42.93 -67.53 51.32
C GLY A 4 -41.81 -66.66 51.88
N SER A 5 -41.08 -66.00 51.00
CA SER A 5 -39.97 -65.15 51.41
C SER A 5 -39.38 -64.41 50.21
N SER A 6 -38.53 -63.43 50.49
CA SER A 6 -37.90 -62.63 49.44
C SER A 6 -36.85 -61.69 50.02
N GLY A 7 -36.17 -60.97 49.14
CA GLY A 7 -35.15 -60.03 49.59
C GLY A 7 -34.26 -59.56 48.45
N SER A 8 -33.61 -58.42 48.65
CA SER A 8 -32.73 -57.86 47.63
C SER A 8 -31.91 -56.71 48.20
N PRO A 9 -30.57 -56.86 48.16
CA PRO A 9 -29.65 -55.84 48.67
C PRO A 9 -29.63 -54.58 47.80
N GLU A 10 -28.73 -53.65 48.12
CA GLU A 10 -28.62 -52.41 47.36
C GLU A 10 -27.20 -51.86 47.44
N TYR A 11 -26.96 -50.77 46.73
CA TYR A 11 -25.64 -50.14 46.71
C TYR A 11 -25.71 -48.74 46.11
N GLY A 12 -24.59 -48.02 46.16
CA GLY A 12 -24.54 -46.68 45.63
C GLY A 12 -23.33 -46.44 44.75
N MET A 13 -22.93 -45.18 44.61
CA MET A 13 -21.79 -44.83 43.79
C MET A 13 -21.30 -43.42 44.10
N PRO A 14 -19.97 -43.23 44.10
CA PRO A 14 -19.36 -41.93 44.39
C PRO A 14 -19.60 -40.92 43.29
N SER A 15 -18.98 -39.75 43.41
CA SER A 15 -19.14 -38.69 42.42
C SER A 15 -17.77 -38.16 41.97
N VAL A 16 -17.78 -37.24 41.02
CA VAL A 16 -16.55 -36.65 40.51
C VAL A 16 -16.68 -35.13 40.36
N THR A 17 -15.55 -34.46 40.25
CA THR A 17 -15.54 -33.01 40.10
C THR A 17 -15.27 -32.60 38.65
N PHE A 18 -15.47 -31.32 38.35
CA PHE A 18 -15.25 -30.81 37.01
C PHE A 18 -15.14 -29.28 37.03
N GLY A 19 -14.47 -28.74 36.02
CA GLY A 19 -14.30 -27.29 35.93
C GLY A 19 -13.94 -26.84 34.53
N SER A 20 -14.17 -25.56 34.24
CA SER A 20 -13.87 -25.00 32.93
C SER A 20 -13.93 -23.48 32.96
N VAL A 21 -13.14 -22.84 32.11
CA VAL A 21 -13.11 -21.39 32.04
C VAL A 21 -12.93 -20.91 30.60
N HIS A 22 -13.42 -19.70 30.31
CA HIS A 22 -13.31 -19.13 28.98
C HIS A 22 -12.41 -17.90 28.99
N PRO A 23 -11.40 -17.91 28.11
CA PRO A 23 -10.45 -16.79 28.00
C PRO A 23 -11.08 -15.54 27.39
N SER A 24 -10.48 -14.39 27.64
CA SER A 24 -10.99 -13.13 27.12
C SER A 24 -11.11 -13.18 25.59
N ASP A 25 -11.71 -12.14 25.02
CA ASP A 25 -11.90 -12.07 23.57
C ASP A 25 -12.46 -10.70 23.17
N VAL A 26 -11.76 -10.03 22.25
CA VAL A 26 -12.19 -8.72 21.78
C VAL A 26 -11.84 -8.53 20.31
N LEU A 27 -12.86 -8.35 19.49
CA LEU A 27 -12.65 -8.16 18.05
C LEU A 27 -12.44 -6.67 17.73
N ASP A 28 -12.11 -6.39 16.47
CA ASP A 28 -11.88 -5.02 16.05
C ASP A 28 -11.97 -4.91 14.52
N MET A 29 -13.03 -4.27 14.05
CA MET A 29 -13.24 -4.10 12.60
C MET A 29 -11.91 -3.84 11.90
N PRO A 30 -11.53 -4.76 11.00
CA PRO A 30 -10.28 -4.64 10.23
C PRO A 30 -10.33 -3.52 9.21
N VAL A 31 -9.18 -3.23 8.59
CA VAL A 31 -9.08 -2.17 7.61
C VAL A 31 -10.32 -2.16 6.70
N ASP A 32 -10.59 -1.00 6.11
CA ASP A 32 -11.74 -0.85 5.22
C ASP A 32 -11.33 -0.16 3.92
N PRO A 33 -12.10 -0.41 2.85
CA PRO A 33 -11.84 0.17 1.53
C PRO A 33 -12.12 1.67 1.50
N ASN A 34 -12.44 2.24 2.66
CA ASN A 34 -12.71 3.67 2.77
C ASN A 34 -11.43 4.48 2.72
N GLU A 35 -10.56 4.14 1.78
CA GLU A 35 -9.29 4.85 1.63
C GLU A 35 -9.05 5.25 0.18
N PRO A 36 -8.17 6.24 -0.03
CA PRO A 36 -7.83 6.73 -1.37
C PRO A 36 -7.04 5.72 -2.18
N THR A 37 -7.48 5.47 -3.40
CA THR A 37 -6.81 4.52 -4.28
C THR A 37 -6.22 5.22 -5.50
N TYR A 38 -5.00 4.83 -5.87
CA TYR A 38 -4.33 5.42 -7.02
C TYR A 38 -4.09 4.38 -8.12
N CYS A 39 -3.41 3.31 -7.76
CA CYS A 39 -3.12 2.23 -8.71
C CYS A 39 -4.29 2.03 -9.67
N LEU A 40 -3.98 1.52 -10.86
CA LEU A 40 -5.01 1.29 -11.88
C LEU A 40 -6.15 0.45 -11.30
N CYS A 41 -5.80 -0.60 -10.58
CA CYS A 41 -6.80 -1.48 -9.97
C CYS A 41 -7.67 -0.71 -8.99
N HIS A 42 -7.27 0.51 -8.68
CA HIS A 42 -8.01 1.35 -7.74
C HIS A 42 -8.02 0.74 -6.35
N GLN A 43 -6.83 0.38 -5.85
CA GLN A 43 -6.71 -0.22 -4.53
C GLN A 43 -5.95 0.71 -3.59
N VAL A 44 -6.08 0.45 -2.29
CA VAL A 44 -5.40 1.26 -1.28
C VAL A 44 -3.91 0.99 -1.27
N SER A 45 -3.11 2.06 -1.36
CA SER A 45 -1.66 1.92 -1.37
C SER A 45 -1.17 1.30 -0.07
N TYR A 46 -0.35 0.26 -0.20
CA TYR A 46 0.19 -0.44 0.98
C TYR A 46 1.68 -0.17 1.13
N GLY A 47 2.25 0.54 0.15
CA GLY A 47 3.66 0.86 0.19
C GLY A 47 4.37 0.54 -1.10
N GLU A 48 4.61 -0.75 -1.35
CA GLU A 48 5.29 -1.17 -2.57
C GLU A 48 4.73 -0.43 -3.79
N MET A 49 5.45 0.61 -4.21
CA MET A 49 5.04 1.40 -5.36
C MET A 49 6.24 2.03 -6.05
N ILE A 50 6.03 2.54 -7.26
CA ILE A 50 7.10 3.17 -8.01
C ILE A 50 6.75 4.60 -8.38
N GLY A 51 5.45 4.88 -8.47
CA GLY A 51 5.00 6.22 -8.81
C GLY A 51 5.55 6.70 -10.14
N CYS A 52 4.65 6.89 -11.11
CA CYS A 52 5.05 7.35 -12.43
C CYS A 52 6.07 8.49 -12.34
N ASP A 53 7.12 8.40 -13.15
CA ASP A 53 8.15 9.43 -13.16
C ASP A 53 7.58 10.78 -13.58
N ASN A 54 6.51 10.74 -14.37
CA ASN A 54 5.87 11.96 -14.85
C ASN A 54 5.09 12.64 -13.73
N PRO A 55 5.48 13.89 -13.42
CA PRO A 55 4.84 14.68 -12.37
C PRO A 55 3.42 15.10 -12.75
N ASP A 56 3.15 15.20 -14.04
CA ASP A 56 1.83 15.58 -14.53
C ASP A 56 0.82 14.47 -14.31
N CYS A 57 1.27 13.23 -14.49
CA CYS A 57 0.40 12.07 -14.30
C CYS A 57 -0.44 12.22 -13.04
N SER A 58 -1.76 12.14 -13.20
CA SER A 58 -2.68 12.27 -12.08
C SER A 58 -2.49 11.12 -11.09
N ILE A 59 -2.42 9.90 -11.62
CA ILE A 59 -2.24 8.72 -10.78
C ILE A 59 -0.82 8.65 -10.23
N GLU A 60 0.16 8.71 -11.12
CA GLU A 60 1.56 8.65 -10.72
C GLU A 60 1.74 7.75 -9.51
N TRP A 61 1.06 6.61 -9.52
CA TRP A 61 1.14 5.66 -8.41
C TRP A 61 0.58 4.31 -8.82
N PHE A 62 1.33 3.24 -8.52
CA PHE A 62 0.90 1.89 -8.85
C PHE A 62 1.63 0.86 -7.99
N HIS A 63 1.28 -0.41 -8.20
CA HIS A 63 1.92 -1.49 -7.44
C HIS A 63 2.87 -2.29 -8.32
N PHE A 64 3.52 -3.28 -7.73
CA PHE A 64 4.46 -4.13 -8.47
C PHE A 64 3.77 -5.36 -9.03
N ALA A 65 2.91 -5.97 -8.22
CA ALA A 65 2.17 -7.16 -8.64
C ALA A 65 0.96 -6.79 -9.48
N CYS A 66 1.00 -5.61 -10.10
CA CYS A 66 -0.10 -5.13 -10.93
C CYS A 66 0.39 -4.82 -12.34
N VAL A 67 1.70 -4.65 -12.49
CA VAL A 67 2.30 -4.35 -13.79
C VAL A 67 3.54 -5.18 -14.02
N GLY A 68 4.29 -5.45 -12.96
CA GLY A 68 5.49 -6.24 -13.08
C GLY A 68 6.73 -5.48 -12.64
N LEU A 69 6.81 -5.16 -11.35
CA LEU A 69 7.95 -4.43 -10.82
C LEU A 69 8.44 -5.05 -9.52
N THR A 70 8.86 -6.32 -9.59
CA THR A 70 9.34 -7.03 -8.42
C THR A 70 9.91 -6.07 -7.38
N THR A 71 10.72 -5.12 -7.85
CA THR A 71 11.32 -4.14 -6.95
C THR A 71 11.19 -2.73 -7.52
N LYS A 72 11.10 -1.74 -6.64
CA LYS A 72 10.98 -0.35 -7.05
C LYS A 72 12.14 0.07 -7.93
N PRO A 73 11.83 0.50 -9.15
CA PRO A 73 12.84 0.94 -10.13
C PRO A 73 13.49 2.26 -9.73
N ARG A 74 12.79 3.04 -8.92
CA ARG A 74 13.30 4.33 -8.47
C ARG A 74 14.16 4.97 -9.53
N GLY A 75 13.83 4.73 -10.79
CA GLY A 75 14.58 5.30 -11.89
C GLY A 75 13.71 6.07 -12.86
N LYS A 76 13.43 5.46 -14.01
CA LYS A 76 12.60 6.10 -15.03
C LYS A 76 11.47 5.18 -15.47
N TRP A 77 10.57 4.88 -14.55
CA TRP A 77 9.44 4.00 -14.85
C TRP A 77 8.20 4.81 -15.21
N PHE A 78 7.73 4.65 -16.44
CA PHE A 78 6.55 5.37 -16.90
C PHE A 78 5.37 4.42 -17.09
N CYS A 79 4.27 4.71 -16.40
CA CYS A 79 3.07 3.88 -16.49
C CYS A 79 2.76 3.51 -17.94
N PRO A 80 2.07 2.38 -18.14
CA PRO A 80 1.70 1.90 -19.46
C PRO A 80 0.64 2.78 -20.12
N ARG A 81 0.34 3.91 -19.50
CA ARG A 81 -0.65 4.83 -20.03
C ARG A 81 0.01 6.09 -20.56
N CYS A 82 1.18 6.41 -20.02
CA CYS A 82 1.92 7.60 -20.44
C CYS A 82 2.88 7.27 -21.57
N SER A 83 3.63 6.19 -21.41
CA SER A 83 4.59 5.76 -22.43
C SER A 83 4.03 5.95 -23.83
N GLN A 84 2.80 5.50 -24.03
CA GLN A 84 2.14 5.63 -25.33
C GLN A 84 2.48 6.97 -25.99
N GLU A 85 2.46 8.02 -25.19
CA GLU A 85 2.77 9.36 -25.70
C GLU A 85 3.80 10.05 -24.82
N SER A 86 5.07 9.71 -25.02
CA SER A 86 6.15 10.30 -24.24
C SER A 86 7.13 11.05 -25.15
N GLY A 87 8.13 11.68 -24.53
CA GLY A 87 9.11 12.42 -25.30
C GLY A 87 9.88 11.54 -26.26
N PRO A 88 10.20 12.09 -27.45
CA PRO A 88 10.94 11.37 -28.48
C PRO A 88 12.40 11.13 -28.10
N SER A 89 12.66 9.97 -27.50
CA SER A 89 14.01 9.61 -27.08
C SER A 89 14.92 9.44 -28.29
N SER A 90 15.51 10.55 -28.74
CA SER A 90 16.41 10.52 -29.89
C SER A 90 17.86 10.68 -29.44
N GLY A 91 18.63 9.59 -29.56
CA GLY A 91 20.02 9.63 -29.16
C GLY A 91 20.80 8.44 -29.68
#